data_8HZN
#
_entry.id   8HZN
#
_cell.length_a   1.00
_cell.length_b   1.00
_cell.length_c   1.00
_cell.angle_alpha   90.00
_cell.angle_beta   90.00
_cell.angle_gamma   90.00
#
_symmetry.space_group_name_H-M   'P 1'
#
loop_
_entity.id
_entity.type
_entity.pdbx_description
1 polymer Pendrin
2 non-polymer 'CHLORIDE ION'
#
_entity_poly.entity_id   1
_entity_poly.type   'polypeptide(L)'
_entity_poly.pdbx_seq_one_letter_code
;MAARGGRSEPPQLAEYSCSYTVSRPVYSELAFQQQRERRLPERRTLRDSLARSCSCSRKRAFGVVKTLLPILDWLPKYRV
KEWLLSDIISGVSTGLVGTLQGMAYALLAAVPVQFGLYSAFFPILTYFVFGTSRHISVGPFPVVSLMVGSVVLSMAPDDH
FLVPSGNGSALNSTTLDTGTRDAARVLLASTLTLLVGIIQLVFGGLQIGFIVRYLADPLVGGFTTAAAFQVLVSQLKIVL
NVSTKNYNGILSIIYTLIEIFQNIGDTNIADFIAGLLTIIVCMAVKELNDRFKHRIPVPIPIEVIVTIIATAISYGANLE
KNYNAGIVKSIPSGFLPPVLPSVGLFSDMLAASFSIAVVAYAIAVSVGKVYATKHDYVIDGNQEFIAFGISNVFSGFFSC
FVATTALSRTAVQESTGGKTQVAGLISAVIVMVAIVALGRLLEPLQKSVLAAVVIANLKGMFMQVCDVPRLWKQNKTDAV
IWVFTCIMSIILGLDLGLLAGLLFALLTVVLRVQFPSWNGLGSVPSTDIYKSITHYKNLEEPEGVKILRFSSPIFYGNVD
GFKKCINSTVGFDAIRVYNKRLKALRRIQKLIKKGQLRATKNGIISDIGSSNNAFEPDEDVEEPEELNIPTKEIEIQVDW
NSELPVKVNVPKVPIHSLVLDCGAVSFLDVVGVRSLRMIVKEFQRIDVNVYFALLQDDVLEKMEQCGFFDDNIRKDRFFL
TVHDAILHLQNQVKSREGQDSLLETVARIRDCKDPLDLMEAEMNAEELDVQDEAMRRLAS
;
_entity_poly.pdbx_strand_id   A,B
#
loop_
_chem_comp.id
_chem_comp.type
_chem_comp.name
_chem_comp.formula
CL non-polymer 'CHLORIDE ION' 'Cl -1'
#
# COMPACT_ATOMS: atom_id res chain seq x y z
N CYS A 18 -30.97 -8.73 -33.39
CA CYS A 18 -31.19 -8.89 -34.83
C CYS A 18 -30.40 -7.83 -35.62
N SER A 19 -31.02 -6.67 -35.81
CA SER A 19 -30.41 -5.58 -36.55
C SER A 19 -30.09 -4.43 -35.61
N TYR A 20 -28.83 -3.99 -35.62
CA TYR A 20 -28.35 -2.88 -34.80
C TYR A 20 -28.13 -1.69 -35.72
N THR A 21 -29.13 -0.81 -35.79
CA THR A 21 -29.08 0.37 -36.64
C THR A 21 -29.47 1.59 -35.83
N VAL A 22 -28.68 2.66 -35.95
CA VAL A 22 -28.94 3.92 -35.27
C VAL A 22 -28.76 5.06 -36.25
N SER A 23 -29.38 6.19 -35.94
CA SER A 23 -29.29 7.38 -36.78
C SER A 23 -29.38 8.60 -35.87
N ARG A 24 -28.23 9.18 -35.54
CA ARG A 24 -28.14 10.32 -34.65
C ARG A 24 -27.00 11.20 -35.11
N PRO A 25 -27.07 12.51 -34.85
CA PRO A 25 -25.94 13.39 -35.16
C PRO A 25 -24.73 13.07 -34.29
N VAL A 26 -23.60 13.68 -34.66
CA VAL A 26 -22.33 13.43 -33.95
C VAL A 26 -22.28 14.42 -32.79
N TYR A 27 -22.90 14.02 -31.68
CA TYR A 27 -22.84 14.81 -30.45
C TYR A 27 -21.51 14.52 -29.75
N SER A 28 -20.58 15.47 -29.79
CA SER A 28 -19.27 15.19 -29.21
C SER A 28 -19.26 15.39 -27.72
N GLU A 29 -19.34 16.64 -27.25
CA GLU A 29 -19.54 16.89 -25.83
C GLU A 29 -20.60 17.97 -25.61
N LEU A 30 -20.60 18.99 -26.46
CA LEU A 30 -21.48 20.14 -26.29
C LEU A 30 -22.75 20.04 -27.12
N ALA A 31 -22.70 19.36 -28.27
CA ALA A 31 -23.92 19.11 -29.02
C ALA A 31 -24.86 18.18 -28.26
N PHE A 32 -24.36 17.47 -27.25
CA PHE A 32 -25.18 16.63 -26.40
C PHE A 32 -25.53 17.30 -25.07
N GLN A 33 -24.69 18.23 -24.60
CA GLN A 33 -24.90 18.84 -23.28
C GLN A 33 -25.90 19.99 -23.32
N GLN A 34 -26.15 20.58 -24.48
CA GLN A 34 -27.04 21.74 -24.56
C GLN A 34 -28.49 21.33 -24.34
N GLN A 35 -29.02 20.46 -25.19
CA GLN A 35 -30.43 20.07 -25.13
C GLN A 35 -30.71 19.00 -24.09
N ARG A 36 -29.73 18.63 -23.27
CA ARG A 36 -29.91 17.63 -22.23
C ARG A 36 -29.82 18.32 -20.87
N GLU A 37 -30.97 18.55 -20.25
CA GLU A 37 -31.00 19.22 -18.95
C GLU A 37 -30.56 18.25 -17.86
N ARG A 38 -29.61 18.68 -17.04
CA ARG A 38 -29.11 17.83 -15.98
C ARG A 38 -30.02 17.89 -14.75
N ARG A 39 -29.74 17.01 -13.80
CA ARG A 39 -30.46 16.98 -12.54
C ARG A 39 -29.70 17.78 -11.50
N LEU A 40 -30.42 18.58 -10.72
CA LEU A 40 -29.79 19.38 -9.69
C LEU A 40 -29.26 18.48 -8.58
N PRO A 41 -28.02 18.70 -8.13
CA PRO A 41 -27.48 17.87 -7.04
C PRO A 41 -28.23 18.11 -5.74
N GLU A 42 -28.27 17.07 -4.92
CA GLU A 42 -28.95 17.15 -3.64
C GLU A 42 -28.18 18.07 -2.70
N ARG A 43 -28.90 18.94 -1.99
CA ARG A 43 -28.27 19.86 -1.06
C ARG A 43 -27.67 19.09 0.11
N ARG A 44 -26.48 19.51 0.55
CA ARG A 44 -25.81 18.88 1.67
C ARG A 44 -26.63 19.01 2.94
N THR A 45 -26.78 20.25 3.44
CA THR A 45 -27.57 20.55 4.63
C THR A 45 -27.20 19.62 5.80
N LEU A 46 -25.96 19.82 6.27
CA LEU A 46 -25.37 19.01 7.32
C LEU A 46 -26.30 18.85 8.52
N ARG A 47 -26.98 19.93 8.89
CA ARG A 47 -27.91 19.87 10.03
C ARG A 47 -29.04 18.90 9.78
N ASP A 48 -29.69 19.01 8.62
CA ASP A 48 -30.77 18.09 8.28
C ASP A 48 -30.26 16.67 8.07
N SER A 49 -29.02 16.53 7.60
CA SER A 49 -28.45 15.20 7.41
C SER A 49 -28.24 14.50 8.74
N LEU A 50 -27.65 15.20 9.71
CA LEU A 50 -27.46 14.60 11.03
C LEU A 50 -28.78 14.45 11.78
N ALA A 51 -29.76 15.29 11.47
CA ALA A 51 -31.06 15.18 12.13
C ALA A 51 -31.86 14.00 11.56
N ARG A 52 -31.91 13.88 10.23
CA ARG A 52 -32.64 12.79 9.62
C ARG A 52 -31.97 11.43 9.83
N SER A 53 -30.67 11.42 10.11
CA SER A 53 -29.98 10.16 10.35
C SER A 53 -30.40 9.56 11.69
N CYS A 54 -30.30 10.33 12.77
CA CYS A 54 -30.72 9.88 14.09
C CYS A 54 -32.25 9.91 14.14
N SER A 55 -32.87 8.76 13.94
CA SER A 55 -34.32 8.67 13.94
C SER A 55 -34.87 8.71 15.36
N CYS A 56 -36.10 9.20 15.48
CA CYS A 56 -36.77 9.32 16.77
C CYS A 56 -37.91 8.32 16.97
N SER A 57 -38.48 7.80 15.89
CA SER A 57 -39.58 6.86 16.00
C SER A 57 -39.10 5.55 16.64
N ARG A 58 -40.05 4.80 17.18
CA ARG A 58 -39.73 3.54 17.83
C ARG A 58 -39.34 2.45 16.84
N LYS A 59 -39.58 2.68 15.54
CA LYS A 59 -39.23 1.67 14.54
C LYS A 59 -37.71 1.47 14.46
N ARG A 60 -36.95 2.57 14.42
CA ARG A 60 -35.49 2.46 14.38
C ARG A 60 -34.95 1.83 15.65
N ALA A 61 -35.57 2.14 16.80
CA ALA A 61 -35.14 1.54 18.06
C ALA A 61 -35.38 0.04 18.05
N PHE A 62 -36.57 -0.39 17.63
CA PHE A 62 -36.84 -1.83 17.53
C PHE A 62 -35.90 -2.50 16.55
N GLY A 63 -35.60 -1.82 15.43
CA GLY A 63 -34.69 -2.41 14.46
C GLY A 63 -33.28 -2.59 15.01
N VAL A 64 -32.74 -1.58 15.68
CA VAL A 64 -31.39 -1.70 16.22
C VAL A 64 -31.35 -2.68 17.38
N VAL A 65 -32.46 -2.82 18.12
CA VAL A 65 -32.51 -3.80 19.19
C VAL A 65 -32.54 -5.22 18.61
N LYS A 66 -33.31 -5.42 17.54
CA LYS A 66 -33.34 -6.73 16.90
C LYS A 66 -32.00 -7.07 16.26
N THR A 67 -31.31 -6.07 15.72
CA THR A 67 -30.03 -6.31 15.08
C THR A 67 -28.93 -6.58 16.10
N LEU A 68 -28.87 -5.79 17.17
CA LEU A 68 -27.80 -5.94 18.15
C LEU A 68 -27.93 -7.24 18.94
N LEU A 69 -29.16 -7.65 19.25
CA LEU A 69 -29.43 -8.90 19.98
C LEU A 69 -30.28 -9.79 19.08
N PRO A 70 -29.65 -10.57 18.20
CA PRO A 70 -30.41 -11.43 17.29
C PRO A 70 -31.03 -12.66 17.96
N ILE A 71 -30.87 -12.81 19.28
CA ILE A 71 -31.46 -13.98 19.95
C ILE A 71 -32.98 -13.91 19.93
N LEU A 72 -33.55 -12.71 19.92
CA LEU A 72 -35.00 -12.55 19.92
C LEU A 72 -35.63 -12.83 18.57
N ASP A 73 -34.87 -13.31 17.59
CA ASP A 73 -35.40 -13.58 16.26
C ASP A 73 -35.69 -15.06 16.06
N TRP A 74 -34.69 -15.91 16.28
CA TRP A 74 -34.84 -17.35 16.06
C TRP A 74 -35.48 -18.06 17.24
N LEU A 75 -35.66 -17.39 18.37
CA LEU A 75 -36.26 -18.01 19.55
C LEU A 75 -37.79 -18.10 19.45
N PRO A 76 -38.50 -17.03 19.05
CA PRO A 76 -39.97 -17.14 19.01
C PRO A 76 -40.48 -18.10 17.94
N LYS A 77 -39.75 -18.28 16.84
CA LYS A 77 -40.18 -19.15 15.76
C LYS A 77 -39.61 -20.56 15.84
N TYR A 78 -39.40 -21.06 17.06
CA TYR A 78 -38.78 -22.37 17.25
C TYR A 78 -39.69 -23.49 16.74
N ARG A 79 -39.09 -24.67 16.58
CA ARG A 79 -39.75 -25.87 16.07
C ARG A 79 -39.46 -27.05 16.99
N VAL A 80 -39.73 -26.85 18.29
CA VAL A 80 -39.28 -27.72 19.39
C VAL A 80 -39.42 -29.21 19.10
N LYS A 81 -40.46 -29.58 18.35
CA LYS A 81 -40.83 -30.99 18.19
C LYS A 81 -39.64 -31.88 17.89
N GLU A 82 -38.95 -31.64 16.78
CA GLU A 82 -37.73 -32.37 16.44
C GLU A 82 -36.47 -31.57 16.70
N TRP A 83 -36.59 -30.24 16.78
CA TRP A 83 -35.43 -29.40 17.04
C TRP A 83 -34.85 -29.69 18.41
N LEU A 84 -35.68 -30.07 19.39
CA LEU A 84 -35.17 -30.38 20.71
C LEU A 84 -34.23 -31.57 20.67
N LEU A 85 -34.64 -32.66 20.01
CA LEU A 85 -33.79 -33.84 19.93
C LEU A 85 -32.54 -33.56 19.09
N SER A 86 -32.71 -32.89 17.95
CA SER A 86 -31.56 -32.58 17.12
C SER A 86 -30.55 -31.73 17.89
N ASP A 87 -31.04 -30.73 18.62
CA ASP A 87 -30.15 -29.83 19.35
C ASP A 87 -29.50 -30.53 20.53
N ILE A 88 -30.21 -31.44 21.20
CA ILE A 88 -29.60 -32.11 22.35
C ILE A 88 -28.51 -33.07 21.88
N ILE A 89 -28.73 -33.79 20.78
CA ILE A 89 -27.70 -34.72 20.31
C ILE A 89 -26.51 -33.94 19.75
N SER A 90 -26.77 -32.89 18.97
CA SER A 90 -25.68 -32.05 18.49
C SER A 90 -24.95 -31.39 19.64
N GLY A 91 -25.67 -31.05 20.71
CA GLY A 91 -25.04 -30.39 21.83
C GLY A 91 -24.11 -31.32 22.60
N VAL A 92 -24.55 -32.54 22.87
CA VAL A 92 -23.66 -33.47 23.57
C VAL A 92 -22.45 -33.81 22.71
N SER A 93 -22.68 -34.04 21.41
CA SER A 93 -21.56 -34.37 20.52
C SER A 93 -20.56 -33.22 20.45
N THR A 94 -21.04 -32.01 20.16
CA THR A 94 -20.16 -30.85 20.07
C THR A 94 -19.55 -30.48 21.40
N GLY A 95 -20.21 -30.80 22.52
CA GLY A 95 -19.60 -30.54 23.81
C GLY A 95 -18.42 -31.45 24.07
N LEU A 96 -18.57 -32.75 23.76
CA LEU A 96 -17.43 -33.65 23.85
C LEU A 96 -16.29 -33.18 22.93
N VAL A 97 -16.61 -32.90 21.67
CA VAL A 97 -15.58 -32.47 20.73
C VAL A 97 -14.93 -31.17 21.18
N GLY A 98 -15.71 -30.26 21.76
CA GLY A 98 -15.19 -28.97 22.15
C GLY A 98 -14.32 -29.03 23.39
N THR A 99 -14.70 -29.84 24.37
CA THR A 99 -13.84 -30.00 25.54
C THR A 99 -12.55 -30.70 25.17
N LEU A 100 -12.61 -31.67 24.24
CA LEU A 100 -11.39 -32.31 23.77
C LEU A 100 -10.49 -31.31 23.05
N GLN A 101 -11.06 -30.53 22.13
CA GLN A 101 -10.27 -29.55 21.40
C GLN A 101 -9.72 -28.47 22.32
N GLY A 102 -10.46 -28.10 23.37
CA GLY A 102 -9.97 -27.11 24.31
C GLY A 102 -8.81 -27.62 25.13
N MET A 103 -8.96 -28.83 25.69
CA MET A 103 -7.86 -29.40 26.46
C MET A 103 -6.66 -29.74 25.57
N ALA A 104 -6.88 -29.86 24.25
CA ALA A 104 -5.75 -30.06 23.35
C ALA A 104 -5.06 -28.74 23.01
N TYR A 105 -5.84 -27.70 22.72
CA TYR A 105 -5.28 -26.41 22.34
C TYR A 105 -4.73 -25.64 23.53
N ALA A 106 -5.05 -26.07 24.75
CA ALA A 106 -4.48 -25.42 25.92
C ALA A 106 -2.95 -25.49 25.91
N LEU A 107 -2.39 -26.53 25.29
CA LEU A 107 -0.94 -26.63 25.20
C LEU A 107 -0.37 -25.65 24.18
N LEU A 108 -1.15 -25.30 23.15
CA LEU A 108 -0.70 -24.35 22.14
C LEU A 108 -0.57 -22.93 22.67
N ALA A 109 -1.26 -22.61 23.76
CA ALA A 109 -1.20 -21.28 24.35
C ALA A 109 -0.33 -21.23 25.61
N ALA A 110 0.41 -22.31 25.90
CA ALA A 110 1.29 -22.42 27.06
C ALA A 110 0.54 -22.26 28.38
N VAL A 111 -0.78 -22.41 28.37
CA VAL A 111 -1.60 -22.26 29.58
C VAL A 111 -1.96 -23.66 30.08
N PRO A 112 -2.34 -23.80 31.36
CA PRO A 112 -2.77 -25.12 31.85
C PRO A 112 -4.00 -25.63 31.13
N VAL A 113 -4.37 -26.87 31.46
CA VAL A 113 -5.42 -27.56 30.73
C VAL A 113 -6.81 -27.01 31.09
N GLN A 114 -7.01 -26.62 32.35
CA GLN A 114 -8.34 -26.19 32.77
C GLN A 114 -8.74 -24.87 32.12
N PHE A 115 -7.77 -24.02 31.79
CA PHE A 115 -8.09 -22.76 31.14
C PHE A 115 -8.56 -22.95 29.71
N GLY A 116 -8.17 -24.04 29.05
CA GLY A 116 -8.77 -24.36 27.76
C GLY A 116 -10.24 -24.68 27.90
N LEU A 117 -10.61 -25.46 28.91
CA LEU A 117 -12.03 -25.73 29.17
C LEU A 117 -12.77 -24.46 29.56
N TYR A 118 -12.10 -23.55 30.27
CA TYR A 118 -12.71 -22.27 30.58
C TYR A 118 -12.99 -21.47 29.31
N SER A 119 -12.01 -21.40 28.41
CA SER A 119 -12.19 -20.71 27.13
C SER A 119 -13.15 -21.45 26.21
N ALA A 120 -13.48 -22.70 26.53
CA ALA A 120 -14.49 -23.44 25.78
C ALA A 120 -15.88 -23.36 26.41
N PHE A 121 -16.04 -22.60 27.50
CA PHE A 121 -17.31 -22.54 28.20
C PHE A 121 -17.92 -21.13 28.18
N PHE A 122 -17.15 -20.13 28.62
CA PHE A 122 -17.69 -18.77 28.71
C PHE A 122 -17.93 -18.13 27.34
N PRO A 123 -17.05 -18.25 26.35
CA PRO A 123 -17.39 -17.70 25.03
C PRO A 123 -18.65 -18.30 24.44
N ILE A 124 -18.94 -19.57 24.70
CA ILE A 124 -20.18 -20.18 24.22
C ILE A 124 -21.38 -19.51 24.86
N LEU A 125 -21.30 -19.25 26.17
CA LEU A 125 -22.40 -18.57 26.85
C LEU A 125 -22.57 -17.14 26.34
N THR A 126 -21.47 -16.46 26.02
CA THR A 126 -21.57 -15.08 25.57
C THR A 126 -22.08 -14.98 24.14
N TYR A 127 -21.70 -15.95 23.29
CA TYR A 127 -22.15 -15.97 21.90
C TYR A 127 -23.50 -16.67 21.81
N PHE A 128 -24.46 -16.20 22.59
CA PHE A 128 -25.83 -16.71 22.58
C PHE A 128 -26.86 -15.59 22.51
N VAL A 129 -26.60 -14.46 23.16
CA VAL A 129 -27.50 -13.31 23.13
C VAL A 129 -26.99 -12.21 22.21
N PHE A 130 -25.81 -12.39 21.59
CA PHE A 130 -25.27 -11.41 20.66
C PHE A 130 -24.96 -11.98 19.29
N GLY A 131 -24.89 -13.29 19.13
CA GLY A 131 -24.57 -13.88 17.83
C GLY A 131 -25.72 -13.81 16.86
N THR A 132 -25.36 -13.76 15.57
CA THR A 132 -26.35 -13.70 14.50
C THR A 132 -26.24 -14.91 13.57
N SER A 133 -25.69 -16.01 14.06
CA SER A 133 -25.54 -17.23 13.30
C SER A 133 -26.28 -18.37 13.98
N ARG A 134 -26.34 -19.51 13.29
CA ARG A 134 -27.01 -20.69 13.81
C ARG A 134 -26.18 -21.96 13.73
N HIS A 135 -25.18 -22.03 12.85
CA HIS A 135 -24.36 -23.23 12.70
C HIS A 135 -22.90 -22.94 12.98
N ILE A 136 -22.61 -22.21 14.05
CA ILE A 136 -21.24 -21.85 14.42
C ILE A 136 -21.03 -22.25 15.87
N SER A 137 -19.96 -23.02 16.11
CA SER A 137 -19.58 -23.47 17.45
C SER A 137 -18.36 -22.68 17.88
N VAL A 138 -18.59 -21.62 18.65
CA VAL A 138 -17.50 -20.75 19.09
C VAL A 138 -16.66 -21.48 20.13
N GLY A 139 -15.35 -21.33 20.04
CA GLY A 139 -14.44 -21.95 20.97
C GLY A 139 -12.99 -21.68 20.63
N PRO A 140 -12.08 -22.56 21.06
CA PRO A 140 -10.67 -22.39 20.73
C PRO A 140 -10.40 -22.62 19.25
N PHE A 141 -9.17 -22.33 18.81
CA PHE A 141 -8.78 -22.52 17.43
C PHE A 141 -7.28 -22.77 17.38
N PRO A 142 -6.80 -23.69 16.53
CA PRO A 142 -5.35 -23.99 16.54
C PRO A 142 -4.49 -22.81 16.15
N VAL A 143 -4.85 -22.06 15.11
CA VAL A 143 -4.04 -20.94 14.67
C VAL A 143 -4.04 -19.83 15.72
N VAL A 144 -5.23 -19.50 16.25
CA VAL A 144 -5.33 -18.43 17.23
C VAL A 144 -4.61 -18.81 18.52
N SER A 145 -4.77 -20.06 18.98
CA SER A 145 -4.05 -20.50 20.16
C SER A 145 -2.55 -20.52 19.93
N LEU A 146 -2.11 -20.86 18.72
CA LEU A 146 -0.69 -20.82 18.41
C LEU A 146 -0.15 -19.40 18.47
N MET A 147 -0.90 -18.44 17.92
CA MET A 147 -0.47 -17.06 17.98
C MET A 147 -0.43 -16.55 19.42
N VAL A 148 -1.42 -16.93 20.23
CA VAL A 148 -1.44 -16.53 21.63
C VAL A 148 -0.23 -17.10 22.37
N GLY A 149 0.05 -18.38 22.16
CA GLY A 149 1.21 -18.98 22.78
C GLY A 149 2.51 -18.36 22.33
N SER A 150 2.62 -18.01 21.04
CA SER A 150 3.82 -17.39 20.53
C SER A 150 4.05 -16.02 21.15
N VAL A 151 3.00 -15.20 21.23
CA VAL A 151 3.17 -13.88 21.82
C VAL A 151 3.38 -13.97 23.33
N VAL A 152 2.84 -14.99 24.00
CA VAL A 152 3.10 -15.17 25.42
C VAL A 152 4.56 -15.57 25.65
N LEU A 153 5.08 -16.48 24.82
CA LEU A 153 6.49 -16.87 24.94
C LEU A 153 7.40 -15.70 24.62
N SER A 154 7.03 -14.85 23.66
CA SER A 154 7.86 -13.70 23.34
C SER A 154 7.77 -12.62 24.41
N MET A 155 6.65 -12.53 25.10
CA MET A 155 6.46 -11.54 26.16
C MET A 155 6.79 -12.07 27.54
N ALA A 156 6.83 -13.39 27.72
CA ALA A 156 7.16 -13.99 29.01
C ALA A 156 7.88 -15.31 28.79
N PRO A 157 9.18 -15.29 28.46
CA PRO A 157 9.90 -16.53 28.18
C PRO A 157 10.13 -17.37 29.42
N ASP A 158 10.74 -18.54 29.24
CA ASP A 158 10.98 -19.45 30.36
C ASP A 158 12.23 -19.08 31.14
N ASP A 159 13.19 -18.41 30.50
CA ASP A 159 14.44 -18.06 31.17
C ASP A 159 14.32 -16.83 32.07
N HIS A 160 13.09 -16.41 32.40
CA HIS A 160 12.85 -15.27 33.27
C HIS A 160 12.25 -15.66 34.61
N PHE A 161 12.18 -16.97 34.92
CA PHE A 161 11.54 -17.42 36.14
C PHE A 161 12.33 -18.44 36.94
N LEU A 162 13.54 -18.80 36.54
CA LEU A 162 14.29 -19.84 37.25
C LEU A 162 14.76 -19.35 38.61
N VAL A 163 14.05 -19.74 39.66
CA VAL A 163 14.43 -19.34 41.02
C VAL A 163 15.52 -20.27 41.52
N PRO A 164 16.64 -19.74 42.04
CA PRO A 164 17.71 -20.60 42.55
C PRO A 164 17.38 -21.14 43.93
N SER A 165 17.04 -22.43 43.98
CA SER A 165 16.71 -23.10 45.23
C SER A 165 16.69 -24.61 44.99
N GLY A 166 17.18 -25.37 45.96
CA GLY A 166 17.16 -26.81 45.87
C GLY A 166 18.50 -27.48 46.12
N ASN A 167 19.45 -26.73 46.67
CA ASN A 167 20.78 -27.20 47.04
C ASN A 167 21.41 -28.08 45.96
N GLY A 168 21.68 -27.49 44.80
CA GLY A 168 22.22 -28.22 43.67
C GLY A 168 23.63 -28.76 43.87
N SER A 169 24.27 -29.18 42.77
CA SER A 169 25.56 -29.84 42.86
C SER A 169 26.68 -28.84 43.11
N ALA A 170 26.90 -27.91 42.18
CA ALA A 170 28.00 -26.95 42.29
C ALA A 170 27.48 -25.52 42.46
N LEU A 171 26.63 -25.05 41.55
CA LEU A 171 26.09 -23.71 41.62
C LEU A 171 24.72 -23.75 42.30
N ASN A 172 24.02 -22.61 42.31
CA ASN A 172 22.68 -22.56 42.87
C ASN A 172 21.72 -23.40 42.03
N SER A 173 20.84 -24.13 42.69
CA SER A 173 19.90 -25.03 42.03
C SER A 173 18.82 -24.21 41.33
N THR A 174 19.05 -23.93 40.04
CA THR A 174 18.10 -23.19 39.23
C THR A 174 17.26 -24.18 38.44
N THR A 175 16.33 -24.82 39.14
CA THR A 175 15.45 -25.80 38.53
C THR A 175 14.26 -25.12 37.84
N LEU A 176 13.31 -25.92 37.39
CA LEU A 176 12.13 -25.38 36.72
C LEU A 176 11.23 -24.68 37.72
N ASP A 177 10.48 -23.69 37.24
CA ASP A 177 9.61 -22.87 38.08
C ASP A 177 8.14 -23.25 37.91
N THR A 178 7.85 -24.55 37.79
CA THR A 178 6.47 -25.02 37.73
C THR A 178 5.69 -24.51 38.94
N GLY A 179 4.59 -23.80 38.67
CA GLY A 179 3.87 -23.11 39.72
C GLY A 179 3.45 -21.72 39.31
N THR A 180 3.96 -20.70 40.02
CA THR A 180 3.56 -19.32 39.80
C THR A 180 3.77 -18.85 38.36
N ARG A 181 4.55 -19.58 37.55
CA ARG A 181 4.74 -19.21 36.15
C ARG A 181 3.43 -19.32 35.38
N ASP A 182 2.63 -20.35 35.67
CA ASP A 182 1.36 -20.52 34.98
C ASP A 182 0.42 -19.36 35.27
N ALA A 183 0.49 -18.80 36.48
CA ALA A 183 -0.34 -17.66 36.82
C ALA A 183 0.04 -16.44 35.97
N ALA A 184 1.34 -16.20 35.80
CA ALA A 184 1.78 -15.08 34.96
C ALA A 184 1.36 -15.29 33.52
N ARG A 185 1.50 -16.52 33.01
CA ARG A 185 1.09 -16.80 31.65
C ARG A 185 -0.42 -16.62 31.47
N VAL A 186 -1.20 -17.01 32.47
CA VAL A 186 -2.64 -16.87 32.39
C VAL A 186 -3.05 -15.39 32.42
N LEU A 187 -2.38 -14.62 33.28
CA LEU A 187 -2.66 -13.17 33.32
C LEU A 187 -2.31 -12.51 32.00
N LEU A 188 -1.18 -12.90 31.40
CA LEU A 188 -0.81 -12.34 30.10
C LEU A 188 -1.80 -12.71 29.02
N ALA A 189 -2.25 -13.97 29.01
CA ALA A 189 -3.25 -14.39 28.03
C ALA A 189 -4.58 -13.68 28.24
N SER A 190 -4.95 -13.43 29.49
CA SER A 190 -6.20 -12.72 29.76
C SER A 190 -6.11 -11.26 29.30
N THR A 191 -4.97 -10.61 29.53
CA THR A 191 -4.79 -9.25 29.03
C THR A 191 -4.82 -9.21 27.51
N LEU A 192 -4.18 -10.19 26.86
CA LEU A 192 -4.22 -10.26 25.41
C LEU A 192 -5.64 -10.45 24.90
N THR A 193 -6.42 -11.32 25.55
CA THR A 193 -7.79 -11.55 25.13
C THR A 193 -8.64 -10.30 25.33
N LEU A 194 -8.42 -9.58 26.43
CA LEU A 194 -9.15 -8.34 26.67
C LEU A 194 -8.81 -7.31 25.60
N LEU A 195 -7.53 -7.20 25.22
CA LEU A 195 -7.16 -6.24 24.18
C LEU A 195 -7.75 -6.63 22.83
N VAL A 196 -7.78 -7.93 22.53
CA VAL A 196 -8.39 -8.39 21.28
C VAL A 196 -9.88 -8.07 21.28
N GLY A 197 -10.56 -8.30 22.40
CA GLY A 197 -11.97 -7.97 22.48
C GLY A 197 -12.23 -6.48 22.34
N ILE A 198 -11.37 -5.66 22.93
CA ILE A 198 -11.51 -4.22 22.79
C ILE A 198 -11.33 -3.79 21.33
N ILE A 199 -10.32 -4.36 20.66
CA ILE A 199 -10.10 -4.02 19.26
C ILE A 199 -11.29 -4.44 18.40
N GLN A 200 -11.85 -5.62 18.67
CA GLN A 200 -13.00 -6.08 17.90
C GLN A 200 -14.23 -5.22 18.16
N LEU A 201 -14.44 -4.82 19.42
CA LEU A 201 -15.56 -3.93 19.71
C LEU A 201 -15.39 -2.57 19.07
N VAL A 202 -14.14 -2.07 18.99
CA VAL A 202 -13.89 -0.80 18.31
C VAL A 202 -14.18 -0.93 16.82
N PHE A 203 -13.73 -2.03 16.21
CA PHE A 203 -14.00 -2.24 14.79
C PHE A 203 -15.48 -2.42 14.51
N GLY A 204 -16.22 -3.01 15.44
CA GLY A 204 -17.64 -3.22 15.21
C GLY A 204 -18.47 -1.97 15.44
N GLY A 205 -18.14 -1.21 16.49
CA GLY A 205 -18.91 -0.01 16.79
C GLY A 205 -18.73 1.08 15.76
N LEU A 206 -17.49 1.26 15.30
CA LEU A 206 -17.20 2.28 14.30
C LEU A 206 -17.71 1.92 12.90
N GLN A 207 -18.40 0.79 12.76
CA GLN A 207 -18.97 0.33 11.49
C GLN A 207 -17.91 0.15 10.41
N ILE A 208 -16.66 -0.11 10.81
CA ILE A 208 -15.57 -0.34 9.86
C ILE A 208 -15.45 -1.85 9.70
N GLY A 209 -15.93 -2.34 8.55
CA GLY A 209 -15.87 -3.76 8.27
C GLY A 209 -15.08 -4.08 7.01
N PHE A 210 -14.77 -3.05 6.24
CA PHE A 210 -14.00 -3.23 5.00
C PHE A 210 -12.52 -3.48 5.26
N ILE A 211 -12.06 -3.35 6.51
CA ILE A 211 -10.66 -3.58 6.83
C ILE A 211 -10.27 -5.04 6.69
N VAL A 212 -11.23 -5.97 6.80
CA VAL A 212 -10.95 -7.39 6.65
C VAL A 212 -11.15 -7.87 5.22
N ARG A 213 -11.57 -6.99 4.31
CA ARG A 213 -11.67 -7.36 2.91
C ARG A 213 -10.30 -7.48 2.26
N TYR A 214 -9.25 -6.96 2.90
CA TYR A 214 -7.91 -7.05 2.35
C TYR A 214 -7.32 -8.46 2.46
N LEU A 215 -7.91 -9.31 3.29
CA LEU A 215 -7.46 -10.69 3.42
C LEU A 215 -8.03 -11.51 2.28
N ALA A 216 -7.30 -11.52 1.16
CA ALA A 216 -7.73 -12.25 -0.02
C ALA A 216 -7.65 -13.75 0.22
N ASP A 217 -8.14 -14.51 -0.75
CA ASP A 217 -8.11 -15.98 -0.63
C ASP A 217 -6.69 -16.53 -0.64
N PRO A 218 -5.80 -16.15 -1.56
CA PRO A 218 -4.43 -16.69 -1.48
C PRO A 218 -3.68 -16.22 -0.25
N LEU A 219 -3.94 -14.99 0.21
CA LEU A 219 -3.30 -14.49 1.42
C LEU A 219 -3.65 -15.34 2.62
N VAL A 220 -4.95 -15.53 2.86
CA VAL A 220 -5.38 -16.34 4.00
C VAL A 220 -4.98 -17.79 3.82
N GLY A 221 -4.92 -18.27 2.57
CA GLY A 221 -4.48 -19.63 2.34
C GLY A 221 -3.03 -19.85 2.73
N GLY A 222 -2.15 -18.96 2.28
CA GLY A 222 -0.75 -19.06 2.69
C GLY A 222 -0.57 -18.87 4.18
N PHE A 223 -1.35 -17.95 4.78
CA PHE A 223 -1.25 -17.75 6.21
C PHE A 223 -1.66 -19.01 6.98
N THR A 224 -2.76 -19.64 6.57
CA THR A 224 -3.19 -20.87 7.22
C THR A 224 -2.21 -22.01 6.98
N THR A 225 -1.57 -22.05 5.81
CA THR A 225 -0.57 -23.09 5.56
C THR A 225 0.63 -22.92 6.47
N ALA A 226 1.13 -21.69 6.59
CA ALA A 226 2.27 -21.45 7.49
C ALA A 226 1.89 -21.72 8.94
N ALA A 227 0.66 -21.35 9.32
CA ALA A 227 0.21 -21.61 10.69
C ALA A 227 0.09 -23.10 10.94
N ALA A 228 -0.35 -23.86 9.95
CA ALA A 228 -0.42 -25.31 10.10
C ALA A 228 0.96 -25.92 10.22
N PHE A 229 1.92 -25.40 9.45
CA PHE A 229 3.30 -25.87 9.59
C PHE A 229 3.84 -25.61 10.98
N GLN A 230 3.60 -24.40 11.51
CA GLN A 230 4.10 -24.07 12.84
C GLN A 230 3.39 -24.90 13.91
N VAL A 231 2.08 -25.15 13.74
CA VAL A 231 1.36 -26.00 14.68
C VAL A 231 1.90 -27.42 14.64
N LEU A 232 2.21 -27.92 13.44
CA LEU A 232 2.80 -29.24 13.32
C LEU A 232 4.14 -29.31 14.04
N VAL A 233 4.97 -28.27 13.88
CA VAL A 233 6.26 -28.24 14.56
C VAL A 233 6.08 -28.24 16.08
N SER A 234 5.16 -27.42 16.57
CA SER A 234 4.94 -27.33 18.01
C SER A 234 4.42 -28.64 18.57
N GLN A 235 3.44 -29.26 17.90
CA GLN A 235 2.88 -30.50 18.40
C GLN A 235 3.87 -31.66 18.26
N LEU A 236 4.79 -31.58 17.29
CA LEU A 236 5.85 -32.59 17.21
C LEU A 236 6.84 -32.41 18.35
N LYS A 237 7.13 -31.16 18.71
CA LYS A 237 7.94 -30.91 19.89
C LYS A 237 7.27 -31.44 21.15
N ILE A 238 5.96 -31.31 21.24
CA ILE A 238 5.23 -31.78 22.42
C ILE A 238 5.20 -33.30 22.46
N VAL A 239 5.00 -33.95 21.31
CA VAL A 239 4.92 -35.40 21.26
C VAL A 239 6.26 -36.03 21.62
N LEU A 240 7.35 -35.49 21.06
CA LEU A 240 8.67 -36.03 21.35
C LEU A 240 9.09 -35.77 22.81
N ASN A 241 8.36 -34.91 23.51
CA ASN A 241 8.65 -34.60 24.91
C ASN A 241 10.07 -34.05 25.09
N VAL A 242 10.40 -33.04 24.29
CA VAL A 242 11.70 -32.39 24.34
C VAL A 242 11.51 -30.95 24.81
N SER A 243 12.56 -30.40 25.39
CA SER A 243 12.56 -29.04 25.92
C SER A 243 13.47 -28.18 25.06
N THR A 244 12.89 -27.24 24.33
CA THR A 244 13.65 -26.32 23.51
C THR A 244 13.98 -25.06 24.30
N LYS A 245 14.51 -24.04 23.63
CA LYS A 245 14.90 -22.79 24.27
C LYS A 245 13.94 -21.65 23.91
N ASN A 246 12.67 -22.00 23.68
CA ASN A 246 11.60 -21.05 23.33
C ASN A 246 12.08 -19.99 22.33
N TYR A 247 12.66 -20.46 21.24
CA TYR A 247 13.13 -19.56 20.19
C TYR A 247 11.95 -18.84 19.55
N ASN A 248 12.02 -17.50 19.55
CA ASN A 248 10.97 -16.67 18.97
C ASN A 248 11.61 -15.47 18.29
N GLY A 249 10.89 -14.92 17.31
CA GLY A 249 11.38 -13.79 16.56
C GLY A 249 11.49 -14.06 15.07
N ILE A 250 12.71 -14.07 14.55
CA ILE A 250 12.97 -14.32 13.13
C ILE A 250 13.46 -15.75 12.97
N LEU A 251 12.88 -16.46 12.01
CA LEU A 251 13.21 -17.86 11.73
C LEU A 251 13.05 -18.72 12.99
N SER A 252 11.99 -18.43 13.75
CA SER A 252 11.75 -19.17 14.99
C SER A 252 11.41 -20.63 14.71
N ILE A 253 10.62 -20.88 13.67
CA ILE A 253 10.24 -22.25 13.33
C ILE A 253 11.46 -23.04 12.86
N ILE A 254 12.30 -22.44 12.02
CA ILE A 254 13.50 -23.12 11.57
C ILE A 254 14.44 -23.41 12.74
N TYR A 255 14.60 -22.43 13.64
CA TYR A 255 15.48 -22.62 14.78
C TYR A 255 14.99 -23.74 15.70
N THR A 256 13.69 -23.74 16.00
CA THR A 256 13.17 -24.78 16.89
C THR A 256 13.17 -26.14 16.20
N LEU A 257 13.01 -26.20 14.88
CA LEU A 257 13.10 -27.47 14.19
C LEU A 257 14.53 -28.01 14.21
N ILE A 258 15.52 -27.12 14.03
CA ILE A 258 16.92 -27.53 14.13
C ILE A 258 17.22 -28.02 15.53
N GLU A 259 16.68 -27.34 16.55
CA GLU A 259 16.92 -27.75 17.92
C GLU A 259 16.25 -29.09 18.23
N ILE A 260 15.09 -29.35 17.63
CA ILE A 260 14.44 -30.65 17.80
C ILE A 260 15.29 -31.74 17.14
N PHE A 261 15.76 -31.48 15.91
CA PHE A 261 16.59 -32.45 15.23
C PHE A 261 17.90 -32.71 15.96
N GLN A 262 18.39 -31.72 16.71
CA GLN A 262 19.60 -31.93 17.49
C GLN A 262 19.30 -32.66 18.79
N ASN A 263 18.08 -32.55 19.30
CA ASN A 263 17.68 -33.19 20.56
C ASN A 263 16.83 -34.44 20.33
N ILE A 264 17.09 -35.18 19.26
CA ILE A 264 16.34 -36.41 19.00
C ILE A 264 16.68 -37.46 20.04
N GLY A 265 17.92 -37.48 20.53
CA GLY A 265 18.32 -38.48 21.50
C GLY A 265 17.56 -38.39 22.81
N ASP A 266 17.18 -37.18 23.21
CA ASP A 266 16.43 -36.98 24.45
C ASP A 266 14.93 -37.01 24.23
N THR A 267 14.45 -38.09 23.61
CA THR A 267 13.04 -38.26 23.33
C THR A 267 12.43 -39.29 24.29
N ASN A 268 11.16 -39.61 24.09
CA ASN A 268 10.47 -40.63 24.88
C ASN A 268 9.90 -41.65 23.91
N ILE A 269 10.36 -42.90 24.01
CA ILE A 269 9.94 -43.93 23.07
C ILE A 269 8.47 -44.25 23.23
N ALA A 270 7.98 -44.35 24.48
CA ALA A 270 6.59 -44.69 24.70
C ALA A 270 5.67 -43.59 24.20
N ASP A 271 5.98 -42.34 24.52
CA ASP A 271 5.16 -41.22 24.07
C ASP A 271 5.16 -41.12 22.55
N PHE A 272 6.32 -41.29 21.92
CA PHE A 272 6.40 -41.22 20.47
C PHE A 272 5.60 -42.34 19.82
N ILE A 273 5.71 -43.56 20.35
CA ILE A 273 4.97 -44.69 19.79
C ILE A 273 3.47 -44.46 19.93
N ALA A 274 3.03 -44.01 21.11
CA ALA A 274 1.61 -43.76 21.32
C ALA A 274 1.10 -42.67 20.39
N GLY A 275 1.89 -41.60 20.23
CA GLY A 275 1.48 -40.51 19.36
C GLY A 275 1.39 -40.94 17.91
N LEU A 276 2.38 -41.68 17.43
CA LEU A 276 2.33 -42.17 16.05
C LEU A 276 1.15 -43.11 15.85
N LEU A 277 0.88 -43.98 16.82
CA LEU A 277 -0.23 -44.91 16.69
C LEU A 277 -1.56 -44.18 16.63
N THR A 278 -1.78 -43.23 17.54
CA THR A 278 -3.05 -42.50 17.52
C THR A 278 -3.16 -41.60 16.30
N ILE A 279 -2.05 -41.07 15.80
CA ILE A 279 -2.08 -40.30 14.57
C ILE A 279 -2.54 -41.17 13.40
N ILE A 280 -1.94 -42.36 13.26
CA ILE A 280 -2.31 -43.26 12.19
C ILE A 280 -3.78 -43.65 12.30
N VAL A 281 -4.21 -44.00 13.52
CA VAL A 281 -5.59 -44.45 13.72
C VAL A 281 -6.57 -43.34 13.37
N CYS A 282 -6.33 -42.13 13.89
CA CYS A 282 -7.24 -41.02 13.65
C CYS A 282 -7.28 -40.66 12.17
N MET A 283 -6.11 -40.63 11.51
CA MET A 283 -6.07 -40.30 10.09
C MET A 283 -6.82 -41.33 9.27
N ALA A 284 -6.62 -42.61 9.56
CA ALA A 284 -7.30 -43.66 8.83
C ALA A 284 -8.81 -43.59 9.02
N VAL A 285 -9.25 -43.39 10.27
CA VAL A 285 -10.69 -43.33 10.53
C VAL A 285 -11.31 -42.12 9.87
N LYS A 286 -10.62 -40.97 9.91
CA LYS A 286 -11.14 -39.76 9.28
C LYS A 286 -11.24 -39.92 7.78
N GLU A 287 -10.21 -40.51 7.15
CA GLU A 287 -10.24 -40.72 5.71
C GLU A 287 -11.34 -41.69 5.32
N LEU A 288 -11.53 -42.76 6.10
CA LEU A 288 -12.57 -43.73 5.81
C LEU A 288 -13.95 -43.12 5.96
N ASN A 289 -14.13 -42.25 6.96
CA ASN A 289 -15.43 -41.61 7.16
C ASN A 289 -15.70 -40.56 6.09
N ASP A 290 -14.67 -39.87 5.62
CA ASP A 290 -14.87 -38.83 4.60
C ASP A 290 -15.13 -39.45 3.23
N ARG A 291 -14.39 -40.51 2.89
CA ARG A 291 -14.57 -41.14 1.58
C ARG A 291 -15.91 -41.86 1.51
N PHE A 292 -16.13 -42.82 2.40
CA PHE A 292 -17.37 -43.60 2.42
C PHE A 292 -18.44 -42.88 3.27
N LYS A 293 -18.88 -41.74 2.76
CA LYS A 293 -19.91 -40.95 3.45
C LYS A 293 -21.31 -41.47 3.14
N HIS A 294 -21.49 -42.12 1.99
CA HIS A 294 -22.81 -42.57 1.57
C HIS A 294 -23.36 -43.70 2.43
N ARG A 295 -22.57 -44.29 3.32
CA ARG A 295 -23.04 -45.37 4.18
C ARG A 295 -23.33 -44.91 5.60
N ILE A 296 -22.54 -44.00 6.15
CA ILE A 296 -22.72 -43.50 7.50
C ILE A 296 -22.79 -41.98 7.44
N PRO A 297 -23.97 -41.38 7.59
CA PRO A 297 -24.07 -39.92 7.50
C PRO A 297 -23.47 -39.21 8.69
N VAL A 298 -23.69 -39.71 9.90
CA VAL A 298 -23.18 -39.07 11.12
C VAL A 298 -21.70 -39.38 11.26
N PRO A 299 -20.84 -38.37 11.34
CA PRO A 299 -19.40 -38.64 11.51
C PRO A 299 -19.11 -39.30 12.85
N ILE A 300 -18.37 -40.40 12.80
CA ILE A 300 -17.99 -41.14 13.99
C ILE A 300 -17.04 -40.29 14.83
N PRO A 301 -17.34 -40.02 16.10
CA PRO A 301 -16.43 -39.22 16.93
C PRO A 301 -15.17 -40.00 17.29
N ILE A 302 -14.22 -40.06 16.35
CA ILE A 302 -12.99 -40.80 16.58
C ILE A 302 -12.17 -40.16 17.70
N GLU A 303 -12.23 -38.83 17.82
CA GLU A 303 -11.50 -38.15 18.89
C GLU A 303 -11.94 -38.66 20.26
N VAL A 304 -13.25 -38.77 20.48
CA VAL A 304 -13.77 -39.16 21.79
C VAL A 304 -13.32 -40.57 22.14
N ILE A 305 -13.50 -41.51 21.22
CA ILE A 305 -13.17 -42.90 21.52
C ILE A 305 -11.67 -43.08 21.68
N VAL A 306 -10.88 -42.36 20.87
CA VAL A 306 -9.43 -42.53 21.00
C VAL A 306 -8.94 -41.91 22.31
N THR A 307 -9.53 -40.80 22.74
CA THR A 307 -9.14 -40.23 24.03
C THR A 307 -9.56 -41.14 25.18
N ILE A 308 -10.74 -41.75 25.08
CA ILE A 308 -11.21 -42.66 26.13
C ILE A 308 -10.27 -43.86 26.22
N ILE A 309 -9.91 -44.45 25.08
CA ILE A 309 -9.06 -45.63 25.12
C ILE A 309 -7.65 -45.27 25.55
N ALA A 310 -7.18 -44.06 25.22
CA ALA A 310 -5.86 -43.63 25.68
C ALA A 310 -5.85 -43.44 27.19
N THR A 311 -6.91 -42.83 27.75
CA THR A 311 -6.99 -42.67 29.19
C THR A 311 -7.14 -44.02 29.89
N ALA A 312 -7.81 -44.97 29.24
CA ALA A 312 -7.98 -46.29 29.83
C ALA A 312 -6.66 -47.07 29.85
N ILE A 313 -5.91 -47.00 28.76
CA ILE A 313 -4.63 -47.71 28.70
C ILE A 313 -3.62 -47.06 29.64
N SER A 314 -3.61 -45.73 29.68
CA SER A 314 -2.64 -45.03 30.52
C SER A 314 -2.96 -45.17 32.00
N TYR A 315 -4.22 -45.50 32.34
CA TYR A 315 -4.58 -45.66 33.74
C TYR A 315 -4.23 -47.04 34.27
N GLY A 316 -4.29 -48.07 33.42
CA GLY A 316 -3.95 -49.42 33.84
C GLY A 316 -2.50 -49.55 34.27
N ALA A 317 -1.58 -49.36 33.33
CA ALA A 317 -0.16 -49.39 33.64
C ALA A 317 0.32 -47.99 34.02
N ASN A 318 1.20 -47.94 35.01
CA ASN A 318 1.75 -46.67 35.51
C ASN A 318 2.78 -46.15 34.51
N LEU A 319 2.28 -45.52 33.45
CA LEU A 319 3.18 -44.97 32.43
C LEU A 319 3.96 -43.78 32.96
N GLU A 320 3.46 -43.11 34.00
CA GLU A 320 4.16 -41.96 34.55
C GLU A 320 5.41 -42.39 35.31
N LYS A 321 5.32 -43.48 36.06
CA LYS A 321 6.44 -43.94 36.86
C LYS A 321 7.31 -44.97 36.14
N ASN A 322 6.68 -45.97 35.52
CA ASN A 322 7.43 -47.04 34.88
C ASN A 322 8.04 -46.57 33.56
N TYR A 323 7.22 -46.03 32.67
CA TYR A 323 7.68 -45.61 31.35
C TYR A 323 8.06 -44.14 31.29
N ASN A 324 7.91 -43.41 32.40
CA ASN A 324 8.26 -41.98 32.47
C ASN A 324 7.54 -41.17 31.40
N ALA A 325 6.26 -41.46 31.18
CA ALA A 325 5.50 -40.76 30.17
C ALA A 325 5.12 -39.36 30.66
N GLY A 326 4.71 -38.52 29.71
CA GLY A 326 4.29 -37.17 30.04
C GLY A 326 2.78 -37.03 30.11
N ILE A 327 2.25 -36.95 31.31
CA ILE A 327 0.81 -36.84 31.52
C ILE A 327 0.48 -35.44 32.01
N VAL A 328 -0.82 -35.14 32.08
CA VAL A 328 -1.27 -33.83 32.53
C VAL A 328 -1.18 -33.72 34.04
N LYS A 329 -1.93 -34.57 34.74
CA LYS A 329 -1.95 -34.67 36.21
C LYS A 329 -2.03 -33.31 36.90
N SER A 330 -2.68 -32.33 36.27
CA SER A 330 -2.76 -30.99 36.83
C SER A 330 -4.16 -30.39 36.65
N ILE A 331 -5.19 -31.24 36.69
CA ILE A 331 -6.56 -30.77 36.54
C ILE A 331 -7.13 -30.42 37.91
N PRO A 332 -7.45 -29.15 38.17
CA PRO A 332 -8.03 -28.80 39.48
C PRO A 332 -9.48 -29.19 39.63
N SER A 333 -10.22 -29.30 38.52
CA SER A 333 -11.63 -29.69 38.53
C SER A 333 -12.47 -28.75 39.42
N GLY A 334 -12.49 -27.49 38.99
CA GLY A 334 -13.27 -26.49 39.70
C GLY A 334 -13.20 -25.16 38.98
N PHE A 335 -14.01 -24.22 39.47
CA PHE A 335 -14.04 -22.89 38.91
C PHE A 335 -13.07 -21.98 39.66
N LEU A 336 -13.14 -20.68 39.40
CA LEU A 336 -12.29 -19.70 40.07
C LEU A 336 -12.97 -18.35 40.00
N PRO A 337 -12.80 -17.50 40.99
CA PRO A 337 -13.39 -16.16 40.96
C PRO A 337 -12.81 -15.33 39.83
N PRO A 338 -13.57 -14.39 39.28
CA PRO A 338 -13.03 -13.56 38.20
C PRO A 338 -11.92 -12.65 38.69
N VAL A 339 -10.89 -12.51 37.85
CA VAL A 339 -9.70 -11.71 38.18
C VAL A 339 -9.62 -10.55 37.21
N LEU A 340 -9.38 -9.36 37.74
CA LEU A 340 -9.26 -8.18 36.89
C LEU A 340 -7.99 -8.29 36.04
N PRO A 341 -8.08 -8.04 34.73
CA PRO A 341 -6.88 -8.13 33.89
C PRO A 341 -5.87 -7.05 34.22
N SER A 342 -4.59 -7.41 34.10
CA SER A 342 -3.50 -6.49 34.38
C SER A 342 -3.34 -5.48 33.24
N VAL A 343 -4.15 -4.42 33.27
CA VAL A 343 -4.06 -3.41 32.22
C VAL A 343 -2.74 -2.68 32.30
N GLY A 344 -2.13 -2.43 31.14
CA GLY A 344 -0.85 -1.75 31.09
C GLY A 344 0.12 -2.39 30.11
N LEU A 345 -0.27 -3.53 29.55
CA LEU A 345 0.55 -4.26 28.59
C LEU A 345 0.00 -4.16 27.17
N PHE A 346 -0.85 -3.17 26.89
CA PHE A 346 -1.43 -3.06 25.56
C PHE A 346 -0.48 -2.42 24.57
N SER A 347 0.43 -1.55 25.05
CA SER A 347 1.34 -0.85 24.15
C SER A 347 2.31 -1.81 23.46
N ASP A 348 2.76 -2.84 24.16
CA ASP A 348 3.71 -3.80 23.60
C ASP A 348 3.05 -4.98 22.91
N MET A 349 1.70 -5.05 22.93
CA MET A 349 0.98 -6.15 22.29
C MET A 349 -0.12 -5.66 21.36
N LEU A 350 -0.14 -4.37 21.02
CA LEU A 350 -1.21 -3.83 20.18
C LEU A 350 -1.23 -4.51 18.81
N ALA A 351 -0.07 -4.64 18.17
CA ALA A 351 -0.01 -5.23 16.83
C ALA A 351 -0.39 -6.70 16.88
N ALA A 352 0.09 -7.43 17.89
CA ALA A 352 -0.25 -8.83 18.02
C ALA A 352 -1.76 -9.02 18.23
N SER A 353 -2.35 -8.18 19.08
CA SER A 353 -3.79 -8.28 19.32
C SER A 353 -4.57 -7.92 18.06
N PHE A 354 -4.11 -6.92 17.31
CA PHE A 354 -4.77 -6.57 16.06
C PHE A 354 -4.73 -7.74 15.08
N SER A 355 -3.58 -8.38 14.93
CA SER A 355 -3.45 -9.52 14.03
C SER A 355 -4.35 -10.67 14.46
N ILE A 356 -4.33 -10.99 15.76
CA ILE A 356 -5.17 -12.08 16.27
C ILE A 356 -6.65 -11.78 16.03
N ALA A 357 -7.07 -10.55 16.31
CA ALA A 357 -8.46 -10.18 16.14
C ALA A 357 -8.88 -10.27 14.68
N VAL A 358 -8.02 -9.78 13.77
CA VAL A 358 -8.42 -9.75 12.36
C VAL A 358 -8.45 -11.16 11.79
N VAL A 359 -7.50 -12.02 12.18
CA VAL A 359 -7.53 -13.38 11.65
C VAL A 359 -8.70 -14.17 12.23
N ALA A 360 -9.00 -13.95 13.51
CA ALA A 360 -10.14 -14.62 14.12
C ALA A 360 -11.45 -14.20 13.44
N TYR A 361 -11.61 -12.89 13.21
CA TYR A 361 -12.82 -12.41 12.55
C TYR A 361 -12.92 -12.91 11.12
N ALA A 362 -11.77 -12.98 10.41
CA ALA A 362 -11.79 -13.48 9.05
C ALA A 362 -12.22 -14.94 9.00
N ILE A 363 -11.64 -15.77 9.87
CA ILE A 363 -11.99 -17.18 9.89
C ILE A 363 -13.46 -17.36 10.28
N ALA A 364 -13.92 -16.56 11.26
CA ALA A 364 -15.32 -16.66 11.69
C ALA A 364 -16.27 -16.28 10.57
N VAL A 365 -15.97 -15.19 9.85
CA VAL A 365 -16.82 -14.76 8.75
C VAL A 365 -16.81 -15.80 7.62
N SER A 366 -15.65 -16.39 7.36
CA SER A 366 -15.57 -17.42 6.31
C SER A 366 -16.43 -18.62 6.66
N VAL A 367 -16.29 -19.13 7.88
CA VAL A 367 -17.08 -20.29 8.30
C VAL A 367 -18.56 -19.96 8.30
N GLY A 368 -18.91 -18.76 8.77
CA GLY A 368 -20.32 -18.37 8.78
C GLY A 368 -20.91 -18.26 7.40
N LYS A 369 -20.18 -17.65 6.46
CA LYS A 369 -20.68 -17.55 5.10
C LYS A 369 -20.81 -18.91 4.45
N VAL A 370 -19.87 -19.81 4.72
CA VAL A 370 -19.95 -21.16 4.16
C VAL A 370 -21.20 -21.88 4.68
N TYR A 371 -21.33 -21.98 6.00
CA TYR A 371 -22.45 -22.69 6.61
C TYR A 371 -23.76 -21.93 6.50
N ALA A 372 -23.75 -20.69 5.98
CA ALA A 372 -24.96 -19.96 5.69
C ALA A 372 -25.42 -20.12 4.25
N THR A 373 -24.51 -20.07 3.28
CA THR A 373 -24.86 -20.38 1.90
C THR A 373 -25.15 -21.86 1.72
N LYS A 374 -24.69 -22.71 2.65
CA LYS A 374 -25.07 -24.12 2.59
C LYS A 374 -26.51 -24.31 3.10
N HIS A 375 -26.94 -23.48 4.04
CA HIS A 375 -28.27 -23.59 4.64
C HIS A 375 -29.19 -22.46 4.22
N ASP A 376 -28.73 -21.55 3.36
CA ASP A 376 -29.54 -20.49 2.77
C ASP A 376 -30.13 -19.57 3.85
N TYR A 377 -29.22 -18.89 4.54
CA TYR A 377 -29.60 -17.81 5.44
C TYR A 377 -28.50 -16.76 5.42
N VAL A 378 -28.81 -15.58 5.96
CA VAL A 378 -27.94 -14.42 5.89
C VAL A 378 -27.32 -14.17 7.25
N ILE A 379 -26.03 -13.82 7.26
CA ILE A 379 -25.28 -13.51 8.47
C ILE A 379 -24.71 -12.10 8.34
N ASP A 380 -24.96 -11.27 9.34
CA ASP A 380 -24.41 -9.93 9.35
C ASP A 380 -22.94 -9.96 9.73
N GLY A 381 -22.19 -8.95 9.30
CA GLY A 381 -20.79 -8.87 9.59
C GLY A 381 -20.46 -8.08 10.85
N ASN A 382 -20.99 -6.86 10.94
CA ASN A 382 -20.76 -6.04 12.11
C ASN A 382 -21.33 -6.67 13.36
N GLN A 383 -22.45 -7.38 13.24
CA GLN A 383 -23.02 -8.07 14.40
C GLN A 383 -22.11 -9.21 14.86
N GLU A 384 -21.52 -9.96 13.92
CA GLU A 384 -20.54 -10.98 14.31
C GLU A 384 -19.33 -10.35 14.97
N PHE A 385 -18.87 -9.20 14.45
CA PHE A 385 -17.76 -8.50 15.07
C PHE A 385 -18.07 -8.12 16.51
N ILE A 386 -19.25 -7.53 16.73
CA ILE A 386 -19.65 -7.12 18.08
C ILE A 386 -19.77 -8.33 18.99
N ALA A 387 -20.35 -9.42 18.47
CA ALA A 387 -20.56 -10.62 19.29
C ALA A 387 -19.21 -11.21 19.71
N PHE A 388 -18.28 -11.35 18.78
CA PHE A 388 -16.98 -11.89 19.13
C PHE A 388 -16.19 -10.95 20.04
N GLY A 389 -16.36 -9.64 19.87
CA GLY A 389 -15.71 -8.70 20.77
C GLY A 389 -16.22 -8.84 22.19
N ILE A 390 -17.55 -8.90 22.35
CA ILE A 390 -18.12 -9.09 23.68
C ILE A 390 -17.71 -10.43 24.27
N SER A 391 -17.62 -11.46 23.43
CA SER A 391 -17.20 -12.77 23.91
C SER A 391 -15.77 -12.74 24.43
N ASN A 392 -14.86 -12.12 23.67
CA ASN A 392 -13.48 -12.04 24.11
C ASN A 392 -13.34 -11.16 25.36
N VAL A 393 -14.14 -10.10 25.47
CA VAL A 393 -14.09 -9.25 26.65
C VAL A 393 -14.57 -10.02 27.88
N PHE A 394 -15.67 -10.77 27.74
CA PHE A 394 -16.16 -11.57 28.85
C PHE A 394 -15.19 -12.70 29.19
N SER A 395 -14.45 -13.20 28.21
CA SER A 395 -13.47 -14.25 28.48
C SER A 395 -12.24 -13.69 29.18
N GLY A 396 -11.89 -12.44 28.90
CA GLY A 396 -10.75 -11.82 29.56
C GLY A 396 -10.94 -11.70 31.06
N PHE A 397 -12.20 -11.61 31.51
CA PHE A 397 -12.49 -11.52 32.93
C PHE A 397 -12.59 -12.88 33.61
N PHE A 398 -12.34 -13.97 32.88
CA PHE A 398 -12.44 -15.31 33.46
C PHE A 398 -11.24 -16.17 33.08
N SER A 399 -10.11 -15.54 32.77
CA SER A 399 -8.84 -16.25 32.50
C SER A 399 -9.00 -17.21 31.33
N CYS A 400 -9.26 -16.64 30.15
CA CYS A 400 -9.42 -17.41 28.92
C CYS A 400 -8.62 -16.75 27.81
N PHE A 401 -8.49 -17.45 26.69
CA PHE A 401 -7.80 -16.93 25.51
C PHE A 401 -8.83 -16.62 24.43
N VAL A 402 -8.32 -16.12 23.30
CA VAL A 402 -9.19 -15.65 22.22
C VAL A 402 -9.98 -16.82 21.64
N ALA A 403 -11.27 -16.60 21.44
CA ALA A 403 -12.18 -17.62 20.95
C ALA A 403 -12.46 -17.42 19.46
N THR A 404 -12.67 -18.54 18.76
CA THR A 404 -12.97 -18.52 17.33
C THR A 404 -13.89 -19.71 17.06
N THR A 405 -14.02 -20.10 15.79
CA THR A 405 -14.83 -21.24 15.40
C THR A 405 -13.98 -22.17 14.54
N ALA A 406 -13.70 -23.36 15.06
CA ALA A 406 -12.92 -24.34 14.30
C ALA A 406 -13.80 -25.02 13.25
N LEU A 407 -13.22 -25.24 12.07
CA LEU A 407 -13.97 -25.86 10.98
C LEU A 407 -14.33 -27.30 11.30
N SER A 408 -13.47 -28.01 12.03
CA SER A 408 -13.76 -29.40 12.39
C SER A 408 -14.88 -29.47 13.42
N ARG A 409 -14.82 -28.63 14.45
CA ARG A 409 -15.86 -28.63 15.46
C ARG A 409 -17.18 -28.09 14.93
N THR A 410 -17.11 -27.17 13.96
CA THR A 410 -18.33 -26.60 13.39
C THR A 410 -19.10 -27.64 12.58
N ALA A 411 -18.38 -28.48 11.82
CA ALA A 411 -19.03 -29.47 10.97
C ALA A 411 -19.79 -30.52 11.78
N VAL A 412 -19.48 -30.67 13.07
CA VAL A 412 -20.13 -31.70 13.88
C VAL A 412 -21.61 -31.39 14.04
N GLN A 413 -21.93 -30.19 14.55
CA GLN A 413 -23.32 -29.81 14.75
C GLN A 413 -24.09 -29.66 13.44
N GLU A 414 -23.40 -29.40 12.33
CA GLU A 414 -24.04 -29.32 11.02
C GLU A 414 -24.35 -30.68 10.42
N SER A 415 -23.45 -31.65 10.58
CA SER A 415 -23.69 -32.98 10.04
C SER A 415 -24.66 -33.76 10.91
N THR A 416 -24.47 -33.70 12.24
CA THR A 416 -25.35 -34.43 13.15
C THR A 416 -26.74 -33.80 13.22
N GLY A 417 -26.91 -32.58 12.74
CA GLY A 417 -28.20 -31.92 12.76
C GLY A 417 -28.26 -30.74 13.71
N GLY A 418 -28.18 -29.53 13.16
CA GLY A 418 -28.25 -28.33 13.96
C GLY A 418 -29.07 -27.25 13.30
N LYS A 419 -30.00 -26.65 14.05
CA LYS A 419 -30.89 -25.64 13.50
C LYS A 419 -30.67 -24.25 14.08
N THR A 420 -30.41 -24.15 15.39
CA THR A 420 -30.20 -22.87 16.05
C THR A 420 -29.00 -22.98 16.98
N GLN A 421 -28.80 -21.95 17.80
CA GLN A 421 -27.72 -21.93 18.76
C GLN A 421 -28.03 -22.70 20.03
N VAL A 422 -29.19 -23.37 20.11
CA VAL A 422 -29.51 -24.18 21.27
C VAL A 422 -28.53 -25.34 21.38
N ALA A 423 -28.15 -25.94 20.24
CA ALA A 423 -27.14 -26.98 20.25
C ALA A 423 -25.81 -26.46 20.78
N GLY A 424 -25.52 -25.18 20.51
CA GLY A 424 -24.31 -24.59 21.07
C GLY A 424 -24.40 -24.40 22.58
N LEU A 425 -25.55 -23.94 23.07
CA LEU A 425 -25.72 -23.77 24.51
C LEU A 425 -25.64 -25.12 25.22
N ILE A 426 -26.20 -26.17 24.62
CA ILE A 426 -26.07 -27.50 25.21
C ILE A 426 -24.64 -27.98 25.16
N SER A 427 -23.88 -27.56 24.14
CA SER A 427 -22.47 -27.91 24.07
C SER A 427 -21.68 -27.34 25.24
N ALA A 428 -22.17 -26.28 25.88
CA ALA A 428 -21.52 -25.74 27.06
C ALA A 428 -21.85 -26.53 28.32
N VAL A 429 -23.00 -27.22 28.32
CA VAL A 429 -23.36 -28.04 29.48
C VAL A 429 -22.39 -29.19 29.65
N ILE A 430 -21.95 -29.79 28.53
CA ILE A 430 -20.93 -30.82 28.61
C ILE A 430 -19.63 -30.24 29.17
N VAL A 431 -19.22 -29.08 28.66
CA VAL A 431 -18.05 -28.41 29.22
C VAL A 431 -18.31 -28.00 30.67
N MET A 432 -19.55 -27.65 30.99
CA MET A 432 -19.90 -27.28 32.36
C MET A 432 -19.64 -28.44 33.32
N VAL A 433 -20.12 -29.64 32.97
CA VAL A 433 -19.90 -30.79 33.83
C VAL A 433 -18.46 -31.27 33.73
N ALA A 434 -17.74 -30.93 32.65
CA ALA A 434 -16.33 -31.29 32.55
C ALA A 434 -15.44 -30.32 33.31
N ILE A 435 -15.98 -29.18 33.76
CA ILE A 435 -15.18 -28.27 34.57
C ILE A 435 -15.24 -28.66 36.05
N VAL A 436 -16.39 -29.11 36.52
CA VAL A 436 -16.59 -29.33 37.95
C VAL A 436 -16.27 -30.77 38.34
N ALA A 437 -16.92 -31.75 37.70
CA ALA A 437 -16.84 -33.14 38.12
C ALA A 437 -16.08 -34.01 37.13
N LEU A 438 -16.51 -34.04 35.86
CA LEU A 438 -15.86 -34.88 34.87
C LEU A 438 -14.48 -34.32 34.55
N GLY A 439 -13.46 -35.19 34.56
CA GLY A 439 -12.12 -34.76 34.27
C GLY A 439 -11.08 -35.44 35.13
N ARG A 440 -11.51 -36.00 36.27
CA ARG A 440 -10.59 -36.74 37.13
C ARG A 440 -10.07 -37.99 36.45
N LEU A 441 -10.84 -38.59 35.55
CA LEU A 441 -10.37 -39.74 34.78
C LEU A 441 -9.35 -39.32 33.73
N LEU A 442 -9.36 -38.06 33.32
CA LEU A 442 -8.40 -37.52 32.36
C LEU A 442 -7.05 -37.18 33.00
N GLU A 443 -6.83 -37.59 34.25
CA GLU A 443 -5.57 -37.28 34.93
C GLU A 443 -4.37 -37.98 34.28
N PRO A 444 -4.39 -39.29 34.03
CA PRO A 444 -3.22 -39.93 33.41
C PRO A 444 -3.16 -39.83 31.90
N LEU A 445 -3.96 -38.95 31.29
CA LEU A 445 -3.93 -38.80 29.83
C LEU A 445 -2.60 -38.20 29.40
N GLN A 446 -1.97 -38.83 28.41
CA GLN A 446 -0.70 -38.36 27.90
C GLN A 446 -0.89 -37.08 27.09
N LYS A 447 0.09 -36.17 27.18
CA LYS A 447 0.04 -34.95 26.38
C LYS A 447 0.24 -35.22 24.90
N SER A 448 0.83 -36.37 24.55
CA SER A 448 1.03 -36.70 23.15
C SER A 448 -0.27 -37.08 22.45
N VAL A 449 -1.27 -37.54 23.20
CA VAL A 449 -2.56 -37.88 22.59
C VAL A 449 -3.32 -36.61 22.23
N LEU A 450 -3.33 -35.62 23.13
CA LEU A 450 -3.97 -34.35 22.82
C LEU A 450 -3.22 -33.61 21.72
N ALA A 451 -1.90 -33.77 21.67
CA ALA A 451 -1.09 -33.13 20.64
C ALA A 451 -1.20 -33.83 19.30
N ALA A 452 -1.94 -34.93 19.21
CA ALA A 452 -2.09 -35.68 17.97
C ALA A 452 -3.34 -35.30 17.18
N VAL A 453 -4.48 -35.14 17.87
CA VAL A 453 -5.71 -34.75 17.18
C VAL A 453 -5.54 -33.39 16.52
N VAL A 454 -4.71 -32.51 17.10
CA VAL A 454 -4.43 -31.23 16.47
C VAL A 454 -3.72 -31.44 15.14
N ILE A 455 -2.75 -32.36 15.12
CA ILE A 455 -2.04 -32.69 13.88
C ILE A 455 -3.00 -33.33 12.88
N ALA A 456 -3.92 -34.17 13.35
CA ALA A 456 -4.89 -34.80 12.46
C ALA A 456 -5.81 -33.75 11.83
N ASN A 457 -6.13 -32.70 12.58
CA ASN A 457 -6.96 -31.62 12.02
C ASN A 457 -6.19 -30.75 11.05
N LEU A 458 -4.86 -30.88 11.00
CA LEU A 458 -4.06 -30.07 10.07
C LEU A 458 -4.15 -30.56 8.63
N LYS A 459 -4.84 -31.68 8.38
CA LYS A 459 -4.95 -32.19 7.02
C LYS A 459 -5.73 -31.23 6.13
N GLY A 460 -6.71 -30.52 6.71
CA GLY A 460 -7.49 -29.58 5.92
C GLY A 460 -6.68 -28.40 5.43
N MET A 461 -5.71 -27.95 6.22
CA MET A 461 -4.89 -26.81 5.82
C MET A 461 -3.64 -27.24 5.07
N PHE A 462 -3.16 -28.46 5.32
CA PHE A 462 -2.00 -28.96 4.58
C PHE A 462 -2.33 -29.22 3.11
N MET A 463 -3.58 -29.57 2.81
CA MET A 463 -4.00 -29.78 1.44
C MET A 463 -4.23 -28.48 0.68
N GLN A 464 -4.12 -27.33 1.35
CA GLN A 464 -4.30 -26.06 0.66
C GLN A 464 -3.13 -25.75 -0.28
N VAL A 465 -2.01 -26.44 -0.12
CA VAL A 465 -0.87 -26.23 -0.98
C VAL A 465 -1.14 -26.73 -2.40
N CYS A 466 -2.14 -27.59 -2.57
CA CYS A 466 -2.45 -28.18 -3.85
C CYS A 466 -3.17 -27.23 -4.81
N ASP A 467 -3.30 -25.95 -4.46
CA ASP A 467 -3.94 -24.98 -5.32
C ASP A 467 -2.97 -24.02 -5.99
N VAL A 468 -1.69 -24.06 -5.61
CA VAL A 468 -0.70 -23.18 -6.24
C VAL A 468 -0.54 -23.47 -7.72
N PRO A 469 -0.42 -24.72 -8.17
CA PRO A 469 -0.42 -24.96 -9.63
C PRO A 469 -1.71 -24.52 -10.30
N ARG A 470 -2.84 -24.58 -9.60
CA ARG A 470 -4.10 -24.10 -10.17
C ARG A 470 -4.10 -22.57 -10.27
N LEU A 471 -3.60 -21.89 -9.23
CA LEU A 471 -3.55 -20.44 -9.27
C LEU A 471 -2.53 -19.94 -10.28
N TRP A 472 -1.50 -20.74 -10.58
CA TRP A 472 -0.51 -20.33 -11.57
C TRP A 472 -1.11 -20.34 -12.97
N LYS A 473 -1.91 -21.35 -13.30
CA LYS A 473 -2.62 -21.34 -14.57
C LYS A 473 -3.67 -20.24 -14.60
N GLN A 474 -4.26 -19.92 -13.45
CA GLN A 474 -5.14 -18.78 -13.30
C GLN A 474 -4.30 -17.51 -13.15
N ASN A 475 -4.93 -16.43 -12.68
CA ASN A 475 -4.23 -15.17 -12.44
C ASN A 475 -2.95 -15.39 -11.66
N LYS A 476 -1.82 -15.06 -12.30
CA LYS A 476 -0.52 -15.37 -11.70
C LYS A 476 -0.19 -14.43 -10.55
N THR A 477 -0.73 -13.22 -10.55
CA THR A 477 -0.44 -12.28 -9.47
C THR A 477 -0.97 -12.79 -8.14
N ASP A 478 -2.08 -13.53 -8.16
CA ASP A 478 -2.60 -14.11 -6.93
C ASP A 478 -1.82 -15.34 -6.50
N ALA A 479 -1.20 -16.04 -7.46
CA ALA A 479 -0.36 -17.18 -7.09
C ALA A 479 0.92 -16.73 -6.41
N VAL A 480 1.39 -15.51 -6.70
CA VAL A 480 2.57 -14.99 -6.03
C VAL A 480 2.22 -14.56 -4.60
N ILE A 481 1.02 -14.00 -4.41
CA ILE A 481 0.61 -13.58 -3.07
C ILE A 481 0.52 -14.79 -2.14
N TRP A 482 0.08 -15.93 -2.66
CA TRP A 482 0.01 -17.13 -1.84
C TRP A 482 1.39 -17.59 -1.40
N VAL A 483 2.34 -17.66 -2.34
CA VAL A 483 3.69 -18.11 -2.01
C VAL A 483 4.39 -17.07 -1.14
N PHE A 484 4.18 -15.78 -1.42
CA PHE A 484 4.81 -14.73 -0.64
C PHE A 484 4.32 -14.75 0.80
N THR A 485 3.01 -14.86 0.99
CA THR A 485 2.45 -14.87 2.34
C THR A 485 2.85 -16.14 3.10
N CYS A 486 2.90 -17.28 2.40
CA CYS A 486 3.26 -18.54 3.05
C CYS A 486 4.72 -18.53 3.49
N ILE A 487 5.60 -17.91 2.70
CA ILE A 487 7.01 -17.87 3.03
C ILE A 487 7.31 -16.78 4.05
N MET A 488 6.74 -15.59 3.85
CA MET A 488 7.04 -14.48 4.74
C MET A 488 6.46 -14.70 6.14
N SER A 489 5.39 -15.49 6.25
CA SER A 489 4.86 -15.85 7.56
C SER A 489 5.58 -17.03 8.18
N ILE A 490 6.71 -17.43 7.62
CA ILE A 490 7.57 -18.45 8.21
C ILE A 490 8.90 -17.86 8.68
N ILE A 491 9.43 -16.90 7.93
CA ILE A 491 10.72 -16.30 8.29
C ILE A 491 10.57 -15.39 9.51
N LEU A 492 9.77 -14.34 9.37
CA LEU A 492 9.60 -13.36 10.45
C LEU A 492 8.27 -13.62 11.14
N GLY A 493 8.28 -14.58 12.07
CA GLY A 493 7.13 -14.91 12.88
C GLY A 493 5.88 -15.29 12.07
N LEU A 494 4.77 -15.34 12.79
CA LEU A 494 3.46 -15.61 12.19
C LEU A 494 2.56 -14.41 12.17
N ASP A 495 2.55 -13.59 13.21
CA ASP A 495 1.75 -12.37 13.22
C ASP A 495 2.36 -11.30 12.32
N LEU A 496 3.68 -11.18 12.32
CA LEU A 496 4.33 -10.22 11.43
C LEU A 496 4.22 -10.64 9.97
N GLY A 497 4.06 -11.94 9.71
CA GLY A 497 3.90 -12.39 8.33
C GLY A 497 2.56 -11.98 7.75
N LEU A 498 1.55 -11.78 8.60
CA LEU A 498 0.26 -11.32 8.12
C LEU A 498 0.32 -9.89 7.62
N LEU A 499 0.97 -9.01 8.39
CA LEU A 499 1.12 -7.62 7.96
C LEU A 499 1.95 -7.52 6.69
N ALA A 500 2.95 -8.39 6.53
CA ALA A 500 3.74 -8.39 5.30
C ALA A 500 2.96 -8.94 4.12
N GLY A 501 1.83 -9.60 4.37
CA GLY A 501 1.00 -10.11 3.29
C GLY A 501 -0.02 -9.11 2.81
N LEU A 502 -0.65 -8.40 3.75
CA LEU A 502 -1.62 -7.37 3.39
C LEU A 502 -0.95 -6.24 2.61
N LEU A 503 0.20 -5.77 3.10
CA LEU A 503 0.93 -4.72 2.39
C LEU A 503 1.39 -5.20 1.02
N PHE A 504 1.83 -6.45 0.93
CA PHE A 504 2.24 -6.99 -0.37
C PHE A 504 1.06 -7.10 -1.33
N ALA A 505 -0.12 -7.49 -0.81
CA ALA A 505 -1.30 -7.57 -1.66
C ALA A 505 -1.72 -6.19 -2.15
N LEU A 506 -1.67 -5.18 -1.28
CA LEU A 506 -1.99 -3.83 -1.70
C LEU A 506 -0.97 -3.31 -2.72
N LEU A 507 0.30 -3.65 -2.53
CA LEU A 507 1.32 -3.25 -3.50
C LEU A 507 1.09 -3.94 -4.85
N THR A 508 0.65 -5.20 -4.83
CA THR A 508 0.34 -5.89 -6.07
C THR A 508 -0.85 -5.27 -6.76
N VAL A 509 -1.85 -4.84 -5.99
CA VAL A 509 -3.00 -4.14 -6.57
C VAL A 509 -2.56 -2.83 -7.21
N VAL A 510 -1.67 -2.09 -6.52
CA VAL A 510 -1.19 -0.83 -7.07
C VAL A 510 -0.38 -1.07 -8.34
N LEU A 511 0.40 -2.15 -8.37
CA LEU A 511 1.19 -2.46 -9.56
C LEU A 511 0.31 -2.83 -10.75
N ARG A 512 -0.87 -3.40 -10.51
CA ARG A 512 -1.77 -3.73 -11.59
C ARG A 512 -2.49 -2.51 -12.16
N VAL A 513 -2.62 -1.43 -11.38
CA VAL A 513 -3.18 -0.19 -11.90
C VAL A 513 -2.10 0.81 -12.29
N GLN A 514 -0.83 0.49 -12.05
CA GLN A 514 0.28 1.35 -12.46
C GLN A 514 0.87 0.92 -13.80
N PHE A 515 0.84 -0.37 -14.10
CA PHE A 515 1.33 -0.92 -15.37
C PHE A 515 0.15 -1.56 -16.09
N PRO A 516 -0.65 -0.76 -16.81
CA PRO A 516 -1.85 -1.30 -17.44
C PRO A 516 -1.56 -2.11 -18.69
N SER A 517 -2.61 -2.54 -19.37
CA SER A 517 -2.51 -3.26 -20.63
C SER A 517 -3.09 -2.36 -21.73
N TRP A 518 -2.26 -1.48 -22.26
CA TRP A 518 -2.67 -0.58 -23.33
C TRP A 518 -2.62 -1.29 -24.67
N ASN A 519 -3.43 -0.80 -25.61
CA ASN A 519 -3.56 -1.47 -26.90
C ASN A 519 -3.45 -0.48 -28.07
N GLY A 520 -3.65 -0.99 -29.28
CA GLY A 520 -3.56 -0.21 -30.50
C GLY A 520 -4.87 -0.16 -31.24
N LEU A 521 -5.95 0.15 -30.52
CA LEU A 521 -7.33 0.04 -31.01
C LEU A 521 -7.47 0.50 -32.45
N GLY A 522 -8.08 -0.37 -33.27
CA GLY A 522 -8.38 -0.07 -34.65
C GLY A 522 -9.86 -0.27 -34.94
N SER A 523 -10.22 0.01 -36.19
CA SER A 523 -11.61 -0.02 -36.63
C SER A 523 -11.90 -1.30 -37.41
N VAL A 524 -13.08 -1.87 -37.16
CA VAL A 524 -13.56 -3.02 -37.91
C VAL A 524 -14.29 -2.50 -39.15
N PRO A 525 -14.01 -3.05 -40.33
CA PRO A 525 -14.61 -2.48 -41.55
C PRO A 525 -16.13 -2.57 -41.56
N SER A 526 -16.76 -1.52 -42.08
CA SER A 526 -18.20 -1.44 -42.29
C SER A 526 -19.00 -1.51 -40.99
N THR A 527 -18.35 -1.30 -39.85
CA THR A 527 -19.03 -1.32 -38.56
C THR A 527 -18.51 -0.15 -37.73
N ASP A 528 -18.88 -0.13 -36.45
CA ASP A 528 -18.45 0.93 -35.54
C ASP A 528 -17.78 0.37 -34.28
N ILE A 529 -17.55 -0.93 -34.21
CA ILE A 529 -16.91 -1.55 -33.05
C ILE A 529 -15.41 -1.47 -33.24
N TYR A 530 -14.69 -1.13 -32.17
CA TYR A 530 -13.25 -0.98 -32.21
C TYR A 530 -12.60 -2.04 -31.33
N LYS A 531 -11.67 -2.80 -31.91
CA LYS A 531 -10.96 -3.86 -31.20
C LYS A 531 -9.45 -3.58 -31.23
N SER A 532 -8.72 -4.30 -30.40
CA SER A 532 -7.28 -4.12 -30.32
C SER A 532 -6.60 -4.67 -31.58
N ILE A 533 -5.53 -3.98 -31.99
CA ILE A 533 -4.78 -4.41 -33.17
C ILE A 533 -3.81 -5.55 -32.87
N THR A 534 -3.45 -5.76 -31.60
CA THR A 534 -2.58 -6.85 -31.21
C THR A 534 -3.32 -8.17 -31.01
N HIS A 535 -4.63 -8.17 -31.17
CA HIS A 535 -5.44 -9.38 -31.02
C HIS A 535 -6.15 -9.79 -32.30
N TYR A 536 -6.50 -8.86 -33.18
CA TYR A 536 -7.16 -9.16 -34.44
C TYR A 536 -6.30 -8.67 -35.59
N LYS A 537 -6.45 -9.32 -36.74
CA LYS A 537 -5.61 -9.05 -37.91
C LYS A 537 -6.31 -8.13 -38.91
N ASN A 538 -7.52 -8.48 -39.33
CA ASN A 538 -8.23 -7.73 -40.36
C ASN A 538 -8.93 -6.50 -39.76
N LEU A 539 -8.11 -5.59 -39.25
CA LEU A 539 -8.58 -4.32 -38.72
C LEU A 539 -7.91 -3.17 -39.47
N GLU A 540 -8.73 -2.26 -40.01
CA GLU A 540 -8.23 -1.12 -40.77
C GLU A 540 -8.27 0.11 -39.86
N GLU A 541 -7.13 0.78 -39.72
CA GLU A 541 -7.07 2.00 -38.96
C GLU A 541 -7.30 3.21 -39.87
N PRO A 542 -7.87 4.29 -39.34
CA PRO A 542 -8.12 5.48 -40.17
C PRO A 542 -6.82 6.07 -40.68
N GLU A 543 -6.90 6.66 -41.89
CA GLU A 543 -5.73 7.24 -42.53
C GLU A 543 -5.24 8.46 -41.76
N GLY A 544 -4.06 8.35 -41.16
CA GLY A 544 -3.48 9.41 -40.36
C GLY A 544 -3.85 9.39 -38.90
N VAL A 545 -5.10 9.05 -38.59
CA VAL A 545 -5.57 9.03 -37.21
C VAL A 545 -4.97 7.81 -36.50
N LYS A 546 -4.59 8.02 -35.23
CA LYS A 546 -4.05 6.95 -34.39
C LYS A 546 -4.87 6.89 -33.12
N ILE A 547 -5.43 5.71 -32.85
CA ILE A 547 -6.31 5.51 -31.69
C ILE A 547 -5.53 4.78 -30.61
N LEU A 548 -5.79 5.15 -29.35
CA LEU A 548 -5.10 4.57 -28.21
C LEU A 548 -6.07 4.39 -27.05
N ARG A 549 -5.99 3.23 -26.40
CA ARG A 549 -6.78 2.96 -25.20
C ARG A 549 -5.85 2.73 -24.03
N PHE A 550 -6.19 3.29 -22.87
CA PHE A 550 -5.36 3.21 -21.67
C PHE A 550 -6.27 2.95 -20.48
N SER A 551 -6.23 1.73 -19.95
CA SER A 551 -7.00 1.38 -18.76
C SER A 551 -6.25 1.86 -17.52
N SER A 552 -6.69 1.42 -16.33
CA SER A 552 -6.04 1.76 -15.08
C SER A 552 -5.91 3.27 -14.92
N PRO A 553 -7.00 3.97 -14.55
CA PRO A 553 -7.04 5.43 -14.62
C PRO A 553 -5.75 6.12 -14.17
N ILE A 554 -5.41 7.18 -14.89
CA ILE A 554 -4.12 7.84 -14.73
C ILE A 554 -4.03 8.47 -13.35
N PHE A 555 -3.01 8.09 -12.59
CA PHE A 555 -2.72 8.74 -11.31
C PHE A 555 -1.25 9.15 -11.28
N TYR A 556 -0.76 9.58 -10.11
CA TYR A 556 0.59 10.11 -10.02
C TYR A 556 1.67 9.08 -10.30
N GLY A 557 1.33 7.80 -10.39
CA GLY A 557 2.33 6.77 -10.58
C GLY A 557 2.44 6.27 -12.01
N ASN A 558 1.32 6.26 -12.74
CA ASN A 558 1.30 5.78 -14.11
C ASN A 558 1.27 6.92 -15.13
N VAL A 559 1.72 8.11 -14.73
CA VAL A 559 1.77 9.23 -15.66
C VAL A 559 2.95 9.06 -16.63
N ASP A 560 4.13 8.69 -16.13
CA ASP A 560 5.26 8.42 -17.02
C ASP A 560 4.97 7.20 -17.89
N GLY A 561 4.26 6.21 -17.34
CA GLY A 561 3.83 5.08 -18.16
C GLY A 561 2.89 5.50 -19.27
N PHE A 562 1.98 6.44 -18.99
CA PHE A 562 1.08 6.94 -20.03
C PHE A 562 1.86 7.72 -21.09
N LYS A 563 2.84 8.51 -20.67
CA LYS A 563 3.69 9.22 -21.62
C LYS A 563 4.43 8.25 -22.53
N LYS A 564 5.02 7.21 -21.94
CA LYS A 564 5.74 6.22 -22.73
C LYS A 564 4.80 5.47 -23.66
N CYS A 565 3.58 5.18 -23.20
CA CYS A 565 2.60 4.51 -24.05
C CYS A 565 2.22 5.38 -25.24
N ILE A 566 2.02 6.68 -25.02
CA ILE A 566 1.72 7.58 -26.13
C ILE A 566 2.88 7.64 -27.10
N ASN A 567 4.11 7.78 -26.57
CA ASN A 567 5.28 7.87 -27.43
C ASN A 567 5.47 6.59 -28.25
N SER A 568 5.09 5.44 -27.68
CA SER A 568 5.22 4.18 -28.41
C SER A 568 4.11 3.99 -29.43
N THR A 569 2.90 4.50 -29.15
CA THR A 569 1.79 4.30 -30.07
C THR A 569 1.77 5.34 -31.18
N VAL A 570 2.46 6.47 -31.03
CA VAL A 570 2.55 7.44 -32.11
C VAL A 570 3.83 7.30 -32.92
N GLY A 571 4.85 6.61 -32.39
CA GLY A 571 6.08 6.37 -33.09
C GLY A 571 7.20 7.34 -32.76
N PHE A 572 6.85 8.58 -32.43
CA PHE A 572 7.84 9.61 -32.13
C PHE A 572 7.58 10.18 -30.72
N ASP A 573 8.32 11.24 -30.40
CA ASP A 573 8.18 11.94 -29.13
C ASP A 573 7.77 13.37 -29.40
N ALA A 574 6.76 13.86 -28.66
CA ALA A 574 6.29 15.22 -28.86
C ALA A 574 7.32 16.27 -28.46
N ILE A 575 8.35 15.88 -27.70
CA ILE A 575 9.37 16.83 -27.27
C ILE A 575 10.53 16.87 -28.26
N ARG A 576 11.05 15.72 -28.66
CA ARG A 576 12.19 15.70 -29.58
C ARG A 576 11.81 16.23 -30.96
N VAL A 577 10.58 15.99 -31.40
CA VAL A 577 10.14 16.53 -32.69
C VAL A 577 10.10 18.05 -32.66
N TYR A 578 9.58 18.62 -31.57
CA TYR A 578 9.56 20.08 -31.44
C TYR A 578 10.97 20.64 -31.31
N ASN A 579 11.85 19.92 -30.62
CA ASN A 579 13.24 20.36 -30.51
C ASN A 579 13.91 20.38 -31.88
N LYS A 580 13.69 19.35 -32.69
CA LYS A 580 14.25 19.32 -34.03
C LYS A 580 13.63 20.40 -34.91
N ARG A 581 12.34 20.67 -34.74
CA ARG A 581 11.70 21.75 -35.51
C ARG A 581 12.29 23.11 -35.16
N LEU A 582 12.57 23.35 -33.88
CA LEU A 582 13.20 24.61 -33.49
C LEU A 582 14.65 24.67 -33.95
N LYS A 583 15.35 23.52 -33.97
CA LYS A 583 16.72 23.50 -34.45
C LYS A 583 16.79 23.74 -35.95
N ALA A 584 15.77 23.31 -36.69
CA ALA A 584 15.70 23.58 -38.12
C ALA A 584 15.08 24.93 -38.44
N LEU A 585 14.43 25.57 -37.47
CA LEU A 585 13.83 26.88 -37.71
C LEU A 585 14.85 28.00 -37.63
N ARG A 586 15.87 27.87 -36.79
CA ARG A 586 16.90 28.91 -36.70
C ARG A 586 17.72 28.98 -37.99
N ARG A 587 17.78 27.89 -38.75
CA ARG A 587 18.41 27.94 -40.06
C ARG A 587 17.59 28.72 -41.07
N ILE A 588 16.30 28.92 -40.81
CA ILE A 588 15.44 29.67 -41.72
C ILE A 588 15.51 31.16 -41.44
N GLN A 589 15.56 31.55 -40.16
CA GLN A 589 15.64 32.96 -39.80
C GLN A 589 17.00 33.58 -40.10
N LYS A 590 18.02 32.76 -40.37
CA LYS A 590 19.33 33.26 -40.74
C LYS A 590 19.57 33.25 -42.24
N LEU A 591 18.81 32.44 -43.00
CA LEU A 591 18.97 32.43 -44.44
C LEU A 591 18.46 33.73 -45.07
N ILE A 592 17.42 34.34 -44.49
CA ILE A 592 16.93 35.61 -44.99
C ILE A 592 17.92 36.73 -44.67
N LYS A 593 18.69 36.58 -43.59
CA LYS A 593 19.72 37.57 -43.26
C LYS A 593 20.98 37.35 -44.08
N LYS A 594 21.31 36.09 -44.39
CA LYS A 594 22.50 35.81 -45.18
C LYS A 594 22.33 36.27 -46.62
N GLY A 595 21.18 35.98 -47.22
CA GLY A 595 20.90 36.37 -48.59
C GLY A 595 20.40 37.80 -48.71
N PRO A 651 9.41 11.96 -38.91
CA PRO A 651 8.91 12.71 -37.75
C PRO A 651 7.40 12.59 -37.59
N LYS A 652 6.70 13.73 -37.59
CA LYS A 652 5.25 13.74 -37.41
C LYS A 652 4.55 13.63 -38.76
N VAL A 653 5.03 12.74 -39.62
CA VAL A 653 4.46 12.56 -40.96
C VAL A 653 3.15 11.78 -40.90
N PRO A 654 3.11 10.56 -40.29
CA PRO A 654 1.88 9.76 -40.39
C PRO A 654 0.80 10.17 -39.40
N ILE A 655 1.20 10.68 -38.25
CA ILE A 655 0.24 10.98 -37.18
C ILE A 655 -0.46 12.28 -37.49
N HIS A 656 -1.74 12.20 -37.86
CA HIS A 656 -2.54 13.40 -38.08
C HIS A 656 -3.32 13.79 -36.82
N SER A 657 -3.80 12.80 -36.08
CA SER A 657 -4.53 13.05 -34.84
C SER A 657 -4.34 11.85 -33.92
N LEU A 658 -4.67 12.05 -32.64
CA LEU A 658 -4.53 11.02 -31.62
C LEU A 658 -5.82 10.95 -30.81
N VAL A 659 -6.59 9.89 -31.00
CA VAL A 659 -7.84 9.69 -30.27
C VAL A 659 -7.55 8.79 -29.07
N LEU A 660 -7.67 9.35 -27.87
CA LEU A 660 -7.44 8.61 -26.64
C LEU A 660 -8.75 7.99 -26.18
N ASP A 661 -8.80 6.65 -26.22
CA ASP A 661 -9.99 5.91 -25.79
C ASP A 661 -9.96 5.68 -24.28
N CYS A 662 -9.96 6.79 -23.54
CA CYS A 662 -9.92 6.74 -22.09
C CYS A 662 -11.30 6.42 -21.52
N GLY A 663 -11.77 5.19 -21.72
CA GLY A 663 -13.06 4.78 -21.23
C GLY A 663 -12.98 3.95 -19.96
N ALA A 664 -11.79 3.45 -19.66
CA ALA A 664 -11.56 2.62 -18.48
C ALA A 664 -11.01 3.42 -17.31
N VAL A 665 -11.20 4.74 -17.30
CA VAL A 665 -10.72 5.59 -16.23
C VAL A 665 -11.85 5.86 -15.25
N SER A 666 -11.51 5.93 -13.96
CA SER A 666 -12.49 6.23 -12.91
C SER A 666 -12.16 7.54 -12.19
N PHE A 667 -10.93 7.67 -11.69
CA PHE A 667 -10.46 8.90 -11.07
C PHE A 667 -9.38 9.52 -11.94
N LEU A 668 -9.03 10.77 -11.65
CA LEU A 668 -8.08 11.51 -12.47
C LEU A 668 -6.82 11.95 -11.77
N ASP A 669 -6.84 12.20 -10.45
CA ASP A 669 -5.63 12.51 -9.72
C ASP A 669 -4.93 13.74 -10.29
N VAL A 670 -5.47 14.94 -10.02
CA VAL A 670 -5.18 16.20 -10.69
C VAL A 670 -3.71 16.34 -11.08
N VAL A 671 -2.81 15.75 -10.29
CA VAL A 671 -1.40 15.64 -10.68
C VAL A 671 -1.31 15.00 -12.07
N GLY A 672 -2.30 14.19 -12.42
CA GLY A 672 -2.37 13.57 -13.73
C GLY A 672 -3.09 14.41 -14.77
N VAL A 673 -4.08 15.21 -14.34
CA VAL A 673 -4.75 16.08 -15.30
C VAL A 673 -3.82 17.18 -15.75
N ARG A 674 -2.87 17.59 -14.90
CA ARG A 674 -1.85 18.54 -15.32
C ARG A 674 -1.00 17.94 -16.44
N SER A 675 -0.62 16.67 -16.31
CA SER A 675 0.14 16.01 -17.37
C SER A 675 -0.70 15.83 -18.62
N LEU A 676 -2.01 15.57 -18.48
CA LEU A 676 -2.88 15.47 -19.64
C LEU A 676 -2.94 16.81 -20.40
N ARG A 677 -3.11 17.91 -19.66
CA ARG A 677 -3.10 19.22 -20.30
C ARG A 677 -1.76 19.53 -20.93
N MET A 678 -0.66 19.12 -20.29
CA MET A 678 0.66 19.31 -20.88
C MET A 678 0.81 18.52 -22.17
N ILE A 679 0.27 17.30 -22.21
CA ILE A 679 0.31 16.50 -23.43
C ILE A 679 -0.49 17.18 -24.54
N VAL A 680 -1.70 17.65 -24.21
CA VAL A 680 -2.53 18.32 -25.21
C VAL A 680 -1.84 19.58 -25.72
N LYS A 681 -1.12 20.29 -24.85
CA LYS A 681 -0.41 21.49 -25.27
C LYS A 681 0.78 21.15 -26.16
N GLU A 682 1.53 20.11 -25.80
CA GLU A 682 2.71 19.73 -26.57
C GLU A 682 2.34 19.21 -27.95
N PHE A 683 1.27 18.42 -28.04
CA PHE A 683 0.83 17.93 -29.34
C PHE A 683 0.15 18.98 -30.18
N GLN A 684 -0.38 20.04 -29.56
CA GLN A 684 -0.98 21.13 -30.33
C GLN A 684 0.07 21.95 -31.06
N ARG A 685 1.28 22.03 -30.50
CA ARG A 685 2.34 22.81 -31.14
C ARG A 685 2.88 22.12 -32.39
N ILE A 686 2.80 20.80 -32.46
CA ILE A 686 3.28 20.06 -33.63
C ILE A 686 2.10 19.75 -34.54
N ASP A 687 0.98 20.44 -34.31
CA ASP A 687 -0.23 20.32 -35.13
C ASP A 687 -0.75 18.87 -35.13
N VAL A 688 -0.98 18.35 -33.93
CA VAL A 688 -1.53 17.01 -33.73
C VAL A 688 -2.62 17.12 -32.68
N ASN A 689 -3.87 16.93 -33.08
CA ASN A 689 -4.98 17.02 -32.16
C ASN A 689 -5.09 15.76 -31.31
N VAL A 690 -5.40 15.95 -30.03
CA VAL A 690 -5.54 14.85 -29.08
C VAL A 690 -7.00 14.82 -28.64
N TYR A 691 -7.79 13.96 -29.26
CA TYR A 691 -9.21 13.84 -28.93
C TYR A 691 -9.44 12.72 -27.94
N PHE A 692 -10.54 12.83 -27.20
CA PHE A 692 -10.94 11.82 -26.22
C PHE A 692 -12.23 11.15 -26.70
N ALA A 693 -12.41 9.89 -26.30
CA ALA A 693 -13.46 9.05 -26.85
C ALA A 693 -14.56 8.73 -25.85
N LEU A 694 -14.22 8.14 -24.70
CA LEU A 694 -15.21 7.60 -23.77
C LEU A 694 -15.00 8.16 -22.37
N LEU A 695 -14.84 9.48 -22.27
CA LEU A 695 -14.69 10.12 -20.97
C LEU A 695 -16.03 10.13 -20.24
N GLN A 696 -16.03 9.61 -19.01
CA GLN A 696 -17.27 9.53 -18.23
C GLN A 696 -17.68 10.91 -17.73
N ASP A 697 -18.93 11.00 -17.28
CA ASP A 697 -19.45 12.26 -16.77
C ASP A 697 -18.79 12.64 -15.45
N ASP A 698 -18.68 11.68 -14.53
CA ASP A 698 -18.04 11.95 -13.24
C ASP A 698 -16.54 12.20 -13.37
N VAL A 699 -15.96 11.95 -14.54
CA VAL A 699 -14.55 12.21 -14.77
C VAL A 699 -14.40 13.58 -15.42
N LEU A 700 -15.33 13.92 -16.31
CA LEU A 700 -15.33 15.26 -16.90
C LEU A 700 -15.63 16.32 -15.84
N GLU A 701 -16.57 16.03 -14.93
CA GLU A 701 -16.86 16.96 -13.85
C GLU A 701 -15.65 17.13 -12.92
N LYS A 702 -14.79 16.12 -12.82
CA LYS A 702 -13.59 16.25 -11.99
C LYS A 702 -12.50 17.02 -12.74
N MET A 703 -12.33 16.76 -14.03
CA MET A 703 -11.34 17.49 -14.81
C MET A 703 -11.69 18.96 -14.93
N GLU A 704 -12.99 19.29 -14.97
CA GLU A 704 -13.40 20.69 -15.07
C GLU A 704 -13.05 21.45 -13.79
N GLN A 705 -13.17 20.80 -12.64
CA GLN A 705 -12.85 21.46 -11.38
C GLN A 705 -11.35 21.64 -11.21
N CYS A 706 -10.56 20.75 -11.81
CA CYS A 706 -9.11 20.78 -11.68
C CYS A 706 -8.44 21.77 -12.62
N GLY A 707 -9.21 22.64 -13.28
CA GLY A 707 -8.63 23.64 -14.16
C GLY A 707 -8.04 23.04 -15.43
N PHE A 708 -8.88 22.44 -16.26
CA PHE A 708 -8.46 21.83 -17.50
C PHE A 708 -9.07 22.48 -18.74
N PHE A 709 -10.26 23.04 -18.63
CA PHE A 709 -10.95 23.66 -19.78
C PHE A 709 -10.65 25.15 -19.77
N ASP A 710 -9.58 25.53 -20.47
CA ASP A 710 -9.22 26.93 -20.63
C ASP A 710 -9.86 27.48 -21.90
N ASP A 711 -9.43 28.67 -22.32
CA ASP A 711 -10.00 29.29 -23.51
C ASP A 711 -9.63 28.56 -24.79
N ASN A 712 -8.56 27.77 -24.78
CA ASN A 712 -8.13 27.04 -25.97
C ASN A 712 -8.58 25.59 -25.98
N ILE A 713 -8.57 24.93 -24.83
CA ILE A 713 -8.99 23.53 -24.72
C ILE A 713 -10.45 23.54 -24.31
N ARG A 714 -11.33 23.53 -25.29
CA ARG A 714 -12.77 23.55 -25.04
C ARG A 714 -13.30 22.11 -24.95
N LYS A 715 -14.60 21.99 -24.73
CA LYS A 715 -15.24 20.68 -24.64
C LYS A 715 -15.40 20.00 -26.00
N ASP A 716 -15.32 20.75 -27.10
CA ASP A 716 -15.46 20.15 -28.42
C ASP A 716 -14.39 19.10 -28.68
N ARG A 717 -13.28 19.16 -27.94
CA ARG A 717 -12.22 18.17 -28.11
C ARG A 717 -12.65 16.80 -27.62
N PHE A 718 -13.55 16.74 -26.64
CA PHE A 718 -14.04 15.48 -26.12
C PHE A 718 -15.20 14.96 -26.97
N PHE A 719 -15.37 13.64 -26.96
CA PHE A 719 -16.42 12.97 -27.71
C PHE A 719 -17.15 11.99 -26.79
N LEU A 720 -18.28 11.48 -27.28
CA LEU A 720 -19.10 10.54 -26.51
C LEU A 720 -18.68 9.09 -26.74
N THR A 721 -18.48 8.71 -28.00
CA THR A 721 -18.04 7.37 -28.35
C THR A 721 -16.76 7.44 -29.18
N VAL A 722 -16.18 6.27 -29.44
CA VAL A 722 -14.94 6.21 -30.21
C VAL A 722 -15.18 6.52 -31.68
N HIS A 723 -16.28 6.05 -32.24
CA HIS A 723 -16.56 6.27 -33.65
C HIS A 723 -16.96 7.71 -33.95
N ASP A 724 -17.48 8.44 -32.96
CA ASP A 724 -17.83 9.84 -33.18
C ASP A 724 -16.60 10.68 -33.48
N ALA A 725 -15.50 10.44 -32.78
CA ALA A 725 -14.27 11.18 -33.04
C ALA A 725 -13.74 10.89 -34.44
N ILE A 726 -13.77 9.62 -34.85
CA ILE A 726 -13.29 9.26 -36.19
C ILE A 726 -14.18 9.88 -37.26
N LEU A 727 -15.50 9.88 -37.04
CA LEU A 727 -16.41 10.48 -38.01
C LEU A 727 -16.19 11.98 -38.10
N HIS A 728 -15.99 12.64 -36.96
CA HIS A 728 -15.73 14.07 -36.96
C HIS A 728 -14.43 14.39 -37.69
N LEU A 729 -13.39 13.59 -37.46
CA LEU A 729 -12.12 13.80 -38.14
C LEU A 729 -12.26 13.60 -39.65
N GLN A 730 -12.99 12.56 -40.06
CA GLN A 730 -13.20 12.33 -41.49
C GLN A 730 -13.97 13.48 -42.13
N ASN A 731 -15.01 13.97 -41.45
CA ASN A 731 -15.78 15.09 -41.99
C ASN A 731 -14.95 16.36 -42.05
N GLN A 732 -14.08 16.58 -41.06
CA GLN A 732 -13.23 17.77 -41.07
C GLN A 732 -12.19 17.70 -42.19
N VAL A 733 -11.64 16.51 -42.43
CA VAL A 733 -10.70 16.35 -43.53
C VAL A 733 -11.40 16.52 -44.88
N LYS A 734 -12.62 16.01 -44.99
CA LYS A 734 -13.35 16.12 -46.26
C LYS A 734 -13.76 17.57 -46.52
N SER A 735 -14.18 18.30 -45.49
CA SER A 735 -14.60 19.68 -45.67
C SER A 735 -13.44 20.67 -45.64
N ARG A 736 -12.30 20.27 -45.10
CA ARG A 736 -11.13 21.15 -45.01
C ARG A 736 -9.90 20.33 -45.38
N GLU A 737 -9.33 20.60 -46.55
CA GLU A 737 -8.15 19.89 -47.01
C GLU A 737 -6.88 20.44 -46.36
N CYS B 18 -21.07 14.97 -38.53
CA CYS B 18 -22.31 15.24 -39.24
C CYS B 18 -23.36 14.18 -38.92
N SER B 19 -23.37 13.10 -39.69
CA SER B 19 -24.33 12.03 -39.53
C SER B 19 -23.62 10.78 -39.03
N TYR B 20 -24.08 10.24 -37.91
CA TYR B 20 -23.53 9.02 -37.31
C TYR B 20 -24.56 7.92 -37.48
N THR B 21 -24.39 7.12 -38.54
CA THR B 21 -25.30 6.04 -38.86
C THR B 21 -24.51 4.77 -39.13
N VAL B 22 -24.95 3.66 -38.56
CA VAL B 22 -24.32 2.36 -38.75
C VAL B 22 -25.40 1.33 -39.00
N SER B 23 -24.99 0.21 -39.61
CA SER B 23 -25.93 -0.89 -39.91
C SER B 23 -25.14 -2.18 -39.84
N ARG B 24 -25.22 -2.88 -38.72
CA ARG B 24 -24.51 -4.12 -38.48
C ARG B 24 -25.37 -5.03 -37.64
N PRO B 25 -25.20 -6.34 -37.77
CA PRO B 25 -25.93 -7.28 -36.91
C PRO B 25 -25.49 -7.16 -35.46
N VAL B 26 -26.24 -7.81 -34.58
CA VAL B 26 -25.96 -7.74 -33.14
C VAL B 26 -24.97 -8.84 -32.83
N TYR B 27 -23.69 -8.53 -33.01
CA TYR B 27 -22.61 -9.44 -32.66
C TYR B 27 -22.35 -9.35 -31.17
N SER B 28 -22.76 -10.36 -30.40
CA SER B 28 -22.63 -10.26 -28.96
C SER B 28 -21.23 -10.63 -28.49
N GLU B 29 -20.86 -11.90 -28.57
CA GLU B 29 -19.48 -12.29 -28.35
C GLU B 29 -19.00 -13.30 -29.39
N LEU B 30 -19.88 -14.22 -29.78
CA LEU B 30 -19.52 -15.30 -30.68
C LEU B 30 -19.90 -15.01 -32.13
N ALA B 31 -20.95 -14.23 -32.37
CA ALA B 31 -21.25 -13.79 -33.72
C ALA B 31 -20.16 -12.89 -34.28
N PHE B 32 -19.32 -12.33 -33.41
CA PHE B 32 -18.16 -11.53 -33.83
C PHE B 32 -16.86 -12.31 -33.81
N GLN B 33 -16.75 -13.34 -32.97
CA GLN B 33 -15.51 -14.08 -32.83
C GLN B 33 -15.30 -15.13 -33.92
N GLN B 34 -16.37 -15.56 -34.58
CA GLN B 34 -16.25 -16.62 -35.58
C GLN B 34 -15.53 -16.13 -36.83
N GLN B 35 -16.10 -15.13 -37.49
CA GLN B 35 -15.55 -14.65 -38.76
C GLN B 35 -14.40 -13.67 -38.58
N ARG B 36 -13.91 -13.47 -37.36
CA ARG B 36 -12.79 -12.58 -37.09
C ARG B 36 -11.59 -13.43 -36.67
N GLU B 37 -10.66 -13.63 -37.59
CA GLU B 37 -9.47 -14.42 -37.29
C GLU B 37 -8.51 -13.62 -36.43
N ARG B 38 -8.06 -14.21 -35.32
CA ARG B 38 -7.16 -13.52 -34.42
C ARG B 38 -5.72 -13.64 -34.91
N ARG B 39 -4.84 -12.89 -34.26
CA ARG B 39 -3.41 -12.94 -34.53
C ARG B 39 -2.73 -13.92 -33.58
N LEU B 40 -1.84 -14.73 -34.12
CA LEU B 40 -1.13 -15.69 -33.28
C LEU B 40 -0.18 -14.95 -32.34
N PRO B 41 -0.15 -15.31 -31.06
CA PRO B 41 0.76 -14.65 -30.13
C PRO B 41 2.22 -14.95 -30.48
N GLU B 42 3.09 -14.01 -30.12
CA GLU B 42 4.50 -14.17 -30.39
C GLU B 42 5.08 -15.27 -29.51
N ARG B 43 5.95 -16.09 -30.09
CA ARG B 43 6.57 -17.19 -29.35
C ARG B 43 7.52 -16.64 -28.30
N ARG B 44 7.48 -17.24 -27.11
CA ARG B 44 8.35 -16.81 -26.02
C ARG B 44 9.81 -17.01 -26.40
N THR B 45 10.22 -18.28 -26.56
CA THR B 45 11.57 -18.65 -26.98
C THR B 45 12.62 -17.96 -26.08
N LEU B 46 12.63 -18.40 -24.83
CA LEU B 46 13.51 -17.86 -23.80
C LEU B 46 14.97 -17.89 -24.23
N ARG B 47 15.35 -18.92 -25.01
CA ARG B 47 16.73 -19.03 -25.47
C ARG B 47 17.07 -17.90 -26.44
N ASP B 48 16.14 -17.55 -27.32
CA ASP B 48 16.40 -16.50 -28.29
C ASP B 48 16.14 -15.12 -27.71
N SER B 49 15.32 -15.03 -26.67
CA SER B 49 15.02 -13.73 -26.07
C SER B 49 16.25 -13.10 -25.45
N LEU B 50 17.01 -13.88 -24.68
CA LEU B 50 18.25 -13.37 -24.10
C LEU B 50 19.33 -13.18 -25.16
N ALA B 51 19.27 -13.94 -26.24
CA ALA B 51 20.27 -13.80 -27.31
C ALA B 51 20.01 -12.54 -28.13
N ARG B 52 18.75 -12.31 -28.49
CA ARG B 52 18.41 -11.12 -29.27
C ARG B 52 18.53 -9.84 -28.46
N SER B 53 18.40 -9.92 -27.14
CA SER B 53 18.54 -8.72 -26.31
C SER B 53 19.99 -8.26 -26.25
N CYS B 54 20.89 -9.15 -25.87
CA CYS B 54 22.32 -8.84 -25.80
C CYS B 54 22.87 -8.81 -27.22
N SER B 55 22.91 -7.63 -27.82
CA SER B 55 23.38 -7.47 -29.19
C SER B 55 24.90 -7.55 -29.25
N CYS B 56 25.41 -7.94 -30.41
CA CYS B 56 26.84 -8.08 -30.64
C CYS B 56 27.40 -7.04 -31.61
N SER B 57 26.54 -6.35 -32.36
CA SER B 57 27.00 -5.38 -33.33
C SER B 57 27.67 -4.19 -32.62
N ARG B 58 28.46 -3.44 -33.40
CA ARG B 58 29.16 -2.30 -32.84
C ARG B 58 28.23 -1.17 -32.46
N LYS B 59 27.01 -1.14 -33.00
CA LYS B 59 26.06 -0.08 -32.65
C LYS B 59 25.61 -0.20 -31.20
N ARG B 60 25.50 -1.43 -30.69
CA ARG B 60 25.09 -1.61 -29.30
C ARG B 60 26.18 -1.15 -28.34
N ALA B 61 27.46 -1.36 -28.71
CA ALA B 61 28.55 -0.93 -27.85
C ALA B 61 28.67 0.58 -27.83
N PHE B 62 28.42 1.23 -28.97
CA PHE B 62 28.50 2.69 -29.02
C PHE B 62 27.29 3.32 -28.33
N GLY B 63 26.16 2.62 -28.31
CA GLY B 63 24.97 3.18 -27.69
C GLY B 63 25.04 3.21 -26.18
N VAL B 64 25.63 2.17 -25.58
CA VAL B 64 25.70 2.11 -24.12
C VAL B 64 26.77 3.06 -23.60
N VAL B 65 27.83 3.31 -24.38
CA VAL B 65 28.87 4.22 -23.93
C VAL B 65 28.41 5.67 -24.07
N LYS B 66 27.70 5.99 -25.14
CA LYS B 66 27.20 7.34 -25.32
C LYS B 66 26.18 7.72 -24.25
N THR B 67 25.35 6.76 -23.85
CA THR B 67 24.34 7.04 -22.82
C THR B 67 24.96 7.08 -21.42
N LEU B 68 25.86 6.16 -21.12
CA LEU B 68 26.46 6.12 -19.78
C LEU B 68 27.36 7.32 -19.52
N LEU B 69 28.08 7.78 -20.55
CA LEU B 69 28.96 8.94 -20.46
C LEU B 69 28.47 10.00 -21.44
N PRO B 70 27.50 10.82 -21.03
CA PRO B 70 26.95 11.83 -21.95
C PRO B 70 27.88 13.00 -22.22
N ILE B 71 29.09 13.02 -21.66
CA ILE B 71 30.00 14.13 -21.90
C ILE B 71 30.47 14.12 -23.36
N LEU B 72 30.56 12.94 -23.98
CA LEU B 72 31.03 12.85 -25.35
C LEU B 72 30.00 13.35 -26.37
N ASP B 73 28.87 13.90 -25.93
CA ASP B 73 27.84 14.39 -26.83
C ASP B 73 27.92 15.90 -26.99
N TRP B 74 27.85 16.65 -25.88
CA TRP B 74 27.85 18.10 -25.94
C TRP B 74 29.24 18.70 -26.03
N LEU B 75 30.29 17.91 -25.85
CA LEU B 75 31.66 18.41 -25.93
C LEU B 75 32.13 18.59 -27.37
N PRO B 76 31.94 17.62 -28.26
CA PRO B 76 32.41 17.82 -29.65
C PRO B 76 31.67 18.92 -30.39
N LYS B 77 30.38 19.11 -30.11
CA LYS B 77 29.59 20.13 -30.79
C LYS B 77 29.54 21.45 -30.03
N TYR B 78 30.59 21.78 -29.27
CA TYR B 78 30.60 22.98 -28.46
C TYR B 78 30.61 24.23 -29.35
N ARG B 79 30.40 25.38 -28.71
CA ARG B 79 30.29 26.68 -29.36
C ARG B 79 31.20 27.69 -28.66
N VAL B 80 32.48 27.32 -28.51
CA VAL B 80 33.49 28.07 -27.76
C VAL B 80 33.43 29.57 -28.05
N LYS B 81 33.06 29.93 -29.28
CA LYS B 81 33.01 31.34 -29.67
C LYS B 81 32.08 32.14 -28.76
N GLU B 82 30.88 31.62 -28.52
CA GLU B 82 29.90 32.31 -27.70
C GLU B 82 29.55 31.59 -26.41
N TRP B 83 29.74 30.27 -26.35
CA TRP B 83 29.37 29.53 -25.14
C TRP B 83 30.39 29.75 -24.03
N LEU B 84 31.68 29.80 -24.37
CA LEU B 84 32.71 29.97 -23.35
C LEU B 84 32.61 31.33 -22.68
N LEU B 85 32.13 32.34 -23.41
CA LEU B 85 32.00 33.68 -22.83
C LEU B 85 30.85 33.71 -21.82
N SER B 86 29.81 32.92 -22.05
CA SER B 86 28.68 32.92 -21.12
C SER B 86 28.93 31.99 -19.94
N ASP B 87 29.87 31.05 -20.08
CA ASP B 87 30.15 30.12 -19.00
C ASP B 87 31.17 30.70 -18.03
N ILE B 88 32.08 31.54 -18.52
CA ILE B 88 33.10 32.11 -17.65
C ILE B 88 32.49 33.17 -16.74
N ILE B 89 31.42 33.82 -17.19
CA ILE B 89 30.77 34.83 -16.36
C ILE B 89 29.79 34.17 -15.39
N SER B 90 29.21 33.04 -15.80
CA SER B 90 28.29 32.33 -14.90
C SER B 90 29.06 31.42 -13.95
N GLY B 91 30.25 30.97 -14.34
CA GLY B 91 31.02 30.11 -13.46
C GLY B 91 31.55 30.85 -12.24
N VAL B 92 32.08 32.05 -12.44
CA VAL B 92 32.58 32.84 -11.31
C VAL B 92 31.40 33.38 -10.49
N SER B 93 30.22 33.51 -11.12
CA SER B 93 29.05 33.95 -10.38
C SER B 93 28.54 32.86 -9.44
N THR B 94 28.36 31.66 -9.95
CA THR B 94 27.92 30.54 -9.11
C THR B 94 29.02 30.04 -8.20
N GLY B 95 30.29 30.28 -8.55
CA GLY B 95 31.38 29.87 -7.67
C GLY B 95 31.36 30.60 -6.35
N LEU B 96 30.99 31.89 -6.37
CA LEU B 96 30.89 32.65 -5.14
C LEU B 96 29.65 32.24 -4.35
N VAL B 97 28.54 31.97 -5.05
CA VAL B 97 27.33 31.52 -4.38
C VAL B 97 27.48 30.08 -3.92
N GLY B 98 28.23 29.27 -4.69
CA GLY B 98 28.40 27.87 -4.32
C GLY B 98 29.27 27.68 -3.10
N THR B 99 30.33 28.48 -2.98
CA THR B 99 31.23 28.33 -1.84
C THR B 99 30.59 28.85 -0.56
N LEU B 100 29.60 29.72 -0.67
CA LEU B 100 28.91 30.22 0.52
C LEU B 100 27.79 29.28 0.93
N GLN B 101 26.95 28.87 -0.03
CA GLN B 101 25.90 27.90 0.28
C GLN B 101 26.47 26.55 0.64
N GLY B 102 27.64 26.20 0.10
CA GLY B 102 28.26 24.93 0.45
C GLY B 102 28.71 24.89 1.90
N MET B 103 29.31 25.98 2.38
CA MET B 103 29.77 26.03 3.76
C MET B 103 28.63 26.35 4.72
N ALA B 104 27.55 26.98 4.24
CA ALA B 104 26.42 27.28 5.11
C ALA B 104 25.59 26.03 5.39
N TYR B 105 25.39 25.18 4.38
CA TYR B 105 24.65 23.95 4.58
C TYR B 105 25.42 22.92 5.39
N ALA B 106 26.71 23.17 5.63
CA ALA B 106 27.49 22.25 6.46
C ALA B 106 27.03 22.27 7.91
N LEU B 107 26.47 23.38 8.36
CA LEU B 107 25.97 23.46 9.72
C LEU B 107 24.74 22.58 9.93
N LEU B 108 23.94 22.38 8.88
CA LEU B 108 22.79 21.50 8.96
C LEU B 108 23.17 20.03 9.04
N ALA B 109 24.41 19.68 8.68
CA ALA B 109 24.88 18.30 8.72
C ALA B 109 25.77 18.03 9.93
N ALA B 110 25.87 18.97 10.87
CA ALA B 110 26.67 18.85 12.09
C ALA B 110 28.15 18.66 11.81
N VAL B 111 28.59 18.87 10.57
CA VAL B 111 30.00 18.74 10.20
C VAL B 111 30.66 20.11 10.26
N PRO B 112 31.98 20.20 10.38
CA PRO B 112 32.64 21.51 10.37
C PRO B 112 32.42 22.23 9.05
N VAL B 113 32.78 23.52 9.05
CA VAL B 113 32.58 24.33 7.85
C VAL B 113 33.59 23.97 6.78
N GLN B 114 34.68 23.31 7.14
CA GLN B 114 35.68 22.90 6.16
C GLN B 114 35.13 21.87 5.19
N PHE B 115 34.43 20.86 5.70
CA PHE B 115 33.91 19.80 4.84
C PHE B 115 32.71 20.23 4.02
N GLY B 116 32.20 21.44 4.25
CA GLY B 116 31.12 21.95 3.42
C GLY B 116 31.59 22.30 2.02
N LEU B 117 32.79 22.87 1.91
CA LEU B 117 33.33 23.21 0.60
C LEU B 117 33.74 21.95 -0.16
N TYR B 118 34.08 20.88 0.56
CA TYR B 118 34.45 19.63 -0.10
C TYR B 118 33.27 19.03 -0.83
N SER B 119 32.06 19.19 -0.27
CA SER B 119 30.86 18.68 -0.94
C SER B 119 30.43 19.57 -2.11
N ALA B 120 31.11 20.69 -2.33
CA ALA B 120 30.80 21.56 -3.45
C ALA B 120 31.83 21.48 -4.56
N PHE B 121 32.95 20.79 -4.34
CA PHE B 121 34.01 20.68 -5.33
C PHE B 121 34.08 19.29 -5.94
N PHE B 122 34.13 18.26 -5.10
CA PHE B 122 34.26 16.90 -5.61
C PHE B 122 33.04 16.41 -6.39
N PRO B 123 31.80 16.62 -5.92
CA PRO B 123 30.65 16.16 -6.73
C PRO B 123 30.57 16.82 -8.10
N ILE B 124 31.06 18.04 -8.25
CA ILE B 124 31.03 18.70 -9.56
C ILE B 124 31.95 18.00 -10.53
N LEU B 125 33.12 17.55 -10.05
CA LEU B 125 34.06 16.84 -10.92
C LEU B 125 33.48 15.53 -11.41
N THR B 126 32.77 14.79 -10.54
CA THR B 126 32.17 13.53 -10.94
C THR B 126 30.94 13.75 -11.80
N TYR B 127 30.13 14.77 -11.49
CA TYR B 127 28.96 15.09 -12.29
C TYR B 127 29.37 15.95 -13.48
N PHE B 128 30.40 15.52 -14.19
CA PHE B 128 30.85 16.17 -15.42
C PHE B 128 31.00 15.18 -16.56
N VAL B 129 31.43 13.95 -16.29
CA VAL B 129 31.56 12.92 -17.30
C VAL B 129 30.44 11.89 -17.24
N PHE B 130 29.60 11.94 -16.20
CA PHE B 130 28.47 11.03 -16.08
C PHE B 130 27.12 11.72 -16.13
N GLY B 131 27.06 13.03 -15.93
CA GLY B 131 25.78 13.72 -15.95
C GLY B 131 25.20 13.86 -17.34
N THR B 132 23.86 13.89 -17.38
CA THR B 132 23.15 14.00 -18.65
C THR B 132 22.35 15.30 -18.72
N SER B 133 22.75 16.31 -17.97
CA SER B 133 22.09 17.61 -17.95
C SER B 133 23.08 18.69 -18.31
N ARG B 134 22.56 19.92 -18.47
CA ARG B 134 23.38 21.07 -18.82
C ARG B 134 23.14 22.29 -17.94
N HIS B 135 22.00 22.39 -17.26
CA HIS B 135 21.71 23.54 -16.42
C HIS B 135 21.47 23.12 -14.97
N ILE B 136 22.33 22.24 -14.44
CA ILE B 136 22.22 21.74 -13.08
C ILE B 136 23.54 21.94 -12.37
N SER B 137 23.51 22.59 -11.22
CA SER B 137 24.69 22.85 -10.39
C SER B 137 24.64 21.89 -9.21
N VAL B 138 25.39 20.80 -9.32
CA VAL B 138 25.39 19.78 -8.27
C VAL B 138 26.13 20.32 -7.04
N GLY B 139 25.55 20.10 -5.86
CA GLY B 139 26.15 20.54 -4.62
C GLY B 139 25.31 20.17 -3.42
N PRO B 140 25.48 20.90 -2.32
CA PRO B 140 24.67 20.64 -1.13
C PRO B 140 23.21 21.05 -1.32
N PHE B 141 22.38 20.78 -0.31
CA PHE B 141 20.97 21.13 -0.36
C PHE B 141 20.46 21.28 1.05
N PRO B 142 19.63 22.28 1.34
CA PRO B 142 19.20 22.49 2.74
C PRO B 142 18.37 21.34 3.30
N VAL B 143 17.44 20.80 2.52
CA VAL B 143 16.61 19.70 3.00
C VAL B 143 17.42 18.42 3.10
N VAL B 144 18.29 18.18 2.11
CA VAL B 144 19.07 16.95 2.10
C VAL B 144 20.11 16.96 3.21
N SER B 145 20.79 18.10 3.41
CA SER B 145 21.79 18.18 4.47
C SER B 145 21.15 18.05 5.85
N LEU B 146 19.89 18.45 5.99
CA LEU B 146 19.20 18.29 7.26
C LEU B 146 18.97 16.82 7.58
N MET B 147 18.55 16.03 6.58
CA MET B 147 18.35 14.61 6.78
C MET B 147 19.67 13.91 7.08
N VAL B 148 20.77 14.40 6.50
CA VAL B 148 22.09 13.85 6.80
C VAL B 148 22.47 14.15 8.24
N GLY B 149 22.29 15.40 8.66
CA GLY B 149 22.63 15.77 10.03
C GLY B 149 21.65 15.24 11.05
N SER B 150 20.45 14.85 10.61
CA SER B 150 19.45 14.32 11.54
C SER B 150 19.89 12.98 12.11
N VAL B 151 20.49 12.12 11.27
CA VAL B 151 20.94 10.82 11.74
C VAL B 151 22.28 10.90 12.45
N VAL B 152 23.06 11.96 12.20
CA VAL B 152 24.33 12.11 12.89
C VAL B 152 24.11 12.40 14.36
N LEU B 153 23.12 13.24 14.67
CA LEU B 153 22.81 13.55 16.06
C LEU B 153 22.27 12.32 16.80
N SER B 154 21.52 11.46 16.09
CA SER B 154 20.97 10.28 16.74
C SER B 154 22.00 9.16 16.86
N MET B 155 22.94 9.08 15.92
CA MET B 155 23.97 8.04 15.95
C MET B 155 25.22 8.48 16.70
N ALA B 156 25.46 9.79 16.84
CA ALA B 156 26.61 10.29 17.57
C ALA B 156 26.22 11.56 18.33
N PRO B 157 25.46 11.45 19.41
CA PRO B 157 25.03 12.66 20.13
C PRO B 157 26.16 13.34 20.88
N ASP B 158 25.86 14.49 21.49
CA ASP B 158 26.89 15.24 22.20
C ASP B 158 27.21 14.64 23.55
N ASP B 159 26.24 13.99 24.20
CA ASP B 159 26.46 13.39 25.51
C ASP B 159 27.21 12.07 25.45
N HIS B 160 27.82 11.72 24.32
CA HIS B 160 28.59 10.50 24.18
C HIS B 160 30.08 10.76 24.00
N PHE B 161 30.53 12.00 24.17
CA PHE B 161 31.93 12.33 23.98
C PHE B 161 32.53 13.23 25.05
N LEU B 162 31.78 13.64 26.06
CA LEU B 162 32.30 14.53 27.08
C LEU B 162 33.36 13.84 27.93
N VAL B 163 34.62 14.21 27.74
CA VAL B 163 35.72 13.59 28.49
C VAL B 163 35.90 14.33 29.81
N PRO B 164 35.98 13.64 30.95
CA PRO B 164 36.18 14.32 32.24
C PRO B 164 37.63 14.72 32.42
N SER B 165 37.90 16.01 32.28
CA SER B 165 39.25 16.56 32.44
C SER B 165 39.16 18.07 32.52
N GLY B 166 39.98 18.67 33.39
CA GLY B 166 40.02 20.11 33.51
C GLY B 166 39.84 20.63 34.92
N ASN B 167 40.04 19.75 35.91
CA ASN B 167 39.98 20.08 37.34
C ASN B 167 38.79 20.97 37.68
N GLY B 168 37.57 20.44 37.52
CA GLY B 168 36.36 21.19 37.75
C GLY B 168 36.13 21.60 39.19
N SER B 169 34.92 22.10 39.49
CA SER B 169 34.63 22.65 40.81
C SER B 169 34.42 21.54 41.84
N ALA B 170 33.38 20.73 41.64
CA ALA B 170 33.05 19.67 42.59
C ALA B 170 33.26 18.28 42.01
N LEU B 171 32.64 17.98 40.87
CA LEU B 171 32.79 16.69 40.22
C LEU B 171 33.87 16.77 39.15
N ASN B 172 34.01 15.70 38.36
CA ASN B 172 34.97 15.70 37.28
C ASN B 172 34.58 16.72 36.22
N SER B 173 35.58 17.40 35.66
CA SER B 173 35.35 18.47 34.69
C SER B 173 34.95 17.85 33.35
N THR B 174 33.64 17.62 33.20
CA THR B 174 33.09 17.06 31.97
C THR B 174 32.64 18.21 31.08
N THR B 175 33.62 18.90 30.51
CA THR B 175 33.36 20.04 29.64
C THR B 175 33.10 19.57 28.21
N LEU B 176 33.05 20.53 27.29
CA LEU B 176 32.83 20.21 25.89
C LEU B 176 34.04 19.50 25.31
N ASP B 177 33.79 18.69 24.26
CA ASP B 177 34.83 17.89 23.62
C ASP B 177 35.29 18.51 22.29
N THR B 178 35.40 19.83 22.24
CA THR B 178 35.88 20.51 21.04
C THR B 178 37.23 19.95 20.62
N GLY B 179 37.31 19.48 19.38
CA GLY B 179 38.49 18.78 18.91
C GLY B 179 38.15 17.53 18.13
N THR B 180 38.56 16.37 18.65
CA THR B 180 38.33 15.10 17.96
C THR B 180 36.85 14.72 17.89
N ARG B 181 35.95 15.55 18.43
CA ARG B 181 34.52 15.23 18.37
C ARG B 181 34.02 15.24 16.93
N ASP B 182 34.52 16.15 16.10
CA ASP B 182 34.05 16.25 14.72
C ASP B 182 34.46 15.04 13.90
N ALA B 183 35.56 14.39 14.29
CA ALA B 183 36.03 13.23 13.54
C ALA B 183 35.01 12.10 13.58
N ALA B 184 34.26 11.98 14.68
CA ALA B 184 33.21 10.96 14.76
C ALA B 184 32.05 11.30 13.85
N ARG B 185 31.77 12.60 13.68
CA ARG B 185 30.67 13.01 12.83
C ARG B 185 31.06 13.00 11.36
N VAL B 186 32.32 13.34 11.06
CA VAL B 186 32.78 13.37 9.67
C VAL B 186 32.85 11.96 9.11
N LEU B 187 33.45 11.03 9.86
CA LEU B 187 33.51 9.64 9.41
C LEU B 187 32.12 9.02 9.30
N LEU B 188 31.19 9.48 10.14
CA LEU B 188 29.82 8.99 10.06
C LEU B 188 29.12 9.52 8.81
N ALA B 189 29.40 10.77 8.45
CA ALA B 189 28.79 11.34 7.24
C ALA B 189 29.38 10.72 5.98
N SER B 190 30.63 10.27 6.04
CA SER B 190 31.25 9.63 4.87
C SER B 190 30.61 8.27 4.61
N THR B 191 30.34 7.50 5.67
CA THR B 191 29.68 6.21 5.49
C THR B 191 28.25 6.39 5.02
N LEU B 192 27.56 7.43 5.51
CA LEU B 192 26.21 7.70 5.05
C LEU B 192 26.20 8.13 3.59
N THR B 193 27.21 8.90 3.17
CA THR B 193 27.28 9.34 1.79
C THR B 193 27.52 8.16 0.85
N LEU B 194 28.36 7.22 1.26
CA LEU B 194 28.65 6.06 0.41
C LEU B 194 27.43 5.16 0.28
N LEU B 195 26.68 4.96 1.36
CA LEU B 195 25.51 4.11 1.31
C LEU B 195 24.42 4.71 0.43
N VAL B 196 24.27 6.04 0.46
CA VAL B 196 23.31 6.70 -0.42
C VAL B 196 23.74 6.56 -1.88
N GLY B 197 25.04 6.67 -2.14
CA GLY B 197 25.53 6.51 -3.50
C GLY B 197 25.33 5.10 -4.04
N ILE B 198 25.45 4.10 -3.16
CA ILE B 198 25.25 2.73 -3.58
C ILE B 198 23.78 2.49 -3.93
N ILE B 199 22.86 3.00 -3.13
CA ILE B 199 21.44 2.82 -3.39
C ILE B 199 21.05 3.47 -4.71
N GLN B 200 21.62 4.64 -5.01
CA GLN B 200 21.34 5.30 -6.28
C GLN B 200 21.91 4.51 -7.45
N LEU B 201 23.06 3.86 -7.25
CA LEU B 201 23.60 2.99 -8.30
C LEU B 201 22.80 1.72 -8.45
N VAL B 202 22.22 1.22 -7.36
CA VAL B 202 21.36 0.04 -7.45
C VAL B 202 20.12 0.34 -8.27
N PHE B 203 19.49 1.49 -8.01
CA PHE B 203 18.32 1.88 -8.80
C PHE B 203 18.69 2.16 -10.25
N GLY B 204 19.91 2.63 -10.50
CA GLY B 204 20.34 2.87 -11.86
C GLY B 204 20.86 1.62 -12.54
N GLY B 205 21.56 0.78 -11.78
CA GLY B 205 22.08 -0.46 -12.35
C GLY B 205 21.00 -1.45 -12.69
N LEU B 206 20.05 -1.64 -11.77
CA LEU B 206 18.93 -2.56 -12.00
C LEU B 206 17.86 -1.98 -12.92
N GLN B 207 18.07 -0.77 -13.45
CA GLN B 207 17.13 -0.11 -14.36
C GLN B 207 15.76 0.10 -13.73
N ILE B 208 15.70 0.18 -12.40
CA ILE B 208 14.43 0.41 -11.70
C ILE B 208 14.37 1.91 -11.40
N GLY B 209 13.53 2.61 -12.14
CA GLY B 209 13.38 4.04 -11.97
C GLY B 209 11.97 4.46 -11.62
N PHE B 210 11.03 3.52 -11.69
CA PHE B 210 9.64 3.80 -11.37
C PHE B 210 9.38 3.94 -9.88
N ILE B 211 10.38 3.64 -9.04
CA ILE B 211 10.19 3.75 -7.60
C ILE B 211 10.05 5.18 -7.13
N VAL B 212 10.55 6.15 -7.89
CA VAL B 212 10.43 7.56 -7.55
C VAL B 212 9.14 8.17 -8.09
N ARG B 213 8.35 7.41 -8.85
CA ARG B 213 7.07 7.91 -9.31
C ARG B 213 6.04 7.99 -8.20
N TYR B 214 6.29 7.31 -7.07
CA TYR B 214 5.36 7.36 -5.94
C TYR B 214 5.40 8.69 -5.22
N LEU B 215 6.45 9.49 -5.43
CA LEU B 215 6.55 10.81 -4.81
C LEU B 215 5.71 11.78 -5.63
N ALA B 216 4.42 11.84 -5.31
CA ALA B 216 3.49 12.69 -6.01
C ALA B 216 3.80 14.16 -5.74
N ASP B 217 3.11 15.04 -6.48
CA ASP B 217 3.30 16.47 -6.28
C ASP B 217 2.84 16.93 -4.89
N PRO B 218 1.68 16.54 -4.37
CA PRO B 218 1.36 16.92 -2.98
C PRO B 218 2.25 16.24 -1.96
N LEU B 219 2.78 15.06 -2.28
CA LEU B 219 3.66 14.36 -1.35
C LEU B 219 5.00 15.08 -1.22
N VAL B 220 5.63 15.37 -2.36
CA VAL B 220 6.90 16.09 -2.31
C VAL B 220 6.68 17.56 -1.96
N GLY B 221 5.47 18.07 -2.20
CA GLY B 221 5.18 19.44 -1.82
C GLY B 221 5.00 19.61 -0.32
N GLY B 222 4.27 18.69 0.30
CA GLY B 222 4.09 18.75 1.74
C GLY B 222 5.32 18.34 2.50
N PHE B 223 6.17 17.51 1.89
CA PHE B 223 7.40 17.09 2.56
C PHE B 223 8.41 18.22 2.62
N THR B 224 8.63 18.92 1.51
CA THR B 224 9.57 20.04 1.50
C THR B 224 9.05 21.21 2.32
N THR B 225 7.72 21.36 2.41
CA THR B 225 7.16 22.43 3.24
C THR B 225 7.42 22.17 4.71
N ALA B 226 7.13 20.95 5.19
CA ALA B 226 7.37 20.63 6.58
C ALA B 226 8.87 20.56 6.88
N ALA B 227 9.68 20.19 5.88
CA ALA B 227 11.13 20.19 6.07
C ALA B 227 11.65 21.61 6.21
N ALA B 228 10.97 22.58 5.60
CA ALA B 228 11.38 23.97 5.73
C ALA B 228 11.21 24.47 7.17
N PHE B 229 10.22 23.92 7.88
CA PHE B 229 10.05 24.29 9.29
C PHE B 229 11.20 23.75 10.13
N GLN B 230 11.60 22.50 9.91
CA GLN B 230 12.70 21.94 10.68
C GLN B 230 14.02 22.64 10.35
N VAL B 231 14.18 23.09 9.12
CA VAL B 231 15.34 23.91 8.78
C VAL B 231 15.27 25.25 9.49
N LEU B 232 14.07 25.84 9.53
CA LEU B 232 13.91 27.12 10.22
C LEU B 232 14.22 27.00 11.70
N VAL B 233 13.75 25.93 12.35
CA VAL B 233 14.00 25.75 13.78
C VAL B 233 15.47 25.45 14.03
N SER B 234 16.09 24.64 13.17
CA SER B 234 17.50 24.30 13.35
C SER B 234 18.39 25.52 13.14
N GLN B 235 18.12 26.29 12.09
CA GLN B 235 18.93 27.48 11.84
C GLN B 235 18.65 28.58 12.85
N LEU B 236 17.47 28.59 13.46
CA LEU B 236 17.16 29.58 14.50
C LEU B 236 18.01 29.36 15.73
N LYS B 237 18.41 28.10 15.98
CA LYS B 237 19.29 27.81 17.11
C LYS B 237 20.66 28.44 16.92
N ILE B 238 21.13 28.50 15.67
CA ILE B 238 22.43 29.11 15.40
C ILE B 238 22.35 30.63 15.48
N VAL B 239 21.24 31.20 15.03
CA VAL B 239 21.07 32.65 15.09
C VAL B 239 21.02 33.12 16.54
N LEU B 240 20.19 32.47 17.35
CA LEU B 240 20.09 32.83 18.76
C LEU B 240 21.32 32.38 19.55
N ASN B 241 22.12 31.48 18.99
CA ASN B 241 23.34 30.97 19.64
C ASN B 241 23.01 30.33 20.98
N VAL B 242 22.14 29.33 20.95
CA VAL B 242 21.76 28.58 22.13
C VAL B 242 22.17 27.12 21.95
N SER B 243 22.24 26.40 23.06
CA SER B 243 22.64 25.00 23.08
C SER B 243 21.46 24.16 23.55
N THR B 244 20.92 23.34 22.65
CA THR B 244 19.83 22.44 22.98
C THR B 244 20.38 21.09 23.44
N LYS B 245 19.51 20.10 23.58
CA LYS B 245 19.91 18.78 24.04
C LYS B 245 19.79 17.74 22.93
N ASN B 246 20.02 18.18 21.69
CA ASN B 246 19.96 17.33 20.48
C ASN B 246 18.81 16.34 20.52
N TYR B 247 17.60 16.88 20.75
CA TYR B 247 16.41 16.04 20.77
C TYR B 247 16.14 15.46 19.39
N ASN B 248 16.00 14.13 19.34
CA ASN B 248 15.75 13.43 18.09
C ASN B 248 14.79 12.28 18.35
N GLY B 249 14.06 11.89 17.30
CA GLY B 249 13.10 10.81 17.42
C GLY B 249 11.69 11.23 17.09
N ILE B 250 10.80 11.19 18.08
CA ILE B 250 9.41 11.58 17.92
C ILE B 250 9.24 13.00 18.47
N LEU B 251 8.57 13.84 17.71
CA LEU B 251 8.37 15.26 18.07
C LEU B 251 9.70 15.95 18.33
N SER B 252 10.69 15.65 17.47
CA SER B 252 12.02 16.23 17.64
C SER B 252 11.99 17.74 17.43
N ILE B 253 11.23 18.20 16.43
CA ILE B 253 11.14 19.63 16.17
C ILE B 253 10.33 20.32 17.27
N ILE B 254 9.29 19.65 17.77
CA ILE B 254 8.46 20.24 18.82
C ILE B 254 9.25 20.34 20.12
N TYR B 255 10.03 19.30 20.44
CA TYR B 255 10.78 19.31 21.69
C TYR B 255 11.90 20.35 21.65
N THR B 256 12.61 20.45 20.52
CA THR B 256 13.71 21.42 20.43
C THR B 256 13.19 22.85 20.31
N LEU B 257 11.92 23.02 19.92
CA LEU B 257 11.36 24.37 19.83
C LEU B 257 11.00 24.91 21.21
N ILE B 258 10.50 24.04 22.09
CA ILE B 258 10.16 24.46 23.45
C ILE B 258 11.43 24.82 24.21
N GLU B 259 12.50 24.04 24.02
CA GLU B 259 13.75 24.30 24.72
C GLU B 259 14.36 25.64 24.30
N ILE B 260 14.14 26.06 23.06
CA ILE B 260 14.64 27.37 22.61
C ILE B 260 13.90 28.48 23.35
N PHE B 261 12.57 28.36 23.46
CA PHE B 261 11.79 29.36 24.18
C PHE B 261 12.14 29.38 25.66
N GLN B 262 12.55 28.24 26.21
CA GLN B 262 12.97 28.22 27.62
C GLN B 262 14.37 28.80 27.81
N ASN B 263 15.17 28.82 26.74
CA ASN B 263 16.53 29.33 26.80
C ASN B 263 16.68 30.69 26.10
N ILE B 264 15.62 31.50 26.11
CA ILE B 264 15.71 32.83 25.50
C ILE B 264 16.66 33.72 26.29
N GLY B 265 16.70 33.54 27.61
CA GLY B 265 17.60 34.36 28.42
C GLY B 265 19.06 34.18 28.08
N ASP B 266 19.45 32.97 27.67
CA ASP B 266 20.83 32.70 27.28
C ASP B 266 21.05 32.90 25.79
N THR B 267 20.66 34.08 25.29
CA THR B 267 20.82 34.41 23.88
C THR B 267 22.08 35.23 23.68
N ASN B 268 22.27 35.75 22.47
CA ASN B 268 23.41 36.61 22.15
C ASN B 268 22.87 37.80 21.36
N ILE B 269 22.91 38.99 21.98
CA ILE B 269 22.40 40.18 21.31
C ILE B 269 23.26 40.56 20.12
N ALA B 270 24.54 40.19 20.14
CA ALA B 270 25.41 40.48 19.01
C ALA B 270 25.07 39.60 17.80
N ASP B 271 24.70 38.34 18.07
CA ASP B 271 24.36 37.43 16.98
C ASP B 271 22.93 37.63 16.51
N PHE B 272 22.03 38.02 17.42
CA PHE B 272 20.63 38.19 17.05
C PHE B 272 20.44 39.44 16.19
N ILE B 273 21.00 40.56 16.62
CA ILE B 273 20.86 41.80 15.85
C ILE B 273 21.52 41.66 14.49
N ALA B 274 22.74 41.12 14.46
CA ALA B 274 23.42 40.91 13.18
C ALA B 274 22.75 39.83 12.36
N GLY B 275 22.13 38.86 13.03
CA GLY B 275 21.44 37.81 12.30
C GLY B 275 20.10 38.27 11.75
N LEU B 276 19.36 39.06 12.52
CA LEU B 276 18.07 39.55 12.04
C LEU B 276 18.24 40.62 10.98
N LEU B 277 19.34 41.37 11.03
CA LEU B 277 19.56 42.44 10.07
C LEU B 277 19.76 41.88 8.66
N THR B 278 20.59 40.86 8.51
CA THR B 278 20.83 40.29 7.19
C THR B 278 19.62 39.52 6.69
N ILE B 279 18.72 39.11 7.59
CA ILE B 279 17.49 38.45 7.17
C ILE B 279 16.61 39.43 6.39
N ILE B 280 16.44 40.64 6.94
CA ILE B 280 15.60 41.64 6.28
C ILE B 280 16.24 42.12 5.00
N VAL B 281 17.57 42.29 5.01
CA VAL B 281 18.26 42.79 3.83
C VAL B 281 18.22 41.77 2.70
N CYS B 282 18.54 40.51 3.01
CA CYS B 282 18.57 39.49 1.97
C CYS B 282 17.17 39.20 1.42
N MET B 283 16.16 39.29 2.28
CA MET B 283 14.80 39.03 1.83
C MET B 283 14.28 40.17 0.97
N ALA B 284 14.61 41.41 1.33
CA ALA B 284 14.12 42.56 0.58
C ALA B 284 14.75 42.63 -0.81
N VAL B 285 16.07 42.44 -0.89
CA VAL B 285 16.75 42.52 -2.18
C VAL B 285 16.29 41.39 -3.10
N LYS B 286 16.13 40.19 -2.54
CA LYS B 286 15.68 39.06 -3.35
C LYS B 286 14.26 39.28 -3.85
N GLU B 287 13.39 39.82 -3.00
CA GLU B 287 12.01 40.09 -3.42
C GLU B 287 11.95 41.25 -4.41
N LEU B 288 12.79 42.26 -4.20
CA LEU B 288 12.80 43.41 -5.10
C LEU B 288 13.35 43.04 -6.47
N ASN B 289 14.40 42.22 -6.50
CA ASN B 289 14.99 41.83 -7.78
C ASN B 289 14.08 40.87 -8.54
N ASP B 290 13.30 40.06 -7.82
CA ASP B 290 12.42 39.11 -8.49
C ASP B 290 11.25 39.81 -9.17
N ARG B 291 10.64 40.78 -8.49
CA ARG B 291 9.52 41.50 -9.06
C ARG B 291 9.95 42.39 -10.22
N PHE B 292 10.91 43.29 -9.95
CA PHE B 292 11.42 44.21 -10.97
C PHE B 292 12.52 43.52 -11.80
N LYS B 293 12.10 42.48 -12.53
CA LYS B 293 13.03 41.75 -13.37
C LYS B 293 13.23 42.42 -14.72
N HIS B 294 12.26 43.24 -15.14
CA HIS B 294 12.32 43.87 -16.46
C HIS B 294 13.39 44.95 -16.57
N ARG B 295 14.01 45.34 -15.45
CA ARG B 295 15.05 46.36 -15.48
C ARG B 295 16.45 45.79 -15.33
N ILE B 296 16.62 44.74 -14.54
CA ILE B 296 17.92 44.10 -14.33
C ILE B 296 17.75 42.61 -14.58
N PRO B 297 18.25 42.11 -15.72
CA PRO B 297 18.07 40.67 -15.99
C PRO B 297 18.95 39.78 -15.12
N VAL B 298 20.21 40.16 -14.90
CA VAL B 298 21.13 39.36 -14.10
C VAL B 298 20.78 39.51 -12.62
N PRO B 299 20.47 38.43 -11.92
CA PRO B 299 20.15 38.54 -10.49
C PRO B 299 21.37 38.98 -9.70
N ILE B 300 21.19 40.03 -8.90
CA ILE B 300 22.26 40.56 -8.06
C ILE B 300 22.60 39.53 -6.98
N PRO B 301 23.86 39.12 -6.85
CA PRO B 301 24.22 38.15 -5.81
C PRO B 301 24.17 38.77 -4.42
N ILE B 302 22.96 38.88 -3.86
CA ILE B 302 22.79 39.48 -2.54
C ILE B 302 23.44 38.61 -1.46
N GLU B 303 23.44 37.29 -1.65
CA GLU B 303 24.07 36.41 -0.67
C GLU B 303 25.56 36.66 -0.59
N VAL B 304 26.19 37.01 -1.71
CA VAL B 304 27.64 37.20 -1.73
C VAL B 304 28.01 38.54 -1.12
N ILE B 305 27.29 39.60 -1.48
CA ILE B 305 27.66 40.93 -1.02
C ILE B 305 27.36 41.09 0.47
N VAL B 306 26.37 40.37 0.99
CA VAL B 306 26.04 40.47 2.41
C VAL B 306 27.04 39.69 3.25
N THR B 307 27.75 38.73 2.63
CA THR B 307 28.74 37.96 3.39
C THR B 307 30.07 38.69 3.47
N ILE B 308 30.46 39.35 2.38
CA ILE B 308 31.74 40.08 2.37
C ILE B 308 31.67 41.25 3.33
N ILE B 309 30.55 41.96 3.36
CA ILE B 309 30.41 43.09 4.28
C ILE B 309 30.29 42.61 5.72
N ALA B 310 29.81 41.38 5.92
CA ALA B 310 29.71 40.84 7.27
C ALA B 310 31.08 40.48 7.83
N THR B 311 31.96 39.94 6.99
CA THR B 311 33.30 39.60 7.44
C THR B 311 34.14 40.85 7.69
N ALA B 312 33.89 41.92 6.92
CA ALA B 312 34.66 43.15 7.09
C ALA B 312 34.33 43.82 8.41
N ILE B 313 33.03 43.90 8.74
CA ILE B 313 32.62 44.50 10.01
C ILE B 313 33.08 43.64 11.18
N SER B 314 32.99 42.31 11.02
CA SER B 314 33.38 41.42 12.11
C SER B 314 34.89 41.40 12.29
N TYR B 315 35.66 41.81 11.28
CA TYR B 315 37.11 41.83 11.40
C TYR B 315 37.61 43.11 12.06
N GLY B 316 36.92 44.23 11.84
CA GLY B 316 37.30 45.48 12.46
C GLY B 316 37.17 45.44 13.97
N ALA B 317 35.94 45.29 14.46
CA ALA B 317 35.70 45.16 15.89
C ALA B 317 35.81 43.70 16.30
N ASN B 318 36.45 43.45 17.44
CA ASN B 318 36.65 42.09 17.94
C ASN B 318 35.34 41.60 18.56
N LEU B 319 34.44 41.13 17.68
CA LEU B 319 33.16 40.62 18.16
C LEU B 319 33.31 39.33 18.93
N GLU B 320 34.39 38.58 18.69
CA GLU B 320 34.61 37.32 19.40
C GLU B 320 34.97 37.57 20.86
N LYS B 321 35.78 38.59 21.12
CA LYS B 321 36.23 38.87 22.48
C LYS B 321 35.34 39.90 23.18
N ASN B 322 35.05 41.03 22.51
CA ASN B 322 34.29 42.08 23.15
C ASN B 322 32.81 41.72 23.24
N TYR B 323 32.20 41.35 22.12
CA TYR B 323 30.77 41.04 22.07
C TYR B 323 30.48 39.56 22.24
N ASN B 324 31.52 38.72 22.35
CA ASN B 324 31.37 37.28 22.55
C ASN B 324 30.50 36.65 21.45
N ALA B 325 30.68 37.10 20.21
CA ALA B 325 29.92 36.55 19.10
C ALA B 325 30.41 35.16 18.74
N GLY B 326 29.60 34.45 17.96
CA GLY B 326 29.95 33.12 17.52
C GLY B 326 30.49 33.09 16.10
N ILE B 327 31.80 32.93 15.97
CA ILE B 327 32.47 32.90 14.68
C ILE B 327 32.96 31.48 14.40
N VAL B 328 33.44 31.27 13.18
CA VAL B 328 33.93 29.95 12.79
C VAL B 328 35.32 29.71 13.37
N LYS B 329 36.29 30.54 12.96
CA LYS B 329 37.69 30.50 13.42
C LYS B 329 38.27 29.08 13.42
N SER B 330 37.80 28.22 12.53
CA SER B 330 38.27 26.84 12.49
C SER B 330 38.50 26.36 11.06
N ILE B 331 38.91 27.25 10.18
CA ILE B 331 39.18 26.89 8.79
C ILE B 331 40.67 26.62 8.62
N PRO B 332 41.08 25.36 8.41
CA PRO B 332 42.51 25.08 8.22
C PRO B 332 43.03 25.49 6.86
N SER B 333 42.17 25.67 5.87
CA SER B 333 42.54 26.08 4.51
C SER B 333 43.55 25.11 3.90
N GLY B 334 43.09 23.88 3.73
CA GLY B 334 43.91 22.84 3.13
C GLY B 334 43.08 21.62 2.80
N PHE B 335 43.70 20.73 2.02
CA PHE B 335 43.05 19.48 1.63
C PHE B 335 43.40 18.39 2.64
N LEU B 336 43.06 17.15 2.31
CA LEU B 336 43.35 16.00 3.17
C LEU B 336 43.38 14.76 2.31
N PRO B 337 44.21 13.77 2.64
CA PRO B 337 44.24 12.53 1.87
C PRO B 337 42.93 11.78 1.98
N PRO B 338 42.58 10.98 0.98
CA PRO B 338 41.31 10.24 1.03
C PRO B 338 41.34 9.21 2.15
N VAL B 339 40.18 9.05 2.81
CA VAL B 339 40.02 8.15 3.94
C VAL B 339 39.00 7.09 3.56
N LEU B 340 39.34 5.83 3.80
CA LEU B 340 38.43 4.74 3.50
C LEU B 340 37.21 4.82 4.42
N PRO B 341 36.00 4.64 3.88
CA PRO B 341 34.80 4.71 4.72
C PRO B 341 34.76 3.57 5.73
N SER B 342 34.23 3.87 6.92
CA SER B 342 34.12 2.89 7.97
C SER B 342 32.97 1.92 7.68
N VAL B 343 33.25 0.88 6.90
CA VAL B 343 32.22 -0.09 6.57
C VAL B 343 31.80 -0.85 7.83
N GLY B 344 30.49 -1.06 7.97
CA GLY B 344 29.96 -1.73 9.14
C GLY B 344 28.79 -1.01 9.75
N LEU B 345 28.51 0.19 9.25
CA LEU B 345 27.41 1.02 9.74
C LEU B 345 26.24 1.05 8.75
N PHE B 346 26.27 0.22 7.71
CA PHE B 346 25.18 0.22 6.74
C PHE B 346 23.93 -0.47 7.28
N SER B 347 24.10 -1.31 8.30
CA SER B 347 22.95 -2.03 8.86
C SER B 347 22.02 -1.10 9.63
N ASP B 348 22.58 -0.21 10.45
CA ASP B 348 21.76 0.70 11.25
C ASP B 348 21.41 1.98 10.51
N MET B 349 21.91 2.16 9.28
CA MET B 349 21.58 3.34 8.48
C MET B 349 20.92 2.98 7.16
N LEU B 350 20.41 1.75 7.02
CA LEU B 350 19.79 1.35 5.76
C LEU B 350 18.46 2.06 5.54
N ALA B 351 17.63 2.12 6.59
CA ALA B 351 16.33 2.76 6.48
C ALA B 351 16.48 4.27 6.32
N ALA B 352 17.53 4.83 6.90
CA ALA B 352 17.74 6.28 6.81
C ALA B 352 18.28 6.67 5.44
N SER B 353 19.17 5.84 4.87
CA SER B 353 19.76 6.17 3.58
C SER B 353 18.75 6.05 2.45
N PHE B 354 17.76 5.16 2.62
CA PHE B 354 16.75 4.99 1.58
C PHE B 354 15.90 6.25 1.42
N SER B 355 15.65 6.95 2.52
CA SER B 355 14.87 8.18 2.45
C SER B 355 15.68 9.33 1.86
N ILE B 356 17.00 9.33 2.10
CA ILE B 356 17.85 10.39 1.58
C ILE B 356 18.16 10.16 0.11
N ALA B 357 18.31 8.90 -0.29
CA ALA B 357 18.66 8.59 -1.67
C ALA B 357 17.50 8.85 -2.61
N VAL B 358 16.27 8.78 -2.10
CA VAL B 358 15.10 8.95 -2.98
C VAL B 358 14.76 10.43 -3.13
N VAL B 359 15.08 11.25 -2.11
CA VAL B 359 14.80 12.68 -2.22
C VAL B 359 15.92 13.39 -2.97
N ALA B 360 17.13 12.85 -2.92
CA ALA B 360 18.24 13.44 -3.68
C ALA B 360 18.01 13.27 -5.18
N TYR B 361 17.33 12.20 -5.57
CA TYR B 361 17.05 11.99 -6.98
C TYR B 361 15.76 12.69 -7.40
N ALA B 362 14.78 12.75 -6.50
CA ALA B 362 13.51 13.38 -6.83
C ALA B 362 13.68 14.87 -7.07
N ILE B 363 14.42 15.56 -6.18
CA ILE B 363 14.66 16.99 -6.36
C ILE B 363 15.55 17.23 -7.58
N ALA B 364 16.47 16.30 -7.86
CA ALA B 364 17.35 16.45 -9.01
C ALA B 364 16.55 16.43 -10.31
N VAL B 365 15.61 15.49 -10.42
CA VAL B 365 14.79 15.42 -11.63
C VAL B 365 13.77 16.56 -11.65
N SER B 366 13.25 16.93 -10.49
CA SER B 366 12.26 18.01 -10.44
C SER B 366 12.85 19.33 -10.91
N VAL B 367 14.00 19.72 -10.36
CA VAL B 367 14.64 20.96 -10.79
C VAL B 367 15.19 20.79 -12.20
N GLY B 368 15.63 19.59 -12.56
CA GLY B 368 16.19 19.38 -13.88
C GLY B 368 15.17 19.51 -14.99
N LYS B 369 13.98 18.93 -14.80
CA LYS B 369 12.97 18.97 -15.84
C LYS B 369 12.41 20.38 -16.02
N VAL B 370 12.46 21.20 -14.98
CA VAL B 370 11.97 22.58 -15.09
C VAL B 370 12.85 23.36 -16.06
N TYR B 371 14.16 23.29 -15.88
CA TYR B 371 15.11 23.95 -16.77
C TYR B 371 15.38 23.17 -18.04
N ALA B 372 14.72 22.03 -18.24
CA ALA B 372 14.84 21.25 -19.46
C ALA B 372 13.77 21.60 -20.49
N THR B 373 12.52 21.79 -20.05
CA THR B 373 11.47 22.20 -20.98
C THR B 373 11.59 23.66 -21.38
N LYS B 374 12.36 24.45 -20.63
CA LYS B 374 12.57 25.85 -21.01
C LYS B 374 13.64 25.97 -22.09
N HIS B 375 14.68 25.14 -22.02
CA HIS B 375 15.75 25.14 -23.00
C HIS B 375 15.56 24.07 -24.07
N ASP B 376 14.51 23.25 -23.94
CA ASP B 376 14.14 22.24 -24.94
C ASP B 376 15.29 21.25 -25.16
N TYR B 377 15.61 20.52 -24.10
CA TYR B 377 16.53 19.39 -24.18
C TYR B 377 16.05 18.30 -23.24
N VAL B 378 16.22 17.06 -23.66
CA VAL B 378 15.72 15.90 -22.94
C VAL B 378 16.78 15.42 -21.97
N ILE B 379 16.37 15.16 -20.73
CA ILE B 379 17.25 14.67 -19.68
C ILE B 379 16.92 13.20 -19.44
N ASP B 380 17.96 12.36 -19.47
CA ASP B 380 17.76 10.93 -19.24
C ASP B 380 17.39 10.68 -17.77
N GLY B 381 16.49 9.73 -17.56
CA GLY B 381 16.03 9.42 -16.23
C GLY B 381 16.94 8.49 -15.45
N ASN B 382 17.25 7.33 -16.04
CA ASN B 382 18.08 6.36 -15.35
C ASN B 382 19.53 6.81 -15.26
N GLN B 383 19.95 7.73 -16.13
CA GLN B 383 21.32 8.20 -16.11
C GLN B 383 21.60 9.08 -14.89
N GLU B 384 20.61 9.83 -14.43
CA GLU B 384 20.80 10.66 -13.24
C GLU B 384 21.05 9.81 -12.00
N PHE B 385 20.51 8.59 -11.98
CA PHE B 385 20.81 7.67 -10.89
C PHE B 385 22.28 7.26 -10.91
N ILE B 386 22.83 7.01 -12.10
CA ILE B 386 24.23 6.64 -12.22
C ILE B 386 25.12 7.86 -12.00
N ALA B 387 24.67 9.03 -12.49
CA ALA B 387 25.48 10.24 -12.37
C ALA B 387 25.63 10.65 -10.91
N PHE B 388 24.51 10.83 -10.19
CA PHE B 388 24.58 11.18 -8.78
C PHE B 388 25.05 10.00 -7.94
N GLY B 389 24.90 8.78 -8.46
CA GLY B 389 25.38 7.62 -7.71
C GLY B 389 26.88 7.61 -7.55
N ILE B 390 27.62 7.76 -8.66
CA ILE B 390 29.07 7.80 -8.59
C ILE B 390 29.53 9.07 -7.89
N SER B 391 28.74 10.14 -7.98
CA SER B 391 29.11 11.40 -7.32
C SER B 391 29.13 11.23 -5.80
N ASN B 392 28.08 10.62 -5.25
CA ASN B 392 28.05 10.39 -3.81
C ASN B 392 29.07 9.36 -3.37
N VAL B 393 29.38 8.38 -4.23
CA VAL B 393 30.41 7.41 -3.90
C VAL B 393 31.79 8.07 -3.91
N PHE B 394 32.06 8.88 -4.94
CA PHE B 394 33.34 9.60 -4.99
C PHE B 394 33.43 10.64 -3.87
N SER B 395 32.29 11.17 -3.42
CA SER B 395 32.30 12.13 -2.32
C SER B 395 32.56 11.44 -0.99
N GLY B 396 32.15 10.17 -0.87
CA GLY B 396 32.38 9.44 0.37
C GLY B 396 33.85 9.18 0.64
N PHE B 397 34.67 9.12 -0.42
CA PHE B 397 36.11 8.92 -0.27
C PHE B 397 36.85 10.21 0.07
N PHE B 398 36.15 11.33 0.24
CA PHE B 398 36.79 12.60 0.55
C PHE B 398 36.03 13.34 1.65
N SER B 399 35.29 12.61 2.50
CA SER B 399 34.62 13.17 3.66
C SER B 399 33.63 14.27 3.26
N CYS B 400 32.59 13.87 2.52
CA CYS B 400 31.54 14.77 2.09
C CYS B 400 30.19 14.16 2.43
N PHE B 401 29.13 14.94 2.23
CA PHE B 401 27.77 14.49 2.44
C PHE B 401 27.04 14.39 1.09
N VAL B 402 25.74 14.06 1.17
CA VAL B 402 24.97 13.81 -0.03
C VAL B 402 24.88 15.08 -0.88
N ALA B 403 25.10 14.92 -2.18
CA ALA B 403 25.07 16.02 -3.13
C ALA B 403 23.73 16.06 -3.86
N THR B 404 23.24 17.26 -4.12
CA THR B 404 21.99 17.48 -4.83
C THR B 404 22.13 18.75 -5.65
N THR B 405 21.00 19.31 -6.08
CA THR B 405 20.98 20.56 -6.83
C THR B 405 19.98 21.51 -6.19
N ALA B 406 20.46 22.64 -5.70
CA ALA B 406 19.57 23.63 -5.09
C ALA B 406 18.89 24.48 -6.16
N LEU B 407 17.60 24.73 -5.96
CA LEU B 407 16.85 25.53 -6.93
C LEU B 407 17.37 26.97 -6.98
N SER B 408 17.82 27.51 -5.85
CA SER B 408 18.35 28.86 -5.83
C SER B 408 19.69 28.95 -6.54
N ARG B 409 20.59 27.99 -6.25
CA ARG B 409 21.90 27.99 -6.91
C ARG B 409 21.78 27.65 -8.39
N THR B 410 20.79 26.84 -8.76
CA THR B 410 20.62 26.48 -10.17
C THR B 410 20.17 27.68 -10.99
N ALA B 411 19.30 28.52 -10.44
CA ALA B 411 18.79 29.67 -11.17
C ALA B 411 19.87 30.70 -11.47
N VAL B 412 20.99 30.66 -10.75
CA VAL B 412 22.04 31.64 -10.96
C VAL B 412 22.76 31.39 -12.28
N GLN B 413 23.17 30.14 -12.52
CA GLN B 413 23.89 29.81 -13.75
C GLN B 413 23.01 29.85 -14.99
N GLU B 414 21.69 29.74 -14.82
CA GLU B 414 20.77 29.77 -15.96
C GLU B 414 20.33 31.18 -16.33
N SER B 415 20.01 32.02 -15.34
CA SER B 415 19.60 33.38 -15.63
C SER B 415 20.77 34.22 -16.15
N THR B 416 21.94 34.07 -15.55
CA THR B 416 23.11 34.81 -16.00
C THR B 416 23.66 34.28 -17.32
N GLY B 417 23.16 33.14 -17.80
CA GLY B 417 23.64 32.58 -19.04
C GLY B 417 24.39 31.28 -18.86
N GLY B 418 23.73 30.16 -19.16
CA GLY B 418 24.35 28.86 -19.05
C GLY B 418 23.92 27.92 -20.16
N LYS B 419 24.88 27.29 -20.83
CA LYS B 419 24.59 26.41 -21.94
C LYS B 419 24.93 24.95 -21.67
N THR B 420 26.07 24.68 -21.03
CA THR B 420 26.50 23.32 -20.73
C THR B 420 27.02 23.26 -19.29
N GLN B 421 27.67 22.15 -18.96
CA GLN B 421 28.24 21.96 -17.63
C GLN B 421 29.59 22.64 -17.48
N VAL B 422 30.05 23.40 -18.48
CA VAL B 422 31.32 24.11 -18.36
C VAL B 422 31.22 25.17 -17.27
N ALA B 423 30.08 25.85 -17.18
CA ALA B 423 29.88 26.83 -16.12
C ALA B 423 29.96 26.18 -14.74
N GLY B 424 29.51 24.93 -14.64
CA GLY B 424 29.65 24.21 -13.38
C GLY B 424 31.08 23.86 -13.06
N LEU B 425 31.86 23.48 -14.08
CA LEU B 425 33.27 23.18 -13.85
C LEU B 425 34.05 24.44 -13.48
N ILE B 426 33.73 25.57 -14.10
CA ILE B 426 34.35 26.83 -13.72
C ILE B 426 33.93 27.22 -12.31
N SER B 427 32.69 26.91 -11.92
CA SER B 427 32.26 27.16 -10.55
C SER B 427 33.05 26.34 -9.54
N ALA B 428 33.57 25.18 -9.95
CA ALA B 428 34.40 24.38 -9.06
C ALA B 428 35.81 24.97 -8.92
N VAL B 429 36.26 25.73 -9.92
CA VAL B 429 37.57 26.37 -9.82
C VAL B 429 37.55 27.44 -8.74
N ILE B 430 36.44 28.16 -8.62
CA ILE B 430 36.30 29.15 -7.55
C ILE B 430 36.29 28.45 -6.19
N VAL B 431 35.63 27.29 -6.11
CA VAL B 431 35.66 26.51 -4.89
C VAL B 431 37.04 25.89 -4.69
N MET B 432 37.74 25.59 -5.78
CA MET B 432 39.09 25.03 -5.67
C MET B 432 40.04 26.01 -4.99
N VAL B 433 40.04 27.27 -5.42
CA VAL B 433 40.88 28.28 -4.78
C VAL B 433 40.33 28.67 -3.43
N ALA B 434 39.06 28.37 -3.14
CA ALA B 434 38.48 28.67 -1.85
C ALA B 434 38.87 27.64 -0.79
N ILE B 435 39.71 26.66 -1.15
CA ILE B 435 40.15 25.67 -0.18
C ILE B 435 41.63 25.82 0.11
N VAL B 436 42.43 26.17 -0.89
CA VAL B 436 43.88 26.21 -0.74
C VAL B 436 44.32 27.61 -0.29
N ALA B 437 43.85 28.65 -0.97
CA ALA B 437 44.29 30.01 -0.70
C ALA B 437 43.19 30.86 -0.07
N LEU B 438 42.03 30.96 -0.74
CA LEU B 438 40.92 31.75 -0.21
C LEU B 438 40.28 31.01 0.95
N GLY B 439 39.84 31.75 1.97
CA GLY B 439 39.21 31.15 3.12
C GLY B 439 39.66 31.74 4.43
N ARG B 440 40.88 32.28 4.45
CA ARG B 440 41.40 32.91 5.66
C ARG B 440 40.64 34.19 6.01
N LEU B 441 40.08 34.87 5.02
CA LEU B 441 39.30 36.07 5.30
C LEU B 441 37.96 35.74 5.92
N LEU B 442 37.45 34.53 5.71
CA LEU B 442 36.20 34.08 6.31
C LEU B 442 36.37 33.59 7.75
N GLU B 443 37.53 33.83 8.35
CA GLU B 443 37.76 33.40 9.73
C GLU B 443 36.82 34.08 10.73
N PRO B 444 36.70 35.41 10.74
CA PRO B 444 35.80 36.06 11.72
C PRO B 444 34.34 36.10 11.29
N LEU B 445 33.94 35.34 10.28
CA LEU B 445 32.55 35.33 9.84
C LEU B 445 31.66 34.71 10.91
N GLN B 446 30.60 35.42 11.27
CA GLN B 446 29.67 34.92 12.28
C GLN B 446 28.86 33.76 11.73
N LYS B 447 28.60 32.76 12.57
CA LYS B 447 27.77 31.63 12.17
C LYS B 447 26.32 32.04 11.94
N SER B 448 25.89 33.17 12.52
CA SER B 448 24.53 33.63 12.32
C SER B 448 24.30 34.18 10.92
N VAL B 449 25.36 34.62 10.23
CA VAL B 449 25.21 35.11 8.86
C VAL B 449 24.99 33.95 7.91
N LEU B 450 25.76 32.87 8.07
CA LEU B 450 25.55 31.69 7.24
C LEU B 450 24.21 31.03 7.54
N ALA B 451 23.79 31.07 8.81
CA ALA B 451 22.50 30.51 9.19
C ALA B 451 21.32 31.39 8.78
N ALA B 452 21.59 32.58 8.24
CA ALA B 452 20.53 33.49 7.80
C ALA B 452 20.25 33.41 6.32
N VAL B 453 21.29 33.20 5.50
CA VAL B 453 21.06 33.07 4.05
C VAL B 453 20.31 31.80 3.74
N VAL B 454 20.36 30.81 4.63
CA VAL B 454 19.58 29.59 4.43
C VAL B 454 18.10 29.86 4.69
N ILE B 455 17.81 30.65 5.73
CA ILE B 455 16.42 30.99 6.05
C ILE B 455 15.81 31.84 4.95
N ALA B 456 16.61 32.70 4.31
CA ALA B 456 16.10 33.54 3.25
C ALA B 456 15.65 32.71 2.05
N ASN B 457 16.33 31.58 1.80
CA ASN B 457 15.94 30.71 0.70
C ASN B 457 14.72 29.85 1.04
N LEU B 458 14.32 29.82 2.31
CA LEU B 458 13.14 29.04 2.71
C LEU B 458 11.83 29.68 2.26
N LYS B 459 11.88 30.88 1.68
CA LYS B 459 10.65 31.52 1.20
C LYS B 459 10.01 30.72 0.08
N GLY B 460 10.83 30.07 -0.75
CA GLY B 460 10.28 29.28 -1.84
C GLY B 460 9.46 28.10 -1.37
N MET B 461 9.86 27.50 -0.25
CA MET B 461 9.12 26.36 0.29
C MET B 461 8.04 26.79 1.27
N PHE B 462 8.23 27.94 1.92
CA PHE B 462 7.21 28.44 2.84
C PHE B 462 5.97 28.91 2.08
N MET B 463 6.13 29.36 0.84
CA MET B 463 4.99 29.78 0.04
C MET B 463 4.24 28.60 -0.57
N GLN B 464 4.72 27.37 -0.36
CA GLN B 464 4.02 26.21 -0.91
C GLN B 464 2.73 25.92 -0.14
N VAL B 465 2.55 26.53 1.03
CA VAL B 465 1.32 26.33 1.79
C VAL B 465 0.12 26.96 1.09
N CYS B 466 0.36 27.90 0.18
CA CYS B 466 -0.71 28.62 -0.50
C CYS B 466 -1.42 27.79 -1.56
N ASP B 467 -1.12 26.49 -1.68
CA ASP B 467 -1.78 25.63 -2.64
C ASP B 467 -2.79 24.69 -2.02
N VAL B 468 -2.86 24.62 -0.68
CA VAL B 468 -3.82 23.74 -0.04
C VAL B 468 -5.26 24.18 -0.31
N PRO B 469 -5.62 25.45 -0.21
CA PRO B 469 -6.97 25.85 -0.64
C PRO B 469 -7.23 25.59 -2.11
N ARG B 470 -6.19 25.66 -2.95
CA ARG B 470 -6.37 25.34 -4.37
C ARG B 470 -6.57 23.85 -4.57
N LEU B 471 -5.81 23.01 -3.86
CA LEU B 471 -5.98 21.57 -3.97
C LEU B 471 -7.31 21.12 -3.37
N TRP B 472 -7.84 21.86 -2.41
CA TRP B 472 -9.13 21.49 -1.82
C TRP B 472 -10.26 21.69 -2.82
N LYS B 473 -10.23 22.80 -3.57
CA LYS B 473 -11.20 22.99 -4.63
C LYS B 473 -10.98 21.99 -5.75
N GLN B 474 -9.73 21.59 -5.98
CA GLN B 474 -9.41 20.50 -6.90
C GLN B 474 -9.62 19.16 -6.21
N ASN B 475 -9.08 18.09 -6.77
CA ASN B 475 -9.18 16.76 -6.18
C ASN B 475 -8.85 16.80 -4.69
N LYS B 476 -9.83 16.46 -3.86
CA LYS B 476 -9.66 16.59 -2.42
C LYS B 476 -8.74 15.52 -1.85
N THR B 477 -8.68 14.35 -2.48
CA THR B 477 -7.81 13.28 -1.98
C THR B 477 -6.34 13.69 -2.04
N ASP B 478 -5.97 14.50 -3.02
CA ASP B 478 -4.59 14.98 -3.09
C ASP B 478 -4.32 16.07 -2.07
N ALA B 479 -5.36 16.81 -1.67
CA ALA B 479 -5.18 17.82 -0.64
C ALA B 479 -4.98 17.18 0.73
N VAL B 480 -5.53 15.98 0.94
CA VAL B 480 -5.33 15.27 2.20
C VAL B 480 -3.91 14.72 2.28
N ILE B 481 -3.39 14.21 1.16
CA ILE B 481 -2.03 13.67 1.15
C ILE B 481 -1.02 14.77 1.47
N TRP B 482 -1.28 16.00 1.00
CA TRP B 482 -0.39 17.11 1.30
C TRP B 482 -0.36 17.42 2.79
N VAL B 483 -1.55 17.53 3.40
CA VAL B 483 -1.63 17.83 4.83
C VAL B 483 -1.12 16.65 5.66
N PHE B 484 -1.41 15.42 5.23
CA PHE B 484 -0.96 14.26 5.96
C PHE B 484 0.56 14.16 5.95
N THR B 485 1.18 14.37 4.78
CA THR B 485 2.64 14.30 4.70
C THR B 485 3.29 15.43 5.47
N CYS B 486 2.70 16.63 5.42
CA CYS B 486 3.28 17.76 6.14
C CYS B 486 3.20 17.57 7.64
N ILE B 487 2.12 16.97 8.14
CA ILE B 487 1.97 16.77 9.58
C ILE B 487 2.78 15.57 10.04
N MET B 488 2.72 14.47 9.30
CA MET B 488 3.40 13.25 9.73
C MET B 488 4.92 13.39 9.66
N SER B 489 5.42 14.25 8.77
CA SER B 489 6.85 14.54 8.71
C SER B 489 7.29 15.55 9.75
N ILE B 490 6.42 15.91 10.69
CA ILE B 490 6.77 16.76 11.81
C ILE B 490 6.74 16.00 13.13
N ILE B 491 5.78 15.08 13.27
CA ILE B 491 5.66 14.33 14.52
C ILE B 491 6.78 13.31 14.65
N LEU B 492 6.84 12.35 13.73
CA LEU B 492 7.83 11.27 13.78
C LEU B 492 8.94 11.58 12.79
N GLY B 493 9.89 12.42 13.21
CA GLY B 493 11.06 12.76 12.43
C GLY B 493 10.73 13.33 11.05
N LEU B 494 11.78 13.39 10.23
CA LEU B 494 11.66 13.84 8.85
C LEU B 494 11.82 12.72 7.83
N ASP B 495 12.72 11.77 8.08
CA ASP B 495 12.88 10.64 7.17
C ASP B 495 11.76 9.62 7.35
N LEU B 496 11.32 9.40 8.60
CA LEU B 496 10.20 8.50 8.84
C LEU B 496 8.89 9.08 8.34
N GLY B 497 8.79 10.42 8.26
CA GLY B 497 7.58 11.03 7.74
C GLY B 497 7.41 10.82 6.25
N LEU B 498 8.54 10.65 5.54
CA LEU B 498 8.46 10.41 4.10
C LEU B 498 7.89 9.01 3.82
N LEU B 499 8.34 8.00 4.56
CA LEU B 499 7.81 6.66 4.39
C LEU B 499 6.34 6.59 4.76
N ALA B 500 5.91 7.38 5.77
CA ALA B 500 4.51 7.42 6.14
C ALA B 500 3.67 8.14 5.09
N GLY B 501 4.29 8.93 4.21
CA GLY B 501 3.57 9.60 3.14
C GLY B 501 3.47 8.75 1.90
N LEU B 502 4.53 7.99 1.62
CA LEU B 502 4.51 7.09 0.46
C LEU B 502 3.47 5.99 0.64
N LEU B 503 3.38 5.42 1.85
CA LEU B 503 2.40 4.38 2.11
C LEU B 503 0.99 4.95 2.13
N PHE B 504 0.82 6.17 2.64
CA PHE B 504 -0.51 6.79 2.67
C PHE B 504 -0.97 7.17 1.27
N ALA B 505 -0.05 7.62 0.42
CA ALA B 505 -0.41 7.96 -0.95
C ALA B 505 -0.82 6.72 -1.74
N LEU B 506 -0.10 5.61 -1.57
CA LEU B 506 -0.48 4.37 -2.21
C LEU B 506 -1.78 3.83 -1.63
N LEU B 507 -2.00 4.04 -0.33
CA LEU B 507 -3.25 3.62 0.29
C LEU B 507 -4.44 4.39 -0.26
N THR B 508 -4.23 5.68 -0.59
CA THR B 508 -5.31 6.46 -1.17
C THR B 508 -5.68 5.97 -2.56
N VAL B 509 -4.71 5.45 -3.30
CA VAL B 509 -5.00 4.86 -4.61
C VAL B 509 -5.84 3.60 -4.46
N VAL B 510 -5.55 2.80 -3.43
CA VAL B 510 -6.33 1.59 -3.19
C VAL B 510 -7.75 1.96 -2.74
N LEU B 511 -7.89 3.03 -1.96
CA LEU B 511 -9.21 3.45 -1.51
C LEU B 511 -10.03 4.01 -2.66
N ARG B 512 -9.39 4.60 -3.67
CA ARG B 512 -10.11 5.11 -4.82
C ARG B 512 -10.53 4.01 -5.79
N VAL B 513 -9.84 2.87 -5.78
CA VAL B 513 -10.26 1.74 -6.60
C VAL B 513 -11.08 0.72 -5.82
N GLN B 514 -11.22 0.89 -4.51
CA GLN B 514 -12.05 0.00 -3.70
C GLN B 514 -13.46 0.54 -3.53
N PHE B 515 -13.63 1.86 -3.52
CA PHE B 515 -14.93 2.52 -3.41
C PHE B 515 -15.15 3.33 -4.69
N PRO B 516 -15.63 2.67 -5.75
CA PRO B 516 -15.79 3.37 -7.04
C PRO B 516 -17.00 4.28 -7.08
N SER B 517 -17.25 4.86 -8.24
CA SER B 517 -18.42 5.72 -8.46
C SER B 517 -19.33 5.00 -9.44
N TRP B 518 -20.18 4.13 -8.92
CA TRP B 518 -21.14 3.37 -9.73
C TRP B 518 -22.37 4.22 -10.00
N ASN B 519 -23.04 3.92 -11.12
CA ASN B 519 -24.17 4.73 -11.56
C ASN B 519 -25.37 3.88 -11.93
N GLY B 520 -26.42 4.52 -12.44
CA GLY B 520 -27.65 3.87 -12.82
C GLY B 520 -27.94 4.01 -14.30
N LEU B 521 -26.94 3.73 -15.12
CA LEU B 521 -26.94 4.00 -16.56
C LEU B 521 -28.30 3.74 -17.20
N GLY B 522 -28.79 4.73 -17.94
CA GLY B 522 -30.03 4.61 -18.68
C GLY B 522 -29.81 4.96 -20.15
N SER B 523 -30.89 4.85 -20.91
CA SER B 523 -30.86 5.05 -22.35
C SER B 523 -31.41 6.42 -22.73
N VAL B 524 -30.75 7.05 -23.70
CA VAL B 524 -31.22 8.31 -24.26
C VAL B 524 -32.19 7.98 -25.39
N PRO B 525 -33.36 8.63 -25.45
CA PRO B 525 -34.36 8.25 -26.45
C PRO B 525 -33.87 8.46 -27.88
N SER B 526 -34.24 7.52 -28.75
CA SER B 526 -33.98 7.58 -30.19
C SER B 526 -32.49 7.57 -30.52
N THR B 527 -31.63 7.18 -29.58
CA THR B 527 -30.19 7.11 -29.81
C THR B 527 -29.68 5.82 -29.18
N ASP B 528 -28.35 5.68 -29.13
CA ASP B 528 -27.72 4.52 -28.55
C ASP B 528 -26.71 4.87 -27.47
N ILE B 529 -26.61 6.13 -27.08
CA ILE B 529 -25.67 6.57 -26.06
C ILE B 529 -26.33 6.40 -24.69
N TYR B 530 -25.58 5.87 -23.74
CA TYR B 530 -26.08 5.61 -22.40
C TYR B 530 -25.36 6.51 -21.40
N LYS B 531 -26.13 7.25 -20.63
CA LYS B 531 -25.59 8.16 -19.61
C LYS B 531 -26.15 7.78 -18.25
N SER B 532 -25.55 8.34 -17.21
CA SER B 532 -25.96 8.04 -15.84
C SER B 532 -27.32 8.67 -15.54
N ILE B 533 -28.12 7.95 -14.74
CA ILE B 533 -29.44 8.44 -14.36
C ILE B 533 -29.37 9.47 -13.24
N THR B 534 -28.29 9.51 -12.48
CA THR B 534 -28.12 10.49 -11.41
C THR B 534 -27.60 11.83 -11.91
N HIS B 535 -27.31 11.95 -13.20
CA HIS B 535 -26.83 13.20 -13.78
C HIS B 535 -27.78 13.82 -14.78
N TYR B 536 -28.56 13.03 -15.50
CA TYR B 536 -29.53 13.52 -16.46
C TYR B 536 -30.94 13.08 -16.05
N LYS B 537 -31.92 13.88 -16.46
CA LYS B 537 -33.31 13.66 -16.07
C LYS B 537 -34.11 12.92 -17.13
N ASN B 538 -34.04 13.38 -18.39
CA ASN B 538 -34.85 12.80 -19.46
C ASN B 538 -34.15 11.58 -20.07
N LEU B 539 -34.00 10.56 -19.23
CA LEU B 539 -33.44 9.28 -19.65
C LEU B 539 -34.45 8.17 -19.39
N GLU B 540 -34.79 7.41 -20.42
CA GLU B 540 -35.75 6.32 -20.32
C GLU B 540 -34.99 5.00 -20.22
N GLU B 541 -35.27 4.25 -19.17
CA GLU B 541 -34.66 2.94 -19.00
C GLU B 541 -35.54 1.86 -19.63
N PRO B 542 -34.93 0.78 -20.14
CA PRO B 542 -35.72 -0.28 -20.76
C PRO B 542 -36.69 -0.91 -19.76
N GLU B 543 -37.85 -1.33 -20.28
CA GLU B 543 -38.88 -1.92 -19.44
C GLU B 543 -38.41 -3.27 -18.90
N GLY B 544 -38.24 -3.36 -17.59
CA GLY B 544 -37.78 -4.57 -16.92
C GLY B 544 -36.27 -4.69 -16.81
N VAL B 545 -35.54 -4.27 -17.84
CA VAL B 545 -34.10 -4.36 -17.83
C VAL B 545 -33.50 -3.29 -16.92
N LYS B 546 -32.45 -3.65 -16.20
CA LYS B 546 -31.76 -2.74 -15.30
C LYS B 546 -30.27 -2.75 -15.65
N ILE B 547 -29.73 -1.56 -15.92
CA ILE B 547 -28.34 -1.41 -16.35
C ILE B 547 -27.52 -0.88 -15.19
N LEU B 548 -26.27 -1.36 -15.08
CA LEU B 548 -25.38 -0.97 -13.99
C LEU B 548 -23.96 -0.86 -14.53
N ARG B 549 -23.28 0.21 -14.15
CA ARG B 549 -21.88 0.41 -14.50
C ARG B 549 -21.04 0.43 -13.22
N PHE B 550 -19.89 -0.24 -13.27
CA PHE B 550 -19.00 -0.37 -12.12
C PHE B 550 -17.57 -0.17 -12.59
N SER B 551 -16.99 0.97 -12.24
CA SER B 551 -15.59 1.26 -12.56
C SER B 551 -14.70 0.58 -11.53
N SER B 552 -13.40 0.91 -11.54
CA SER B 552 -12.44 0.38 -10.56
C SER B 552 -12.47 -1.14 -10.55
N PRO B 553 -11.83 -1.80 -11.52
CA PRO B 553 -12.00 -3.24 -11.73
C PRO B 553 -12.02 -4.06 -10.44
N ILE B 554 -12.89 -5.07 -10.43
CA ILE B 554 -13.19 -5.82 -9.22
C ILE B 554 -11.96 -6.60 -8.77
N PHE B 555 -11.52 -6.36 -7.54
CA PHE B 555 -10.48 -7.16 -6.92
C PHE B 555 -10.96 -7.67 -5.57
N TYR B 556 -10.06 -8.27 -4.78
CA TYR B 556 -10.46 -8.91 -3.52
C TYR B 556 -11.03 -7.91 -2.51
N GLY B 557 -10.76 -6.62 -2.67
CA GLY B 557 -11.20 -5.63 -1.70
C GLY B 557 -12.55 -5.01 -2.03
N ASN B 558 -12.83 -4.82 -3.31
CA ASN B 558 -14.09 -4.22 -3.75
C ASN B 558 -15.07 -5.25 -4.27
N VAL B 559 -14.81 -6.53 -4.03
CA VAL B 559 -15.73 -7.57 -4.47
C VAL B 559 -16.98 -7.59 -3.60
N ASP B 560 -16.85 -7.24 -2.32
CA ASP B 560 -18.03 -7.15 -1.45
C ASP B 560 -18.83 -5.90 -1.78
N GLY B 561 -18.16 -4.80 -2.11
CA GLY B 561 -18.87 -3.59 -2.52
C GLY B 561 -19.59 -3.76 -3.84
N PHE B 562 -19.10 -4.64 -4.70
CA PHE B 562 -19.79 -4.92 -5.95
C PHE B 562 -21.10 -5.66 -5.71
N LYS B 563 -21.15 -6.49 -4.67
CA LYS B 563 -22.39 -7.16 -4.31
C LYS B 563 -23.42 -6.16 -3.78
N LYS B 564 -22.97 -5.26 -2.89
CA LYS B 564 -23.88 -4.24 -2.37
C LYS B 564 -24.30 -3.27 -3.47
N CYS B 565 -23.46 -3.09 -4.48
CA CYS B 565 -23.80 -2.22 -5.59
C CYS B 565 -24.93 -2.81 -6.44
N ILE B 566 -24.89 -4.12 -6.67
CA ILE B 566 -25.94 -4.76 -7.45
C ILE B 566 -27.25 -4.78 -6.66
N ASN B 567 -27.17 -5.06 -5.36
CA ASN B 567 -28.37 -5.11 -4.53
C ASN B 567 -29.04 -3.74 -4.44
N SER B 568 -28.25 -2.67 -4.59
CA SER B 568 -28.83 -1.33 -4.49
C SER B 568 -29.49 -0.90 -5.80
N THR B 569 -28.97 -1.34 -6.94
CA THR B 569 -29.52 -0.91 -8.22
C THR B 569 -30.71 -1.75 -8.67
N VAL B 570 -30.90 -2.94 -8.09
CA VAL B 570 -32.04 -3.77 -8.45
C VAL B 570 -33.18 -3.66 -7.45
N GLY B 571 -32.92 -3.19 -6.22
CA GLY B 571 -33.93 -3.00 -5.21
C GLY B 571 -34.02 -4.12 -4.20
N PHE B 572 -33.69 -5.34 -4.59
CA PHE B 572 -33.80 -6.51 -3.72
C PHE B 572 -32.42 -7.19 -3.60
N ASP B 573 -32.43 -8.34 -2.93
CA ASP B 573 -31.22 -9.14 -2.74
C ASP B 573 -31.45 -10.51 -3.37
N ALA B 574 -30.48 -10.96 -4.17
CA ALA B 574 -30.62 -12.25 -4.83
C ALA B 574 -30.58 -13.42 -3.86
N ILE B 575 -30.15 -13.19 -2.62
CA ILE B 575 -30.08 -14.26 -1.62
C ILE B 575 -31.37 -14.37 -0.83
N ARG B 576 -31.85 -13.25 -0.28
CA ARG B 576 -33.05 -13.29 0.55
C ARG B 576 -34.28 -13.63 -0.26
N VAL B 577 -34.32 -13.23 -1.54
CA VAL B 577 -35.47 -13.56 -2.38
C VAL B 577 -35.51 -15.06 -2.65
N TYR B 578 -34.35 -15.68 -2.89
CA TYR B 578 -34.31 -17.12 -3.10
C TYR B 578 -34.62 -17.87 -1.81
N ASN B 579 -34.26 -17.28 -0.66
CA ASN B 579 -34.60 -17.89 0.62
C ASN B 579 -36.10 -17.86 0.86
N LYS B 580 -36.75 -16.74 0.54
CA LYS B 580 -38.20 -16.66 0.70
C LYS B 580 -38.91 -17.55 -0.31
N ARG B 581 -38.29 -17.82 -1.46
CA ARG B 581 -38.89 -18.73 -2.43
C ARG B 581 -38.92 -20.16 -1.88
N LEU B 582 -37.84 -20.59 -1.21
CA LEU B 582 -37.85 -21.90 -0.60
C LEU B 582 -38.77 -21.93 0.62
N LYS B 583 -38.87 -20.80 1.34
CA LYS B 583 -39.80 -20.72 2.46
C LYS B 583 -41.25 -20.78 1.98
N ALA B 584 -41.51 -20.31 0.76
CA ALA B 584 -42.84 -20.40 0.16
C ALA B 584 -43.04 -21.69 -0.63
N LEU B 585 -41.96 -22.41 -0.94
CA LEU B 585 -42.10 -23.66 -1.69
C LEU B 585 -42.45 -24.82 -0.78
N ARG B 586 -42.01 -24.80 0.49
CA ARG B 586 -42.35 -25.87 1.41
C ARG B 586 -43.84 -25.89 1.71
N ARG B 587 -44.52 -24.74 1.58
CA ARG B 587 -45.97 -24.70 1.73
C ARG B 587 -46.68 -25.32 0.53
N ILE B 588 -46.01 -25.41 -0.61
CA ILE B 588 -46.61 -26.00 -1.81
C ILE B 588 -46.49 -27.52 -1.80
N GLN B 589 -45.33 -28.04 -1.36
CA GLN B 589 -45.12 -29.48 -1.31
C GLN B 589 -45.92 -30.16 -0.21
N LYS B 590 -46.45 -29.41 0.75
CA LYS B 590 -47.28 -29.97 1.81
C LYS B 590 -48.77 -29.80 1.54
N LEU B 591 -49.16 -28.86 0.68
CA LEU B 591 -50.57 -28.69 0.34
C LEU B 591 -51.08 -29.87 -0.47
N ILE B 592 -50.24 -30.46 -1.33
CA ILE B 592 -50.66 -31.63 -2.07
C ILE B 592 -50.79 -32.84 -1.16
N LYS B 593 -50.02 -32.88 -0.07
CA LYS B 593 -50.13 -33.97 0.89
C LYS B 593 -51.29 -33.77 1.86
N LYS B 594 -51.59 -32.51 2.21
CA LYS B 594 -52.69 -32.25 3.12
C LYS B 594 -54.04 -32.52 2.44
N GLY B 595 -54.20 -32.07 1.20
CA GLY B 595 -55.43 -32.29 0.48
C GLY B 595 -55.52 -33.65 -0.18
N PRO B 651 -40.77 -8.25 -4.59
CA PRO B 651 -39.56 -9.08 -4.77
C PRO B 651 -38.91 -8.86 -6.13
N LYS B 652 -38.79 -9.93 -6.92
CA LYS B 652 -38.15 -9.85 -8.22
C LYS B 652 -39.18 -9.52 -9.31
N VAL B 653 -40.07 -8.58 -9.02
CA VAL B 653 -41.12 -8.20 -9.96
C VAL B 653 -40.57 -7.33 -11.09
N PRO B 654 -39.89 -6.20 -10.80
CA PRO B 654 -39.52 -5.30 -11.90
C PRO B 654 -38.27 -5.74 -12.66
N ILE B 655 -37.34 -6.40 -11.98
CA ILE B 655 -36.06 -6.74 -12.58
C ILE B 655 -36.23 -7.96 -13.47
N HIS B 656 -36.17 -7.75 -14.78
CA HIS B 656 -36.24 -8.86 -15.73
C HIS B 656 -34.84 -9.33 -16.12
N SER B 657 -33.89 -8.40 -16.26
CA SER B 657 -32.52 -8.74 -16.59
C SER B 657 -31.61 -7.67 -16.02
N LEU B 658 -30.31 -7.98 -15.98
CA LEU B 658 -29.29 -7.09 -15.43
C LEU B 658 -28.15 -7.00 -16.42
N VAL B 659 -27.94 -5.80 -16.98
CA VAL B 659 -26.85 -5.55 -17.90
C VAL B 659 -25.73 -4.83 -17.15
N LEU B 660 -24.63 -5.54 -16.92
CA LEU B 660 -23.48 -4.98 -16.21
C LEU B 660 -22.56 -4.31 -17.24
N ASP B 661 -22.48 -2.98 -17.16
CA ASP B 661 -21.63 -2.20 -18.07
C ASP B 661 -20.19 -2.15 -17.55
N CYS B 662 -19.57 -3.33 -17.48
CA CYS B 662 -18.20 -3.45 -17.00
C CYS B 662 -17.22 -3.05 -18.09
N GLY B 663 -17.17 -1.76 -18.42
CA GLY B 663 -16.28 -1.27 -19.44
C GLY B 663 -15.05 -0.60 -18.88
N ALA B 664 -15.09 -0.24 -17.59
CA ALA B 664 -13.99 0.42 -16.92
C ALA B 664 -13.13 -0.54 -16.11
N VAL B 665 -13.18 -1.83 -16.41
CA VAL B 665 -12.38 -2.83 -15.71
C VAL B 665 -11.11 -3.09 -16.50
N SER B 666 -10.01 -3.33 -15.79
CA SER B 666 -8.72 -3.63 -16.41
C SER B 666 -8.22 -5.03 -16.06
N PHE B 667 -8.18 -5.37 -14.78
CA PHE B 667 -7.78 -6.69 -14.32
C PHE B 667 -8.96 -7.39 -13.67
N LEU B 668 -8.75 -8.64 -13.27
CA LEU B 668 -9.82 -9.46 -12.72
C LEU B 668 -9.61 -9.92 -11.29
N ASP B 669 -8.40 -10.30 -10.89
CA ASP B 669 -8.17 -10.78 -9.52
C ASP B 669 -9.06 -11.97 -9.22
N VAL B 670 -8.76 -13.13 -9.80
CA VAL B 670 -9.60 -14.32 -9.84
C VAL B 670 -10.33 -14.55 -8.52
N VAL B 671 -9.72 -14.16 -7.41
CA VAL B 671 -10.38 -14.14 -6.11
C VAL B 671 -11.72 -13.44 -6.21
N GLY B 672 -11.79 -12.40 -7.05
CA GLY B 672 -13.02 -11.67 -7.26
C GLY B 672 -13.85 -12.16 -8.44
N VAL B 673 -13.21 -12.84 -9.39
CA VAL B 673 -13.95 -13.34 -10.54
C VAL B 673 -14.78 -14.56 -10.16
N ARG B 674 -14.44 -15.20 -9.03
CA ARG B 674 -15.26 -16.31 -8.55
C ARG B 674 -16.63 -15.83 -8.12
N SER B 675 -16.72 -14.58 -7.67
CA SER B 675 -18.01 -14.01 -7.29
C SER B 675 -18.84 -13.65 -8.52
N LEU B 676 -18.20 -13.28 -9.63
CA LEU B 676 -18.94 -12.99 -10.85
C LEU B 676 -19.70 -14.21 -11.33
N ARG B 677 -19.05 -15.38 -11.31
CA ARG B 677 -19.76 -16.62 -11.64
C ARG B 677 -20.80 -16.95 -10.57
N MET B 678 -20.54 -16.56 -9.32
CA MET B 678 -21.52 -16.78 -8.27
C MET B 678 -22.72 -15.85 -8.43
N ILE B 679 -22.48 -14.62 -8.87
CA ILE B 679 -23.58 -13.67 -9.09
C ILE B 679 -24.50 -14.16 -10.19
N VAL B 680 -23.93 -14.64 -11.30
CA VAL B 680 -24.75 -15.20 -12.37
C VAL B 680 -25.52 -16.42 -11.88
N LYS B 681 -24.91 -17.20 -10.99
CA LYS B 681 -25.60 -18.38 -10.45
C LYS B 681 -26.72 -17.96 -9.52
N GLU B 682 -26.49 -16.94 -8.68
CA GLU B 682 -27.51 -16.50 -7.74
C GLU B 682 -28.71 -15.86 -8.44
N PHE B 683 -28.47 -15.20 -9.57
CA PHE B 683 -29.55 -14.58 -10.32
C PHE B 683 -30.22 -15.53 -11.31
N GLN B 684 -29.53 -16.60 -11.73
CA GLN B 684 -30.16 -17.55 -12.63
C GLN B 684 -31.23 -18.37 -11.93
N ARG B 685 -31.08 -18.59 -10.62
CA ARG B 685 -32.07 -19.35 -9.87
C ARG B 685 -33.37 -18.58 -9.69
N ILE B 686 -33.30 -17.25 -9.68
CA ILE B 686 -34.50 -16.43 -9.53
C ILE B 686 -34.93 -15.93 -10.91
N ASP B 687 -34.41 -16.56 -11.96
CA ASP B 687 -34.76 -16.26 -13.34
C ASP B 687 -34.48 -14.79 -13.68
N VAL B 688 -33.22 -14.40 -13.50
CA VAL B 688 -32.76 -13.05 -13.82
C VAL B 688 -31.42 -13.21 -14.55
N ASN B 689 -31.37 -12.76 -15.80
CA ASN B 689 -30.15 -12.85 -16.59
C ASN B 689 -29.21 -11.71 -16.25
N VAL B 690 -27.92 -12.02 -16.20
CA VAL B 690 -26.87 -11.05 -15.89
C VAL B 690 -25.98 -10.93 -17.12
N TYR B 691 -26.24 -9.93 -17.94
CA TYR B 691 -25.48 -9.73 -19.17
C TYR B 691 -24.36 -8.72 -18.95
N PHE B 692 -23.32 -8.83 -19.78
CA PHE B 692 -22.19 -7.92 -19.76
C PHE B 692 -22.15 -7.11 -21.05
N ALA B 693 -21.65 -5.88 -20.96
CA ALA B 693 -21.77 -4.92 -22.05
C ALA B 693 -20.45 -4.61 -22.73
N LEU B 694 -19.44 -4.17 -21.98
CA LEU B 694 -18.21 -3.64 -22.56
C LEU B 694 -16.99 -4.35 -21.99
N LEU B 695 -17.03 -5.69 -21.95
CA LEU B 695 -15.88 -6.45 -21.50
C LEU B 695 -14.77 -6.38 -22.53
N GLN B 696 -13.56 -6.02 -22.07
CA GLN B 696 -12.42 -5.88 -22.98
C GLN B 696 -11.92 -7.24 -23.43
N ASP B 697 -11.06 -7.22 -24.46
CA ASP B 697 -10.51 -8.47 -24.99
C ASP B 697 -9.52 -9.09 -24.01
N ASP B 698 -8.64 -8.27 -23.41
CA ASP B 698 -7.66 -8.79 -22.47
C ASP B 698 -8.28 -9.19 -21.13
N VAL B 699 -9.56 -8.90 -20.91
CA VAL B 699 -10.24 -9.28 -19.69
C VAL B 699 -11.04 -10.55 -19.95
N LEU B 700 -11.62 -10.66 -21.15
CA LEU B 700 -12.35 -11.86 -21.51
C LEU B 700 -11.42 -13.06 -21.60
N GLU B 701 -10.21 -12.85 -22.11
CA GLU B 701 -9.22 -13.92 -22.13
C GLU B 701 -8.80 -14.34 -20.72
N LYS B 702 -9.00 -13.46 -19.74
CA LYS B 702 -8.66 -13.80 -18.36
C LYS B 702 -9.76 -14.61 -17.69
N MET B 703 -11.02 -14.41 -18.09
CA MET B 703 -12.11 -15.18 -17.52
C MET B 703 -12.03 -16.65 -17.91
N GLU B 704 -11.67 -16.93 -19.17
CA GLU B 704 -11.57 -18.31 -19.62
C GLU B 704 -10.44 -19.05 -18.90
N GLN B 705 -9.34 -18.35 -18.61
CA GLN B 705 -8.23 -18.98 -17.90
C GLN B 705 -8.60 -19.25 -16.44
N CYS B 706 -9.40 -18.39 -15.84
CA CYS B 706 -9.78 -18.52 -14.44
C CYS B 706 -10.96 -19.46 -14.23
N GLY B 707 -11.41 -20.15 -15.27
CA GLY B 707 -12.51 -21.09 -15.13
C GLY B 707 -13.84 -20.42 -14.93
N PHE B 708 -14.30 -19.67 -15.93
CA PHE B 708 -15.57 -18.97 -15.87
C PHE B 708 -16.58 -19.47 -16.89
N PHE B 709 -16.15 -19.94 -18.04
CA PHE B 709 -17.05 -20.38 -19.11
C PHE B 709 -17.25 -21.88 -18.98
N ASP B 710 -18.27 -22.27 -18.23
CA ASP B 710 -18.64 -23.67 -18.10
C ASP B 710 -19.69 -24.02 -19.16
N ASP B 711 -20.31 -25.19 -19.02
CA ASP B 711 -21.31 -25.64 -20.00
C ASP B 711 -22.58 -24.81 -19.96
N ASN B 712 -22.83 -24.06 -18.88
CA ASN B 712 -24.03 -23.25 -18.76
C ASN B 712 -23.79 -21.77 -19.05
N ILE B 713 -22.68 -21.22 -18.60
CA ILE B 713 -22.35 -19.81 -18.81
C ILE B 713 -21.48 -19.76 -20.07
N ARG B 714 -22.12 -19.57 -21.22
CA ARG B 714 -21.42 -19.49 -22.48
C ARG B 714 -21.07 -18.04 -22.79
N LYS B 715 -20.42 -17.83 -23.94
CA LYS B 715 -20.06 -16.48 -24.36
C LYS B 715 -21.23 -15.66 -24.86
N ASP B 716 -22.36 -16.31 -25.19
CA ASP B 716 -23.52 -15.57 -25.68
C ASP B 716 -24.03 -14.58 -24.62
N ARG B 717 -23.71 -14.82 -23.36
CA ARG B 717 -24.12 -13.90 -22.30
C ARG B 717 -23.41 -12.56 -22.40
N PHE B 718 -22.19 -12.55 -22.94
CA PHE B 718 -21.44 -11.31 -23.10
C PHE B 718 -21.81 -10.61 -24.39
N PHE B 719 -21.64 -9.28 -24.40
CA PHE B 719 -21.95 -8.45 -25.55
C PHE B 719 -20.77 -7.53 -25.83
N LEU B 720 -20.80 -6.88 -27.00
CA LEU B 720 -19.74 -5.97 -27.43
C LEU B 720 -19.98 -4.55 -26.94
N THR B 721 -21.18 -4.03 -27.14
CA THR B 721 -21.55 -2.69 -26.68
C THR B 721 -22.74 -2.78 -25.74
N VAL B 722 -23.06 -1.63 -25.13
CA VAL B 722 -24.16 -1.59 -24.17
C VAL B 722 -25.50 -1.73 -24.87
N HIS B 723 -25.65 -1.13 -26.06
CA HIS B 723 -26.91 -1.20 -26.78
C HIS B 723 -27.18 -2.57 -27.37
N ASP B 724 -26.14 -3.37 -27.63
CA ASP B 724 -26.36 -4.71 -28.15
C ASP B 724 -27.04 -5.59 -27.12
N ALA B 725 -26.73 -5.40 -25.84
CA ALA B 725 -27.38 -6.18 -24.79
C ALA B 725 -28.84 -5.79 -24.66
N ILE B 726 -29.15 -4.51 -24.88
CA ILE B 726 -30.54 -4.06 -24.79
C ILE B 726 -31.31 -4.45 -26.04
N LEU B 727 -30.68 -4.33 -27.22
CA LEU B 727 -31.35 -4.70 -28.46
C LEU B 727 -31.62 -6.19 -28.51
N HIS B 728 -30.76 -7.00 -27.90
CA HIS B 728 -30.98 -8.44 -27.88
C HIS B 728 -32.16 -8.80 -27.00
N LEU B 729 -32.33 -8.10 -25.88
CA LEU B 729 -33.43 -8.39 -24.96
C LEU B 729 -34.76 -7.97 -25.56
N GLN B 730 -34.77 -6.85 -26.30
CA GLN B 730 -36.02 -6.39 -26.92
C GLN B 730 -36.50 -7.38 -27.97
N ASN B 731 -35.57 -7.99 -28.71
CA ASN B 731 -35.97 -8.96 -29.73
C ASN B 731 -36.27 -10.32 -29.11
N GLN B 732 -35.66 -10.63 -27.96
CA GLN B 732 -35.89 -11.92 -27.33
C GLN B 732 -37.30 -12.00 -26.73
N VAL B 733 -37.74 -10.93 -26.07
CA VAL B 733 -39.08 -10.91 -25.48
C VAL B 733 -40.13 -10.81 -26.58
N LYS B 734 -39.82 -10.08 -27.66
CA LYS B 734 -40.78 -9.95 -28.76
C LYS B 734 -41.00 -11.29 -29.45
N SER B 735 -39.94 -12.08 -29.62
CA SER B 735 -40.08 -13.39 -30.26
C SER B 735 -40.45 -14.49 -29.28
N ARG B 736 -40.23 -14.27 -27.98
CA ARG B 736 -40.56 -15.27 -26.96
C ARG B 736 -41.26 -14.55 -25.81
N GLU B 737 -42.58 -14.72 -25.73
CA GLU B 737 -43.35 -14.08 -24.68
C GLU B 737 -43.23 -14.84 -23.37
CL CL C . -9.85 -27.42 13.19
CL CL D . 17.74 26.45 -2.10
#